data_6HNN
#
_entry.id   6HNN
#
_cell.length_a   66.684
_cell.length_b   103.519
_cell.length_c   99.584
_cell.angle_alpha   90.00
_cell.angle_beta   91.63
_cell.angle_gamma   90.00
#
_symmetry.space_group_name_H-M   'P 1 21 1'
#
loop_
_entity.id
_entity.type
_entity.pdbx_description
1 polymer 'Putative polyketide cyclase IdmH'
2 water water
#
_entity_poly.entity_id   1
_entity_poly.type   'polypeptide(L)'
_entity_poly.pdbx_seq_one_letter_code
;GSHMAHQPSDTIAGLYEAFNSGDLETLRELIAPDAVIHLPGTAGDAEHPPGTPRDREGWLGVWQFTQAFFPDMTATVQDI
VQTGDLVATRCVARGTHSIEFMGVPPTGRPFEMTMLNMSRVRDGRIVEHWTISDNVTMLAQLGVKASL
;
_entity_poly.pdbx_strand_id   A,B,C,D,E,F,G,H,I,J
#
# COMPACT_ATOMS: atom_id res chain seq x y z
N HIS A 6 -2.65 -2.04 -22.66
CA HIS A 6 -1.56 -0.95 -22.64
C HIS A 6 -2.18 0.39 -22.09
N GLN A 7 -1.59 0.97 -21.04
CA GLN A 7 -2.42 1.80 -20.12
C GLN A 7 -2.79 3.10 -20.86
N PRO A 8 -4.10 3.49 -20.87
CA PRO A 8 -4.50 4.65 -21.73
C PRO A 8 -3.74 5.96 -21.46
N SER A 9 -3.32 6.23 -20.23
CA SER A 9 -2.57 7.46 -19.93
C SER A 9 -1.23 7.50 -20.66
N ASP A 10 -0.62 6.33 -20.89
CA ASP A 10 0.65 6.23 -21.64
C ASP A 10 0.44 6.48 -23.13
N THR A 11 -0.64 5.92 -23.69
CA THR A 11 -1.01 6.20 -25.07
C THR A 11 -1.06 7.72 -25.36
N ILE A 12 -1.66 8.48 -24.44
CA ILE A 12 -1.80 9.91 -24.62
C ILE A 12 -0.49 10.66 -24.35
N ALA A 13 0.29 10.22 -23.38
CA ALA A 13 1.63 10.82 -23.16
C ALA A 13 2.52 10.56 -24.36
N GLY A 14 2.44 9.36 -24.92
CA GLY A 14 3.19 8.99 -26.12
C GLY A 14 2.78 9.81 -27.33
N LEU A 15 1.47 10.00 -27.49
CA LEU A 15 0.91 10.81 -28.57
C LEU A 15 1.54 12.21 -28.62
N TYR A 16 1.62 12.89 -27.49
CA TYR A 16 2.18 14.25 -27.48
C TYR A 16 3.72 14.26 -27.59
N GLU A 17 4.41 13.25 -27.04
CA GLU A 17 5.85 13.08 -27.31
C GLU A 17 6.10 12.90 -28.80
N ALA A 18 5.23 12.16 -29.48
CA ALA A 18 5.32 11.94 -30.93
C ALA A 18 5.06 13.19 -31.75
N PHE A 19 4.01 13.94 -31.41
CA PHE A 19 3.75 15.23 -32.06
C PHE A 19 4.92 16.20 -31.85
N ASN A 20 5.52 16.22 -30.67
CA ASN A 20 6.67 17.11 -30.41
C ASN A 20 7.94 16.76 -31.19
N SER A 21 8.19 15.47 -31.40
CA SER A 21 9.40 15.00 -32.11
C SER A 21 9.19 14.78 -33.63
N GLY A 22 7.96 14.99 -34.13
CA GLY A 22 7.69 14.82 -35.56
C GLY A 22 7.61 13.39 -36.03
N ASP A 23 7.28 12.50 -35.10
CA ASP A 23 7.42 11.05 -35.26
C ASP A 23 6.14 10.42 -35.83
N LEU A 24 5.97 10.54 -37.15
CA LEU A 24 4.78 10.00 -37.83
C LEU A 24 4.59 8.49 -37.72
N GLU A 25 5.67 7.71 -37.58
CA GLU A 25 5.53 6.25 -37.45
C GLU A 25 4.79 5.93 -36.13
N THR A 26 5.21 6.54 -35.04
CA THR A 26 4.54 6.35 -33.75
C THR A 26 3.08 6.85 -33.76
N LEU A 27 2.85 8.00 -34.35
CA LEU A 27 1.49 8.57 -34.42
C LEU A 27 0.54 7.63 -35.11
N ARG A 28 1.01 6.95 -36.16
CA ARG A 28 0.17 5.97 -36.85
C ARG A 28 -0.02 4.67 -36.05
N GLU A 29 0.95 4.32 -35.20
CA GLU A 29 0.75 3.22 -34.25
C GLU A 29 -0.29 3.59 -33.19
N LEU A 30 -0.19 4.79 -32.62
CA LEU A 30 -1.05 5.24 -31.52
C LEU A 30 -2.45 5.76 -31.91
N ILE A 31 -2.73 5.95 -33.20
CA ILE A 31 -4.06 6.43 -33.62
C ILE A 31 -4.62 5.50 -34.68
N ALA A 32 -5.81 4.95 -34.46
CA ALA A 32 -6.45 4.10 -35.45
C ALA A 32 -6.72 4.90 -36.72
N PRO A 33 -6.58 4.27 -37.90
CA PRO A 33 -6.83 4.98 -39.17
C PRO A 33 -8.23 5.56 -39.29
N ASP A 34 -9.21 4.82 -38.77
CA ASP A 34 -10.62 5.20 -38.81
C ASP A 34 -11.09 5.82 -37.46
N ALA A 35 -10.15 6.37 -36.69
CA ALA A 35 -10.49 7.12 -35.48
C ALA A 35 -11.30 8.34 -35.85
N VAL A 36 -12.24 8.71 -34.99
CA VAL A 36 -13.09 9.88 -35.23
C VAL A 36 -12.47 11.07 -34.48
N ILE A 37 -11.98 12.05 -35.21
CA ILE A 37 -11.28 13.21 -34.64
C ILE A 37 -12.14 14.47 -34.75
N HIS A 38 -12.55 14.98 -33.59
CA HIS A 38 -13.35 16.19 -33.50
C HIS A 38 -12.37 17.34 -33.24
N LEU A 39 -12.01 18.03 -34.32
CA LEU A 39 -11.21 19.23 -34.23
C LEU A 39 -12.12 20.40 -34.09
N PRO A 40 -11.64 21.49 -33.46
CA PRO A 40 -12.50 22.65 -33.31
C PRO A 40 -12.83 23.31 -34.65
N GLY A 41 -13.80 24.21 -34.64
CA GLY A 41 -14.31 24.82 -35.88
C GLY A 41 -13.28 25.65 -36.62
N THR A 42 -12.28 26.19 -35.90
CA THR A 42 -11.15 26.87 -36.51
C THR A 42 -10.40 25.98 -37.50
N ALA A 43 -10.40 24.66 -37.28
CA ALA A 43 -9.76 23.70 -38.19
C ALA A 43 -10.60 23.29 -39.40
N GLY A 44 -11.80 23.84 -39.55
CA GLY A 44 -12.66 23.51 -40.66
C GLY A 44 -12.18 24.12 -41.96
N ASP A 45 -12.65 23.54 -43.06
CA ASP A 45 -12.37 24.03 -44.40
C ASP A 45 -13.63 23.75 -45.24
N ALA A 46 -13.54 23.92 -46.56
CA ALA A 46 -14.68 23.66 -47.46
C ALA A 46 -15.12 22.19 -47.44
N GLU A 47 -14.17 21.28 -47.57
CA GLU A 47 -14.48 19.84 -47.56
C GLU A 47 -15.02 19.33 -46.20
N HIS A 48 -14.65 20.00 -45.10
CA HIS A 48 -14.98 19.57 -43.73
C HIS A 48 -15.51 20.72 -42.87
N PRO A 49 -16.82 21.01 -42.93
CA PRO A 49 -17.42 22.10 -42.13
C PRO A 49 -17.13 22.03 -40.64
N PRO A 50 -17.11 23.18 -39.95
CA PRO A 50 -16.97 23.21 -38.48
C PRO A 50 -17.88 22.20 -37.80
N GLY A 51 -17.31 21.41 -36.91
CA GLY A 51 -18.04 20.40 -36.16
C GLY A 51 -18.18 19.03 -36.82
N THR A 52 -17.75 18.86 -38.07
CA THR A 52 -17.77 17.55 -38.70
C THR A 52 -16.43 16.87 -38.36
N PRO A 53 -16.46 15.58 -38.02
CA PRO A 53 -15.26 14.86 -37.71
C PRO A 53 -14.32 14.60 -38.88
N ARG A 54 -13.12 14.18 -38.56
CA ARG A 54 -12.09 13.81 -39.52
C ARG A 54 -11.47 12.48 -39.08
N ASP A 55 -10.79 11.83 -40.02
CA ASP A 55 -10.06 10.59 -39.75
C ASP A 55 -8.62 10.92 -39.33
N ARG A 56 -7.82 9.90 -39.04
CA ARG A 56 -6.43 10.13 -38.65
C ARG A 56 -5.64 10.97 -39.63
N GLU A 57 -5.70 10.63 -40.90
CA GLU A 57 -4.87 11.30 -41.92
C GLU A 57 -5.28 12.77 -42.09
N GLY A 58 -6.57 13.05 -41.96
CA GLY A 58 -7.07 14.42 -41.91
C GLY A 58 -6.46 15.23 -40.77
N TRP A 59 -6.43 14.64 -39.58
CA TRP A 59 -5.84 15.26 -38.42
C TRP A 59 -4.34 15.50 -38.61
N LEU A 60 -3.65 14.47 -39.06
CA LEU A 60 -2.22 14.59 -39.30
C LEU A 60 -1.91 15.59 -40.39
N GLY A 61 -2.77 15.70 -41.40
CA GLY A 61 -2.66 16.76 -42.41
C GLY A 61 -2.71 18.17 -41.80
N VAL A 62 -3.64 18.37 -40.86
CA VAL A 62 -3.76 19.63 -40.16
C VAL A 62 -2.51 19.88 -39.29
N TRP A 63 -2.09 18.86 -38.56
CA TRP A 63 -0.87 18.99 -37.76
C TRP A 63 0.34 19.31 -38.63
N GLN A 64 0.54 18.61 -39.73
CA GLN A 64 1.69 18.88 -40.68
C GLN A 64 1.68 20.36 -41.07
N PHE A 65 0.50 20.91 -41.35
CA PHE A 65 0.39 22.29 -41.78
C PHE A 65 0.75 23.30 -40.67
N THR A 66 0.32 23.02 -39.46
CA THR A 66 0.73 23.75 -38.26
C THR A 66 2.25 23.76 -38.04
N GLN A 67 2.89 22.60 -38.27
CA GLN A 67 4.35 22.48 -38.06
C GLN A 67 5.15 23.42 -38.99
N ALA A 68 4.57 23.74 -40.16
CA ALA A 68 5.18 24.69 -41.06
C ALA A 68 5.23 26.13 -40.51
N PHE A 69 4.32 26.54 -39.63
CA PHE A 69 4.25 27.89 -39.08
C PHE A 69 4.81 28.00 -37.68
N PHE A 70 4.80 26.90 -36.93
CA PHE A 70 5.32 26.88 -35.58
C PHE A 70 6.19 25.65 -35.43
N PRO A 71 7.35 25.63 -36.12
CA PRO A 71 8.18 24.42 -36.12
C PRO A 71 8.82 24.10 -34.75
N ASP A 72 9.00 25.11 -33.89
CA ASP A 72 9.51 24.89 -32.54
C ASP A 72 8.41 24.60 -31.48
N MET A 73 7.16 24.43 -31.92
CA MET A 73 6.05 24.33 -30.97
C MET A 73 6.10 22.98 -30.28
N THR A 74 5.87 23.00 -28.96
CA THR A 74 5.77 21.81 -28.16
C THR A 74 4.53 21.84 -27.29
N ALA A 75 3.76 20.75 -27.29
CA ALA A 75 2.68 20.53 -26.36
C ALA A 75 3.21 19.69 -25.19
N THR A 76 2.99 20.19 -23.96
CA THR A 76 3.39 19.55 -22.72
C THR A 76 2.17 19.24 -21.86
N VAL A 77 1.99 17.98 -21.48
CA VAL A 77 0.85 17.58 -20.66
C VAL A 77 1.04 18.11 -19.23
N GLN A 78 0.07 18.87 -18.72
CA GLN A 78 0.11 19.43 -17.37
C GLN A 78 -0.66 18.58 -16.37
N ASP A 79 -1.85 18.15 -16.77
CA ASP A 79 -2.74 17.33 -15.97
C ASP A 79 -3.30 16.25 -16.85
N ILE A 80 -3.57 15.11 -16.25
CA ILE A 80 -4.06 13.95 -16.98
C ILE A 80 -5.00 13.20 -16.06
N VAL A 81 -6.08 12.72 -16.62
CA VAL A 81 -7.22 12.23 -15.85
C VAL A 81 -7.85 11.10 -16.66
N GLN A 82 -8.09 9.96 -16.01
CA GLN A 82 -8.61 8.77 -16.69
C GLN A 82 -9.68 8.04 -15.88
N THR A 83 -10.59 7.43 -16.62
CA THR A 83 -11.61 6.54 -16.09
C THR A 83 -11.96 5.60 -17.22
N GLY A 84 -11.47 4.36 -17.12
CA GLY A 84 -11.71 3.34 -18.14
C GLY A 84 -10.92 3.65 -19.40
N ASP A 85 -11.60 3.55 -20.54
CA ASP A 85 -11.03 3.91 -21.85
C ASP A 85 -10.95 5.42 -22.15
N LEU A 86 -11.58 6.29 -21.34
CA LEU A 86 -11.47 7.74 -21.54
C LEU A 86 -10.27 8.35 -20.81
N VAL A 87 -9.54 9.23 -21.50
CA VAL A 87 -8.47 10.04 -20.92
C VAL A 87 -8.64 11.48 -21.30
N ALA A 88 -8.49 12.38 -20.36
CA ALA A 88 -8.62 13.82 -20.60
C ALA A 88 -7.31 14.45 -20.20
N THR A 89 -6.85 15.41 -20.98
CA THR A 89 -5.60 16.09 -20.70
C THR A 89 -5.78 17.58 -20.79
N ARG A 90 -4.95 18.28 -20.03
CA ARG A 90 -4.74 19.70 -20.20
C ARG A 90 -3.28 19.81 -20.60
N CYS A 91 -3.01 20.49 -21.71
CA CYS A 91 -1.64 20.72 -22.15
C CYS A 91 -1.38 22.19 -22.26
N VAL A 92 -0.10 22.52 -22.44
CA VAL A 92 0.31 23.88 -22.72
C VAL A 92 1.16 23.82 -23.99
N ALA A 93 0.74 24.56 -25.02
CA ALA A 93 1.52 24.69 -26.22
C ALA A 93 2.41 25.91 -26.08
N ARG A 94 3.73 25.72 -26.18
CA ARG A 94 4.69 26.83 -26.17
C ARG A 94 5.41 26.85 -27.50
N GLY A 95 5.73 28.02 -27.98
CA GLY A 95 6.43 28.15 -29.25
C GLY A 95 6.71 29.59 -29.50
N THR A 96 7.21 29.89 -30.69
CA THR A 96 7.50 31.26 -31.05
C THR A 96 6.90 31.61 -32.38
N HIS A 97 6.80 32.92 -32.59
CA HIS A 97 6.48 33.52 -33.85
C HIS A 97 7.72 33.65 -34.74
N SER A 98 8.14 32.54 -35.32
CA SER A 98 9.40 32.45 -36.10
C SER A 98 9.21 32.37 -37.62
N ILE A 99 7.99 32.11 -38.07
CA ILE A 99 7.60 32.04 -39.48
C ILE A 99 6.51 33.10 -39.68
N GLU A 100 6.50 33.79 -40.83
CA GLU A 100 5.48 34.73 -41.18
C GLU A 100 4.10 34.04 -41.27
N PHE A 101 3.07 34.63 -40.66
CA PHE A 101 1.74 34.12 -40.78
C PHE A 101 0.72 35.23 -40.49
N MET A 102 -0.47 35.08 -41.09
CA MET A 102 -1.46 36.18 -41.15
C MET A 102 -0.84 37.51 -41.60
N GLY A 103 0.09 37.46 -42.53
CA GLY A 103 0.75 38.64 -43.06
C GLY A 103 1.71 39.39 -42.18
N VAL A 104 1.99 38.87 -40.98
CA VAL A 104 2.92 39.54 -40.06
C VAL A 104 4.26 38.82 -40.09
N PRO A 105 5.36 39.51 -40.43
CA PRO A 105 6.70 38.87 -40.37
C PRO A 105 7.15 38.47 -38.96
N PRO A 106 8.03 37.46 -38.85
CA PRO A 106 8.36 36.88 -37.55
C PRO A 106 8.88 37.91 -36.59
N THR A 107 8.44 37.82 -35.33
CA THR A 107 8.95 38.67 -34.25
C THR A 107 9.87 37.94 -33.27
N GLY A 108 9.85 36.62 -33.26
CA GLY A 108 10.50 35.85 -32.19
C GLY A 108 9.72 35.79 -30.89
N ARG A 109 8.64 36.56 -30.77
CA ARG A 109 7.86 36.58 -29.51
C ARG A 109 7.33 35.20 -29.10
N PRO A 110 7.29 34.92 -27.81
CA PRO A 110 6.86 33.54 -27.39
C PRO A 110 5.33 33.52 -27.23
N PHE A 111 4.76 32.32 -27.21
CA PHE A 111 3.38 32.14 -26.78
C PHE A 111 3.22 30.88 -25.94
N GLU A 112 2.19 30.87 -25.12
CA GLU A 112 1.89 29.80 -24.18
C GLU A 112 0.37 29.68 -24.15
N MET A 113 -0.21 28.61 -24.71
CA MET A 113 -1.67 28.49 -24.76
C MET A 113 -2.18 27.15 -24.29
N THR A 114 -3.32 27.19 -23.62
CA THR A 114 -3.95 25.97 -23.11
C THR A 114 -4.60 25.17 -24.24
N MET A 115 -4.39 23.86 -24.20
CA MET A 115 -5.15 22.91 -24.99
C MET A 115 -5.87 22.02 -24.01
N LEU A 116 -7.16 21.76 -24.25
CA LEU A 116 -7.87 20.73 -23.53
C LEU A 116 -8.23 19.63 -24.50
N ASN A 117 -8.07 18.39 -24.09
CA ASN A 117 -8.34 17.23 -24.96
C ASN A 117 -9.06 16.16 -24.17
N MET A 118 -9.87 15.38 -24.88
CA MET A 118 -10.40 14.13 -24.35
C MET A 118 -10.30 13.09 -25.43
N SER A 119 -9.92 11.88 -25.07
CA SER A 119 -9.67 10.80 -26.03
C SER A 119 -10.23 9.50 -25.49
N ARG A 120 -10.81 8.68 -26.37
CA ARG A 120 -11.18 7.30 -26.08
C ARG A 120 -10.06 6.39 -26.64
N VAL A 121 -9.52 5.52 -25.80
CA VAL A 121 -8.44 4.59 -26.20
C VAL A 121 -8.89 3.12 -26.09
N ARG A 122 -8.91 2.41 -27.22
CA ARG A 122 -9.23 0.96 -27.27
C ARG A 122 -8.05 0.19 -27.86
N ASP A 123 -7.54 -0.79 -27.11
CA ASP A 123 -6.41 -1.64 -27.54
C ASP A 123 -5.13 -0.83 -27.81
N GLY A 124 -4.85 0.12 -26.92
CA GLY A 124 -3.63 0.95 -27.01
C GLY A 124 -3.60 2.00 -28.09
N ARG A 125 -4.74 2.25 -28.75
CA ARG A 125 -4.85 3.21 -29.86
C ARG A 125 -6.03 4.15 -29.63
N ILE A 126 -5.83 5.42 -29.98
CA ILE A 126 -6.90 6.40 -29.95
C ILE A 126 -7.92 6.10 -31.05
N VAL A 127 -9.19 5.97 -30.68
CA VAL A 127 -10.28 5.76 -31.63
C VAL A 127 -11.29 6.91 -31.71
N GLU A 128 -11.33 7.77 -30.69
CA GLU A 128 -12.07 9.02 -30.73
C GLU A 128 -11.29 10.10 -29.97
N HIS A 129 -11.37 11.34 -30.42
CA HIS A 129 -10.59 12.42 -29.86
C HIS A 129 -11.29 13.75 -30.04
N TRP A 130 -11.40 14.52 -28.97
CA TRP A 130 -11.89 15.89 -28.98
C TRP A 130 -10.74 16.78 -28.53
N THR A 131 -10.56 17.92 -29.18
CA THR A 131 -9.52 18.88 -28.78
C THR A 131 -9.93 20.32 -29.10
N ILE A 132 -9.56 21.26 -28.22
CA ILE A 132 -9.68 22.70 -28.50
C ILE A 132 -8.46 23.40 -27.92
N SER A 133 -7.97 24.42 -28.61
CA SER A 133 -6.87 25.23 -28.09
C SER A 133 -7.36 26.65 -27.90
N ASP A 134 -6.76 27.36 -26.95
CA ASP A 134 -7.11 28.74 -26.71
C ASP A 134 -6.41 29.67 -27.71
N ASN A 135 -6.90 29.65 -28.94
CA ASN A 135 -6.21 30.32 -30.06
C ASN A 135 -6.19 31.84 -29.91
N VAL A 136 -7.25 32.42 -29.33
CA VAL A 136 -7.36 33.86 -29.20
C VAL A 136 -6.32 34.39 -28.23
N THR A 137 -6.09 33.65 -27.15
CA THR A 137 -5.04 33.98 -26.20
C THR A 137 -3.65 33.92 -26.84
N MET A 138 -3.41 32.93 -27.70
CA MET A 138 -2.14 32.88 -28.43
C MET A 138 -1.94 34.13 -29.25
N LEU A 139 -2.96 34.51 -30.04
CA LEU A 139 -2.87 35.72 -30.84
C LEU A 139 -2.67 36.97 -29.99
N ALA A 140 -3.35 37.06 -28.86
CA ALA A 140 -3.17 38.19 -27.94
C ALA A 140 -1.73 38.22 -27.42
N GLN A 141 -1.19 37.09 -26.98
CA GLN A 141 0.20 37.02 -26.57
C GLN A 141 1.18 37.46 -27.66
N LEU A 142 0.93 37.10 -28.92
CA LEU A 142 1.82 37.52 -30.00
C LEU A 142 1.75 39.00 -30.35
N GLY A 143 0.71 39.73 -29.89
CA GLY A 143 0.59 41.17 -30.11
C GLY A 143 0.78 42.03 -28.88
N VAL A 144 1.77 41.66 -28.05
CA VAL A 144 1.98 42.27 -26.71
C VAL A 144 3.25 41.73 -26.04
N LYS A 145 4.40 42.26 -26.46
CA LYS A 145 5.67 42.18 -25.68
C LYS A 145 6.04 43.57 -25.07
N ALA A 146 6.04 43.62 -23.73
CA ALA A 146 6.32 44.81 -22.89
C ALA A 146 5.84 46.16 -23.45
N HIS B 6 -19.10 16.44 -1.27
CA HIS B 6 -19.53 15.82 -2.54
C HIS B 6 -18.36 15.16 -3.29
N GLN B 7 -18.55 13.94 -3.81
CA GLN B 7 -17.64 13.35 -4.81
C GLN B 7 -17.48 14.37 -5.98
N PRO B 8 -16.23 14.66 -6.41
CA PRO B 8 -16.00 15.73 -7.40
C PRO B 8 -16.85 15.72 -8.69
N SER B 9 -17.21 14.53 -9.21
CA SER B 9 -18.04 14.47 -10.42
C SER B 9 -19.44 15.07 -10.18
N ASP B 10 -19.94 14.97 -8.95
CA ASP B 10 -21.25 15.55 -8.57
C ASP B 10 -21.17 17.06 -8.45
N THR B 11 -20.08 17.57 -7.87
CA THR B 11 -19.81 19.01 -7.84
C THR B 11 -19.93 19.64 -9.24
N ILE B 12 -19.37 18.98 -10.24
CA ILE B 12 -19.37 19.49 -11.61
C ILE B 12 -20.73 19.30 -12.27
N ALA B 13 -21.41 18.19 -12.02
CA ALA B 13 -22.78 18.01 -12.53
C ALA B 13 -23.72 19.07 -11.92
N GLY B 14 -23.54 19.33 -10.63
CA GLY B 14 -24.30 20.36 -9.93
C GLY B 14 -24.04 21.75 -10.46
N LEU B 15 -22.76 22.05 -10.72
CA LEU B 15 -22.35 23.33 -11.30
C LEU B 15 -23.10 23.67 -12.58
N TYR B 16 -23.20 22.73 -13.50
CA TYR B 16 -23.88 22.98 -14.77
C TYR B 16 -25.41 22.98 -14.64
N GLU B 17 -25.97 22.17 -13.74
CA GLU B 17 -27.41 22.28 -13.39
C GLU B 17 -27.71 23.66 -12.83
N ALA B 18 -26.81 24.21 -12.01
CA ALA B 18 -26.96 25.55 -11.45
C ALA B 18 -26.86 26.67 -12.48
N PHE B 19 -25.87 26.59 -13.38
CA PHE B 19 -25.78 27.53 -14.48
C PHE B 19 -27.03 27.50 -15.37
N ASN B 20 -27.55 26.30 -15.63
CA ASN B 20 -28.75 26.16 -16.50
C ASN B 20 -30.03 26.75 -15.85
N SER B 21 -30.17 26.62 -14.52
CA SER B 21 -31.34 27.12 -13.81
C SER B 21 -31.20 28.55 -13.23
N GLY B 22 -30.05 29.18 -13.40
CA GLY B 22 -29.82 30.55 -12.91
C GLY B 22 -29.65 30.65 -11.41
N ASP B 23 -29.20 29.55 -10.80
CA ASP B 23 -29.20 29.35 -9.35
C ASP B 23 -27.89 29.85 -8.71
N LEU B 24 -27.80 31.16 -8.53
CA LEU B 24 -26.61 31.80 -7.95
C LEU B 24 -26.24 31.35 -6.53
N GLU B 25 -27.22 30.97 -5.72
CA GLU B 25 -26.93 30.49 -4.35
C GLU B 25 -26.09 29.21 -4.41
N THR B 26 -26.51 28.25 -5.23
CA THR B 26 -25.74 27.02 -5.41
C THR B 26 -24.35 27.25 -6.00
N LEU B 27 -24.27 28.12 -7.02
CA LEU B 27 -22.99 28.40 -7.67
C LEU B 27 -21.98 28.94 -6.67
N ARG B 28 -22.43 29.76 -5.74
CA ARG B 28 -21.53 30.28 -4.70
C ARG B 28 -21.16 29.22 -3.65
N GLU B 29 -22.03 28.23 -3.42
CA GLU B 29 -21.70 27.07 -2.59
C GLU B 29 -20.63 26.21 -3.30
N LEU B 30 -20.84 25.92 -4.58
CA LEU B 30 -19.97 25.03 -5.35
C LEU B 30 -18.66 25.63 -5.89
N ILE B 31 -18.45 26.93 -5.79
CA ILE B 31 -17.21 27.57 -6.28
C ILE B 31 -16.61 28.42 -5.17
N ALA B 32 -15.36 28.16 -4.81
CA ALA B 32 -14.68 28.97 -3.81
C ALA B 32 -14.57 30.41 -4.32
N PRO B 33 -14.69 31.41 -3.41
CA PRO B 33 -14.59 32.81 -3.82
C PRO B 33 -13.26 33.18 -4.50
N ASP B 34 -12.19 32.58 -4.00
CA ASP B 34 -10.83 32.81 -4.50
C ASP B 34 -10.36 31.69 -5.47
N ALA B 35 -11.31 30.99 -6.09
CA ALA B 35 -11.00 30.02 -7.12
C ALA B 35 -10.32 30.71 -8.31
N VAL B 36 -9.40 30.03 -8.94
CA VAL B 36 -8.71 30.57 -10.14
C VAL B 36 -9.43 30.05 -11.39
N ILE B 37 -10.08 30.95 -12.12
CA ILE B 37 -10.86 30.58 -13.32
C ILE B 37 -10.14 31.03 -14.59
N HIS B 38 -9.72 30.05 -15.38
CA HIS B 38 -9.05 30.28 -16.65
C HIS B 38 -10.11 30.18 -17.75
N LEU B 39 -10.63 31.32 -18.14
CA LEU B 39 -11.59 31.39 -19.24
C LEU B 39 -10.80 31.59 -20.52
N PRO B 40 -11.35 31.18 -21.65
CA PRO B 40 -10.64 31.38 -22.91
C PRO B 40 -10.54 32.87 -23.26
N GLY B 41 -9.71 33.19 -24.24
CA GLY B 41 -9.46 34.57 -24.65
C GLY B 41 -10.67 35.33 -25.14
N THR B 42 -11.65 34.59 -25.71
CA THR B 42 -12.92 35.19 -26.11
C THR B 42 -13.64 35.85 -24.94
N ALA B 43 -13.43 35.36 -23.70
CA ALA B 43 -14.05 35.94 -22.50
C ALA B 43 -13.28 37.14 -21.92
N GLY B 44 -12.21 37.58 -22.57
CA GLY B 44 -11.43 38.71 -22.08
C GLY B 44 -12.16 40.00 -22.30
N ASP B 45 -11.69 41.04 -21.60
CA ASP B 45 -12.15 42.41 -21.81
C ASP B 45 -10.94 43.33 -21.57
N ALA B 46 -11.16 44.64 -21.48
CA ALA B 46 -10.09 45.60 -21.23
C ALA B 46 -9.42 45.40 -19.87
N GLU B 47 -10.21 45.27 -18.82
CA GLU B 47 -9.68 45.05 -17.46
C GLU B 47 -8.95 43.70 -17.30
N HIS B 48 -9.32 42.69 -18.09
CA HIS B 48 -8.81 41.31 -17.96
C HIS B 48 -8.39 40.72 -19.32
N PRO B 49 -7.13 40.98 -19.75
CA PRO B 49 -6.65 40.48 -21.03
C PRO B 49 -6.80 38.96 -21.22
N PRO B 50 -6.91 38.51 -22.49
CA PRO B 50 -6.89 37.09 -22.81
C PRO B 50 -5.78 36.33 -22.08
N GLY B 51 -6.14 35.23 -21.42
CA GLY B 51 -5.21 34.41 -20.67
C GLY B 51 -4.94 34.81 -19.23
N THR B 52 -5.48 35.93 -18.76
CA THR B 52 -5.37 36.29 -17.35
C THR B 52 -6.52 35.64 -16.60
N PRO B 53 -6.25 35.07 -15.42
CA PRO B 53 -7.34 34.37 -14.71
C PRO B 53 -8.32 35.33 -14.05
N ARG B 54 -9.43 34.77 -13.60
CA ARG B 54 -10.44 35.52 -12.86
C ARG B 54 -10.85 34.75 -11.63
N ASP B 55 -11.47 35.47 -10.69
CA ASP B 55 -12.03 34.86 -9.47
C ASP B 55 -13.48 34.42 -9.73
N ARG B 56 -14.14 33.84 -8.73
CA ARG B 56 -15.52 33.41 -8.89
C ARG B 56 -16.45 34.51 -9.38
N GLU B 57 -16.41 35.68 -8.74
CA GLU B 57 -17.36 36.74 -9.07
C GLU B 57 -17.14 37.28 -10.47
N GLY B 58 -15.89 37.32 -10.91
CA GLY B 58 -15.55 37.64 -12.30
C GLY B 58 -16.17 36.68 -13.29
N TRP B 59 -16.08 35.39 -13.01
CA TRP B 59 -16.67 34.34 -13.85
C TRP B 59 -18.18 34.48 -13.89
N LEU B 60 -18.79 34.63 -12.73
CA LEU B 60 -20.24 34.78 -12.66
C LEU B 60 -20.69 36.05 -13.35
N GLY B 61 -19.89 37.13 -13.25
CA GLY B 61 -20.13 38.36 -14.02
C GLY B 61 -20.17 38.13 -15.53
N VAL B 62 -19.22 37.34 -16.03
CA VAL B 62 -19.18 36.99 -17.45
C VAL B 62 -20.40 36.13 -17.82
N TRP B 63 -20.71 35.14 -16.99
CA TRP B 63 -21.89 34.33 -17.24
C TRP B 63 -23.16 35.18 -17.26
N GLN B 64 -23.36 36.06 -16.28
CA GLN B 64 -24.54 36.95 -16.25
C GLN B 64 -24.67 37.72 -17.57
N PHE B 65 -23.54 38.22 -18.07
CA PHE B 65 -23.54 39.04 -19.29
C PHE B 65 -23.91 38.22 -20.53
N THR B 66 -23.40 37.00 -20.61
CA THR B 66 -23.79 36.05 -21.65
C THR B 66 -25.28 35.73 -21.64
N GLN B 67 -25.89 35.60 -20.46
CA GLN B 67 -27.34 35.33 -20.36
C GLN B 67 -28.19 36.42 -21.01
N ALA B 68 -27.71 37.66 -21.07
CA ALA B 68 -28.41 38.69 -21.85
C ALA B 68 -28.53 38.42 -23.37
N PHE B 69 -27.56 37.73 -23.95
CA PHE B 69 -27.53 37.46 -25.42
C PHE B 69 -27.97 36.06 -25.79
N PHE B 70 -27.86 35.13 -24.86
CA PHE B 70 -28.27 33.74 -25.07
C PHE B 70 -29.08 33.30 -23.87
N PRO B 71 -30.28 33.87 -23.69
CA PRO B 71 -31.04 33.62 -22.47
C PRO B 71 -31.53 32.19 -22.29
N ASP B 72 -31.75 31.49 -23.39
CA ASP B 72 -32.17 30.07 -23.35
C ASP B 72 -30.98 29.10 -23.39
N MET B 73 -29.76 29.57 -23.24
CA MET B 73 -28.59 28.70 -23.38
C MET B 73 -28.47 27.70 -22.24
N THR B 74 -28.18 26.45 -22.58
CA THR B 74 -27.97 25.38 -21.64
C THR B 74 -26.73 24.58 -21.99
N ALA B 75 -25.90 24.31 -20.98
CA ALA B 75 -24.78 23.39 -21.09
C ALA B 75 -25.21 22.01 -20.55
N THR B 76 -25.02 20.97 -21.37
CA THR B 76 -25.29 19.58 -21.00
C THR B 76 -24.01 18.74 -21.02
N VAL B 77 -23.71 18.08 -19.90
CA VAL B 77 -22.52 17.24 -19.79
C VAL B 77 -22.70 15.97 -20.64
N GLN B 78 -21.78 15.71 -21.56
CA GLN B 78 -21.84 14.51 -22.42
C GLN B 78 -20.93 13.39 -21.90
N ASP B 79 -19.73 13.75 -21.48
CA ASP B 79 -18.77 12.81 -20.91
C ASP B 79 -18.12 13.45 -19.70
N ILE B 80 -17.74 12.63 -18.75
CA ILE B 80 -17.19 13.11 -17.49
C ILE B 80 -16.17 12.09 -17.03
N VAL B 81 -15.07 12.59 -16.48
CA VAL B 81 -13.89 11.79 -16.21
C VAL B 81 -13.24 12.38 -14.97
N GLN B 82 -12.93 11.55 -13.97
CA GLN B 82 -12.31 12.00 -12.72
C GLN B 82 -11.24 11.09 -12.20
N THR B 83 -10.25 11.72 -11.55
CA THR B 83 -9.12 11.06 -10.95
C THR B 83 -8.63 12.01 -9.87
N GLY B 84 -8.90 11.67 -8.62
CA GLY B 84 -8.53 12.46 -7.46
C GLY B 84 -9.39 13.70 -7.40
N ASP B 85 -8.75 14.86 -7.16
CA ASP B 85 -9.43 16.14 -7.18
C ASP B 85 -9.74 16.73 -8.60
N LEU B 86 -9.18 16.16 -9.66
CA LEU B 86 -9.43 16.65 -11.01
C LEU B 86 -10.62 16.00 -11.68
N VAL B 87 -11.45 16.80 -12.33
CA VAL B 87 -12.61 16.35 -13.13
C VAL B 87 -12.57 17.05 -14.48
N ALA B 88 -12.77 16.30 -15.54
CA ALA B 88 -12.78 16.84 -16.89
C ALA B 88 -14.09 16.50 -17.50
N THR B 89 -14.67 17.44 -18.23
CA THR B 89 -15.97 17.26 -18.85
C THR B 89 -15.93 17.70 -20.29
N ARG B 90 -16.79 17.08 -21.08
CA ARG B 90 -17.15 17.55 -22.40
C ARG B 90 -18.62 17.91 -22.30
N CYS B 91 -18.98 19.12 -22.68
CA CYS B 91 -20.37 19.56 -22.68
C CYS B 91 -20.78 19.98 -24.07
N VAL B 92 -22.09 20.19 -24.23
CA VAL B 92 -22.65 20.76 -25.43
C VAL B 92 -23.50 21.94 -25.01
N ALA B 93 -23.18 23.12 -25.54
CA ALA B 93 -23.98 24.30 -25.29
C ALA B 93 -25.00 24.40 -26.42
N ARG B 94 -26.28 24.41 -26.07
CA ARG B 94 -27.38 24.62 -27.03
C ARG B 94 -28.10 25.90 -26.69
N GLY B 95 -28.50 26.61 -27.73
CA GLY B 95 -29.33 27.81 -27.55
C GLY B 95 -29.96 28.17 -28.85
N THR B 96 -30.61 29.32 -28.90
CA THR B 96 -31.21 29.80 -30.13
C THR B 96 -30.79 31.20 -30.47
N HIS B 97 -30.83 31.45 -31.77
CA HIS B 97 -30.24 32.66 -32.36
C HIS B 97 -31.32 33.73 -32.39
N SER B 98 -31.48 34.41 -31.25
CA SER B 98 -32.49 35.46 -31.09
C SER B 98 -31.98 36.91 -31.17
N ILE B 99 -30.67 37.12 -31.14
CA ILE B 99 -30.10 38.48 -31.18
C ILE B 99 -29.23 38.61 -32.43
N GLU B 100 -29.28 39.76 -33.09
CA GLU B 100 -28.44 40.02 -34.29
C GLU B 100 -27.01 40.07 -33.86
N PHE B 101 -26.11 39.39 -34.60
CA PHE B 101 -24.63 39.54 -34.41
C PHE B 101 -23.96 39.81 -35.75
N MET B 102 -22.98 40.69 -35.79
CA MET B 102 -22.21 40.99 -37.01
C MET B 102 -23.13 41.27 -38.22
N GLY B 103 -24.23 41.99 -37.97
CA GLY B 103 -25.14 42.36 -39.04
C GLY B 103 -26.02 41.27 -39.63
N VAL B 104 -25.99 40.07 -39.07
CA VAL B 104 -26.83 38.98 -39.54
C VAL B 104 -28.03 38.82 -38.58
N PRO B 105 -29.27 38.94 -39.11
CA PRO B 105 -30.42 38.98 -38.22
C PRO B 105 -30.71 37.67 -37.51
N PRO B 106 -31.43 37.73 -36.37
CA PRO B 106 -31.89 36.51 -35.71
C PRO B 106 -32.66 35.59 -36.64
N THR B 107 -32.43 34.31 -36.53
CA THR B 107 -33.17 33.30 -37.28
C THR B 107 -34.13 32.47 -36.41
N GLY B 108 -33.90 32.43 -35.09
CA GLY B 108 -34.60 31.47 -34.24
C GLY B 108 -34.07 30.03 -34.32
N ARG B 109 -33.18 29.75 -35.27
CA ARG B 109 -32.57 28.42 -35.40
C ARG B 109 -31.79 28.06 -34.11
N PRO B 110 -31.73 26.77 -33.79
CA PRO B 110 -30.85 26.27 -32.76
C PRO B 110 -29.38 26.19 -33.12
N PHE B 111 -28.52 26.21 -32.10
CA PHE B 111 -27.09 25.96 -32.30
C PHE B 111 -26.54 25.09 -31.18
N GLU B 112 -25.43 24.42 -31.44
CA GLU B 112 -24.88 23.35 -30.66
C GLU B 112 -23.36 23.46 -30.74
N MET B 113 -22.70 23.77 -29.64
CA MET B 113 -21.22 23.80 -29.66
C MET B 113 -20.55 23.10 -28.51
N THR B 114 -19.41 22.48 -28.79
CA THR B 114 -18.66 21.76 -27.77
C THR B 114 -17.94 22.69 -26.81
N MET B 115 -17.99 22.35 -25.54
CA MET B 115 -17.13 22.94 -24.50
C MET B 115 -16.32 21.80 -23.93
N LEU B 116 -15.04 22.02 -23.69
CA LEU B 116 -14.23 21.13 -22.88
C LEU B 116 -13.84 21.89 -21.62
N ASN B 117 -13.86 21.22 -20.48
CA ASN B 117 -13.54 21.81 -19.19
C ASN B 117 -12.68 20.86 -18.37
N MET B 118 -11.87 21.44 -17.51
CA MET B 118 -11.17 20.71 -16.47
C MET B 118 -11.25 21.53 -15.21
N SER B 119 -11.54 20.89 -14.08
CA SER B 119 -11.75 21.57 -12.80
C SER B 119 -11.07 20.79 -11.69
N ARG B 120 -10.43 21.52 -10.76
CA ARG B 120 -9.91 20.95 -9.52
C ARG B 120 -10.92 21.23 -8.39
N VAL B 121 -11.34 20.18 -7.70
CA VAL B 121 -12.34 20.28 -6.62
C VAL B 121 -11.75 19.85 -5.27
N ARG B 122 -11.71 20.78 -4.30
CA ARG B 122 -11.24 20.52 -2.93
C ARG B 122 -12.36 20.84 -1.93
N ASP B 123 -12.74 19.85 -1.12
CA ASP B 123 -13.81 19.99 -0.10
C ASP B 123 -15.16 20.35 -0.72
N GLY B 124 -15.49 19.69 -1.82
CA GLY B 124 -16.79 19.88 -2.50
C GLY B 124 -16.97 21.18 -3.26
N ARG B 125 -15.89 21.95 -3.44
CA ARG B 125 -15.91 23.25 -4.12
C ARG B 125 -14.84 23.34 -5.19
N ILE B 126 -15.18 23.93 -6.32
CA ILE B 126 -14.20 24.21 -7.38
C ILE B 126 -13.22 25.29 -6.92
N VAL B 127 -11.94 24.99 -6.99
CA VAL B 127 -10.88 25.96 -6.66
C VAL B 127 -10.00 26.36 -7.86
N GLU B 128 -10.00 25.55 -8.92
CA GLU B 128 -9.42 25.93 -10.20
C GLU B 128 -10.26 25.37 -11.34
N HIS B 129 -10.33 26.09 -12.44
CA HIS B 129 -11.18 25.71 -13.57
C HIS B 129 -10.61 26.23 -14.87
N TRP B 130 -10.50 25.35 -15.86
CA TRP B 130 -10.15 25.71 -17.23
C TRP B 130 -11.34 25.35 -18.11
N THR B 131 -11.65 26.21 -19.07
CA THR B 131 -12.72 25.95 -20.03
C THR B 131 -12.41 26.58 -21.38
N ILE B 132 -12.78 25.90 -22.47
CA ILE B 132 -12.72 26.46 -23.81
C ILE B 132 -13.91 25.96 -24.59
N SER B 133 -14.50 26.81 -25.42
CA SER B 133 -15.65 26.48 -26.24
C SER B 133 -15.28 26.57 -27.69
N ASP B 134 -15.94 25.81 -28.54
CA ASP B 134 -15.73 25.86 -29.97
C ASP B 134 -16.49 27.06 -30.55
N ASN B 135 -15.89 28.24 -30.36
CA ASN B 135 -16.51 29.50 -30.72
C ASN B 135 -16.73 29.66 -32.20
N VAL B 136 -15.81 29.17 -33.03
CA VAL B 136 -15.90 29.34 -34.47
C VAL B 136 -17.07 28.56 -35.03
N THR B 137 -17.30 27.36 -34.50
CA THR B 137 -18.46 26.57 -34.86
C THR B 137 -19.77 27.28 -34.49
N MET B 138 -19.81 27.91 -33.32
CA MET B 138 -20.99 28.70 -32.95
C MET B 138 -21.25 29.80 -33.97
N LEU B 139 -20.23 30.56 -34.31
CA LEU B 139 -20.38 31.62 -35.31
C LEU B 139 -20.81 31.07 -36.67
N ALA B 140 -20.27 29.93 -37.08
CA ALA B 140 -20.69 29.28 -38.31
C ALA B 140 -22.17 28.92 -38.25
N GLN B 141 -22.60 28.29 -37.17
CA GLN B 141 -24.03 27.99 -36.97
C GLN B 141 -24.92 29.22 -37.03
N LEU B 142 -24.49 30.33 -36.48
CA LEU B 142 -25.30 31.57 -36.49
C LEU B 142 -25.36 32.22 -37.92
N GLY B 143 -24.43 31.90 -38.82
CA GLY B 143 -24.47 32.37 -40.23
C GLY B 143 -24.02 33.81 -40.35
N HIS C 6 0.61 18.58 0.02
CA HIS C 6 1.93 17.99 0.39
C HIS C 6 2.91 17.97 -0.77
N GLN C 7 4.17 18.40 -0.56
CA GLN C 7 5.26 18.14 -1.54
C GLN C 7 5.30 16.61 -1.83
N PRO C 8 5.33 16.21 -3.12
CA PRO C 8 5.18 14.78 -3.46
C PRO C 8 6.10 13.78 -2.74
N SER C 9 7.34 14.17 -2.43
CA SER C 9 8.26 13.26 -1.72
C SER C 9 7.74 12.91 -0.31
N ASP C 10 7.00 13.82 0.32
CA ASP C 10 6.41 13.58 1.64
C ASP C 10 5.23 12.63 1.56
N THR C 11 4.39 12.81 0.54
CA THR C 11 3.29 11.88 0.26
C THR C 11 3.78 10.42 0.21
N ILE C 12 4.90 10.19 -0.47
CA ILE C 12 5.44 8.86 -0.65
C ILE C 12 6.13 8.35 0.63
N ALA C 13 6.83 9.23 1.36
CA ALA C 13 7.40 8.84 2.65
C ALA C 13 6.27 8.46 3.64
N GLY C 14 5.20 9.25 3.63
CA GLY C 14 4.04 9.00 4.46
C GLY C 14 3.33 7.70 4.12
N LEU C 15 3.21 7.43 2.82
CA LEU C 15 2.60 6.19 2.32
C LEU C 15 3.25 4.94 2.90
N TYR C 16 4.58 4.88 2.90
CA TYR C 16 5.28 3.70 3.43
C TYR C 16 5.29 3.65 4.97
N GLU C 17 5.34 4.81 5.64
CA GLU C 17 5.13 4.85 7.10
C GLU C 17 3.75 4.30 7.45
N ALA C 18 2.74 4.63 6.64
CA ALA C 18 1.37 4.14 6.84
C ALA C 18 1.21 2.63 6.60
N PHE C 19 1.79 2.13 5.51
CA PHE C 19 1.80 0.69 5.27
C PHE C 19 2.49 -0.07 6.40
N ASN C 20 3.61 0.47 6.91
CA ASN C 20 4.35 -0.19 8.01
C ASN C 20 3.58 -0.24 9.35
N SER C 21 2.82 0.81 9.64
CA SER C 21 2.05 0.90 10.90
C SER C 21 0.59 0.39 10.81
N GLY C 22 0.15 -0.03 9.62
CA GLY C 22 -1.20 -0.55 9.44
C GLY C 22 -2.29 0.52 9.45
N ASP C 23 -1.90 1.73 9.09
CA ASP C 23 -2.70 2.94 9.26
C ASP C 23 -3.57 3.22 8.03
N LEU C 24 -4.68 2.50 7.94
CA LEU C 24 -5.63 2.62 6.82
C LEU C 24 -6.25 4.01 6.65
N GLU C 25 -6.43 4.76 7.73
CA GLU C 25 -7.00 6.12 7.61
C GLU C 25 -6.06 7.02 6.79
N THR C 26 -4.77 6.99 7.13
CA THR C 26 -3.78 7.76 6.36
C THR C 26 -3.67 7.29 4.90
N LEU C 27 -3.64 5.99 4.69
CA LEU C 27 -3.54 5.45 3.33
C LEU C 27 -4.67 5.94 2.44
N ARG C 28 -5.86 6.05 3.00
CA ARG C 28 -7.00 6.58 2.24
C ARG C 28 -6.93 8.10 2.02
N GLU C 29 -6.27 8.83 2.93
CA GLU C 29 -5.96 10.25 2.71
C GLU C 29 -4.94 10.40 1.57
N LEU C 30 -3.86 9.61 1.62
CA LEU C 30 -2.76 9.71 0.65
C LEU C 30 -2.96 9.06 -0.72
N ILE C 31 -4.01 8.29 -0.92
CA ILE C 31 -4.26 7.64 -2.23
C ILE C 31 -5.69 7.97 -2.68
N ALA C 32 -5.83 8.52 -3.88
CA ALA C 32 -7.15 8.81 -4.42
C ALA C 32 -7.90 7.49 -4.61
N PRO C 33 -9.23 7.47 -4.37
CA PRO C 33 -10.02 6.25 -4.55
C PRO C 33 -9.95 5.63 -5.94
N ASP C 34 -9.92 6.48 -6.93
CA ASP C 34 -9.88 6.10 -8.36
C ASP C 34 -8.46 6.21 -8.94
N ALA C 35 -7.44 6.12 -8.08
CA ALA C 35 -6.05 6.03 -8.51
C ALA C 35 -5.84 4.77 -9.31
N VAL C 36 -4.99 4.83 -10.33
CA VAL C 36 -4.68 3.66 -11.15
C VAL C 36 -3.42 2.99 -10.60
N ILE C 37 -3.57 1.78 -10.05
CA ILE C 37 -2.46 1.07 -9.42
C ILE C 37 -2.01 -0.12 -10.30
N HIS C 38 -0.78 -0.02 -10.81
CA HIS C 38 -0.18 -1.05 -11.63
C HIS C 38 0.69 -1.92 -10.72
N LEU C 39 0.12 -3.01 -10.26
CA LEU C 39 0.84 -3.99 -9.46
C LEU C 39 1.44 -5.00 -10.41
N PRO C 40 2.55 -5.62 -9.99
CA PRO C 40 3.15 -6.62 -10.87
C PRO C 40 2.26 -7.85 -11.03
N GLY C 41 2.58 -8.70 -11.99
CA GLY C 41 1.80 -9.90 -12.31
C GLY C 41 1.63 -10.89 -11.17
N THR C 42 2.63 -10.95 -10.31
CA THR C 42 2.56 -11.76 -9.08
C THR C 42 1.37 -11.38 -8.20
N ALA C 43 0.93 -10.12 -8.24
CA ALA C 43 -0.24 -9.65 -7.48
C ALA C 43 -1.60 -9.93 -8.15
N GLY C 44 -1.60 -10.59 -9.30
CA GLY C 44 -2.83 -10.92 -9.98
C GLY C 44 -3.60 -12.01 -9.29
N ASP C 45 -4.86 -12.13 -9.67
CA ASP C 45 -5.73 -13.23 -9.23
C ASP C 45 -6.68 -13.54 -10.40
N ALA C 46 -7.70 -14.36 -10.17
CA ALA C 46 -8.69 -14.70 -11.20
C ALA C 46 -9.47 -13.48 -11.69
N GLU C 47 -9.99 -12.69 -10.76
CA GLU C 47 -10.76 -11.48 -11.11
C GLU C 47 -9.91 -10.39 -11.82
N HIS C 48 -8.60 -10.36 -11.55
CA HIS C 48 -7.69 -9.31 -12.06
C HIS C 48 -6.41 -9.89 -12.64
N PRO C 49 -6.43 -10.26 -13.95
CA PRO C 49 -5.27 -10.87 -14.61
C PRO C 49 -3.97 -10.02 -14.48
N PRO C 50 -2.79 -10.67 -14.53
CA PRO C 50 -1.53 -9.98 -14.58
C PRO C 50 -1.52 -8.82 -15.59
N GLY C 51 -1.08 -7.65 -15.12
CA GLY C 51 -1.01 -6.47 -15.95
C GLY C 51 -2.27 -5.62 -16.03
N THR C 52 -3.38 -6.05 -15.45
CA THR C 52 -4.59 -5.21 -15.41
C THR C 52 -4.49 -4.33 -14.16
N PRO C 53 -4.84 -3.05 -14.28
CA PRO C 53 -4.69 -2.16 -13.13
C PRO C 53 -5.75 -2.37 -12.07
N ARG C 54 -5.53 -1.77 -10.91
CA ARG C 54 -6.48 -1.83 -9.81
C ARG C 54 -6.69 -0.43 -9.25
N ASP C 55 -7.78 -0.27 -8.51
CA ASP C 55 -8.08 0.97 -7.79
C ASP C 55 -7.46 0.92 -6.39
N ARG C 56 -7.61 1.98 -5.61
CA ARG C 56 -7.06 2.00 -4.26
C ARG C 56 -7.50 0.82 -3.41
N GLU C 57 -8.81 0.54 -3.37
CA GLU C 57 -9.31 -0.51 -2.49
C GLU C 57 -8.81 -1.89 -2.88
N GLY C 58 -8.65 -2.11 -4.18
CA GLY C 58 -8.01 -3.32 -4.69
C GLY C 58 -6.59 -3.48 -4.18
N TRP C 59 -5.80 -2.42 -4.24
CA TRP C 59 -4.43 -2.41 -3.76
C TRP C 59 -4.38 -2.69 -2.27
N LEU C 60 -5.21 -1.97 -1.51
CA LEU C 60 -5.25 -2.16 -0.07
C LEU C 60 -5.73 -3.56 0.29
N GLY C 61 -6.65 -4.11 -0.49
CA GLY C 61 -7.08 -5.52 -0.35
C GLY C 61 -5.92 -6.49 -0.51
N VAL C 62 -5.06 -6.27 -1.51
CA VAL C 62 -3.90 -7.09 -1.71
C VAL C 62 -2.93 -6.94 -0.54
N TRP C 63 -2.67 -5.70 -0.13
CA TRP C 63 -1.81 -5.46 1.00
C TRP C 63 -2.34 -6.15 2.28
N GLN C 64 -3.64 -6.01 2.58
CA GLN C 64 -4.24 -6.67 3.75
C GLN C 64 -3.96 -8.18 3.72
N PHE C 65 -4.09 -8.79 2.55
CA PHE C 65 -3.92 -10.22 2.40
C PHE C 65 -2.47 -10.66 2.62
N THR C 66 -1.53 -9.88 2.10
CA THR C 66 -0.10 -10.07 2.35
C THR C 66 0.25 -10.00 3.83
N GLN C 67 -0.37 -9.08 4.58
CA GLN C 67 -0.11 -8.97 6.02
C GLN C 67 -0.42 -10.26 6.79
N ALA C 68 -1.36 -11.06 6.32
CA ALA C 68 -1.57 -12.39 6.91
C ALA C 68 -0.37 -13.36 6.82
N PHE C 69 0.45 -13.25 5.78
CA PHE C 69 1.60 -14.17 5.56
C PHE C 69 2.94 -13.59 5.94
N PHE C 70 3.03 -12.26 5.97
CA PHE C 70 4.24 -11.58 6.35
C PHE C 70 3.88 -10.47 7.31
N PRO C 71 3.41 -10.83 8.52
CA PRO C 71 2.89 -9.83 9.45
C PRO C 71 3.94 -8.85 9.99
N ASP C 72 5.21 -9.28 10.05
CA ASP C 72 6.28 -8.36 10.48
C ASP C 72 6.95 -7.60 9.32
N MET C 73 6.40 -7.68 8.12
CA MET C 73 7.05 -7.06 6.96
C MET C 73 7.02 -5.55 7.00
N THR C 74 8.16 -4.94 6.70
CA THR C 74 8.29 -3.48 6.64
C THR C 74 9.02 -3.06 5.37
N ALA C 75 8.47 -2.07 4.67
CA ALA C 75 9.13 -1.44 3.55
C ALA C 75 9.80 -0.17 4.00
N THR C 76 11.11 -0.03 3.73
CA THR C 76 11.92 1.14 4.10
C THR C 76 12.47 1.84 2.87
N VAL C 77 12.19 3.13 2.72
CA VAL C 77 12.68 3.91 1.58
C VAL C 77 14.18 4.10 1.69
N GLN C 78 14.94 3.70 0.66
CA GLN C 78 16.40 3.86 0.62
C GLN C 78 16.81 5.10 -0.17
N ASP C 79 16.19 5.29 -1.32
CA ASP C 79 16.46 6.44 -2.20
C ASP C 79 15.14 6.94 -2.70
N ILE C 80 15.08 8.24 -2.95
CA ILE C 80 13.85 8.89 -3.38
C ILE C 80 14.25 10.01 -4.32
N VAL C 81 13.45 10.19 -5.36
CA VAL C 81 13.80 11.03 -6.50
C VAL C 81 12.51 11.62 -7.03
N GLN C 82 12.48 12.96 -7.19
CA GLN C 82 11.28 13.65 -7.68
C GLN C 82 11.58 14.72 -8.72
N THR C 83 10.64 14.87 -9.64
CA THR C 83 10.65 15.87 -10.67
C THR C 83 9.19 16.14 -11.01
N GLY C 84 8.68 17.28 -10.55
CA GLY C 84 7.29 17.66 -10.74
C GLY C 84 6.38 16.80 -9.89
N ASP C 85 5.31 16.31 -10.52
CA ASP C 85 4.36 15.38 -9.89
C ASP C 85 4.84 13.91 -9.82
N LEU C 86 5.93 13.53 -10.51
CA LEU C 86 6.44 12.16 -10.44
C LEU C 86 7.45 11.97 -9.30
N VAL C 87 7.31 10.87 -8.57
CA VAL C 87 8.27 10.45 -7.53
C VAL C 87 8.62 8.99 -7.74
N ALA C 88 9.90 8.67 -7.63
CA ALA C 88 10.38 7.32 -7.76
C ALA C 88 11.10 6.96 -6.50
N THR C 89 10.90 5.73 -6.03
CA THR C 89 11.55 5.27 -4.81
C THR C 89 12.16 3.92 -5.03
N ARG C 90 13.21 3.65 -4.26
CA ARG C 90 13.75 2.33 -4.09
C ARG C 90 13.54 2.01 -2.64
N CYS C 91 12.90 0.88 -2.34
CA CYS C 91 12.72 0.44 -0.96
C CYS C 91 13.35 -0.90 -0.74
N VAL C 92 13.41 -1.30 0.52
CA VAL C 92 13.82 -2.63 0.90
C VAL C 92 12.73 -3.20 1.79
N ALA C 93 12.18 -4.35 1.39
CA ALA C 93 11.20 -5.04 2.21
C ALA C 93 11.96 -6.05 3.06
N ARG C 94 11.84 -5.93 4.39
CA ARG C 94 12.40 -6.91 5.31
C ARG C 94 11.27 -7.60 6.06
N GLY C 95 11.44 -8.90 6.29
CA GLY C 95 10.50 -9.63 7.12
C GLY C 95 11.17 -10.92 7.57
N THR C 96 10.40 -11.78 8.21
CA THR C 96 10.91 -13.08 8.64
C THR C 96 10.03 -14.22 8.18
N HIS C 97 10.69 -15.34 8.03
CA HIS C 97 10.11 -16.51 7.38
C HIS C 97 9.43 -17.36 8.46
N SER C 98 8.20 -16.98 8.78
CA SER C 98 7.42 -17.63 9.82
C SER C 98 6.31 -18.57 9.32
N ILE C 99 5.99 -18.55 8.03
CA ILE C 99 4.93 -19.41 7.47
C ILE C 99 5.54 -20.32 6.43
N GLU C 100 5.10 -21.58 6.40
CA GLU C 100 5.56 -22.56 5.39
C GLU C 100 5.10 -22.12 4.04
N PHE C 101 5.99 -22.16 3.03
CA PHE C 101 5.60 -21.96 1.61
C PHE C 101 6.19 -23.07 0.75
N MET C 102 5.45 -23.55 -0.24
CA MET C 102 5.92 -24.59 -1.17
C MET C 102 6.58 -25.78 -0.44
N GLY C 103 5.99 -26.18 0.69
CA GLY C 103 6.49 -27.32 1.44
C GLY C 103 7.77 -27.15 2.22
N VAL C 104 8.34 -25.95 2.25
CA VAL C 104 9.56 -25.69 3.01
C VAL C 104 9.18 -24.98 4.33
N PRO C 105 9.56 -25.59 5.49
CA PRO C 105 9.07 -25.06 6.76
C PRO C 105 9.67 -23.71 7.13
N PRO C 106 8.97 -22.96 8.02
CA PRO C 106 9.53 -21.72 8.54
C PRO C 106 10.90 -21.90 9.15
N THR C 107 11.79 -20.96 8.93
CA THR C 107 13.12 -20.93 9.52
C THR C 107 13.28 -19.85 10.59
N GLY C 108 12.44 -18.82 10.59
CA GLY C 108 12.69 -17.63 11.40
C GLY C 108 13.76 -16.68 10.84
N ARG C 109 14.48 -17.10 9.80
CA ARG C 109 15.49 -16.26 9.18
C ARG C 109 14.87 -14.97 8.61
N PRO C 110 15.63 -13.87 8.60
CA PRO C 110 15.23 -12.67 7.90
C PRO C 110 15.39 -12.71 6.39
N PHE C 111 14.63 -11.88 5.68
CA PHE C 111 14.80 -11.72 4.24
C PHE C 111 14.67 -10.25 3.86
N GLU C 112 15.24 -9.90 2.72
CA GLU C 112 15.49 -8.57 2.30
C GLU C 112 15.30 -8.54 0.77
N MET C 113 14.29 -7.80 0.29
CA MET C 113 14.14 -7.67 -1.18
C MET C 113 13.92 -6.25 -1.64
N THR C 114 14.45 -5.93 -2.81
CA THR C 114 14.28 -4.60 -3.39
C THR C 114 12.87 -4.43 -3.96
N MET C 115 12.29 -3.27 -3.71
CA MET C 115 11.10 -2.80 -4.42
C MET C 115 11.48 -1.55 -5.14
N LEU C 116 11.06 -1.39 -6.37
CA LEU C 116 11.14 -0.13 -7.09
C LEU C 116 9.74 0.36 -7.34
N ASN C 117 9.50 1.65 -7.16
CA ASN C 117 8.17 2.25 -7.33
C ASN C 117 8.28 3.57 -8.06
N MET C 118 7.25 3.88 -8.82
CA MET C 118 7.08 5.21 -9.40
C MET C 118 5.62 5.61 -9.20
N SER C 119 5.41 6.86 -8.79
CA SER C 119 4.07 7.35 -8.44
C SER C 119 3.88 8.74 -8.99
N ARG C 120 2.67 9.02 -9.50
CA ARG C 120 2.25 10.37 -9.87
C ARG C 120 1.39 10.93 -8.72
N VAL C 121 1.76 12.10 -8.19
CA VAL C 121 1.04 12.72 -7.07
C VAL C 121 0.42 14.06 -7.46
N ARG C 122 -0.91 14.17 -7.39
CA ARG C 122 -1.64 15.42 -7.67
C ARG C 122 -2.46 15.83 -6.43
N ASP C 123 -2.23 17.04 -5.93
CA ASP C 123 -2.92 17.60 -4.76
C ASP C 123 -2.69 16.75 -3.49
N GLY C 124 -1.45 16.34 -3.28
CA GLY C 124 -1.07 15.58 -2.10
C GLY C 124 -1.54 14.12 -2.02
N ARG C 125 -2.06 13.59 -3.13
CA ARG C 125 -2.57 12.23 -3.22
C ARG C 125 -2.01 11.50 -4.43
N ILE C 126 -1.68 10.23 -4.23
CA ILE C 126 -1.27 9.36 -5.32
C ILE C 126 -2.47 9.09 -6.26
N VAL C 127 -2.28 9.36 -7.55
CA VAL C 127 -3.31 9.08 -8.56
C VAL C 127 -2.90 8.00 -9.58
N GLU C 128 -1.60 7.74 -9.70
CA GLU C 128 -1.10 6.59 -10.45
C GLU C 128 0.14 6.04 -9.76
N HIS C 129 0.33 4.74 -9.84
CA HIS C 129 1.41 4.08 -9.12
C HIS C 129 1.83 2.81 -9.83
N TRP C 130 3.13 2.66 -10.06
CA TRP C 130 3.73 1.44 -10.58
C TRP C 130 4.65 0.91 -9.49
N THR C 131 4.64 -0.41 -9.29
CA THR C 131 5.55 -1.04 -8.34
C THR C 131 5.93 -2.45 -8.79
N ILE C 132 7.18 -2.83 -8.55
CA ILE C 132 7.64 -4.21 -8.76
C ILE C 132 8.59 -4.55 -7.62
N SER C 133 8.50 -5.79 -7.13
CA SER C 133 9.39 -6.29 -6.10
C SER C 133 10.23 -7.42 -6.66
N ASP C 134 11.41 -7.62 -6.10
CA ASP C 134 12.26 -8.72 -6.52
C ASP C 134 11.81 -10.04 -5.88
N ASN C 135 10.73 -10.58 -6.43
CA ASN C 135 10.07 -11.76 -5.87
C ASN C 135 10.90 -13.00 -5.92
N VAL C 136 11.70 -13.18 -6.96
CA VAL C 136 12.51 -14.40 -7.12
C VAL C 136 13.59 -14.45 -6.05
N THR C 137 14.18 -13.30 -5.75
CA THR C 137 15.14 -13.19 -4.67
C THR C 137 14.51 -13.51 -3.31
N MET C 138 13.29 -13.05 -3.08
CA MET C 138 12.57 -13.42 -1.85
C MET C 138 12.41 -14.93 -1.74
N LEU C 139 11.95 -15.57 -2.79
CA LEU C 139 11.81 -17.04 -2.80
C LEU C 139 13.15 -17.74 -2.58
N ALA C 140 14.21 -17.24 -3.20
CA ALA C 140 15.55 -17.78 -2.96
C ALA C 140 15.95 -17.65 -1.48
N GLN C 141 15.77 -16.48 -0.91
CA GLN C 141 16.01 -16.27 0.52
C GLN C 141 15.21 -17.23 1.42
N LEU C 142 13.96 -17.51 1.08
CA LEU C 142 13.14 -18.41 1.89
C LEU C 142 13.56 -19.90 1.75
N GLY C 143 14.29 -20.28 0.69
CA GLY C 143 14.78 -21.67 0.48
C GLY C 143 15.51 -22.43 1.61
N HIS D 6 27.40 15.78 -19.39
CA HIS D 6 25.98 15.40 -19.67
C HIS D 6 25.15 15.36 -18.38
N GLN D 7 23.95 15.97 -18.39
CA GLN D 7 22.93 15.75 -17.36
C GLN D 7 22.70 14.22 -17.21
N PRO D 8 22.67 13.68 -15.98
CA PRO D 8 22.33 12.25 -15.77
C PRO D 8 21.12 11.68 -16.53
N SER D 9 20.07 12.46 -16.77
CA SER D 9 18.92 11.99 -17.54
C SER D 9 19.28 11.61 -18.98
N ASP D 10 20.29 12.28 -19.55
CA ASP D 10 20.78 11.99 -20.90
C ASP D 10 21.59 10.71 -20.93
N THR D 11 22.43 10.50 -19.91
CA THR D 11 23.16 9.22 -19.75
C THR D 11 22.20 8.03 -19.82
N ILE D 12 21.06 8.13 -19.15
CA ILE D 12 20.10 7.03 -19.10
C ILE D 12 19.30 6.93 -20.40
N ALA D 13 18.95 8.05 -21.02
CA ALA D 13 18.30 8.01 -22.34
C ALA D 13 19.24 7.39 -23.39
N GLY D 14 20.52 7.75 -23.32
CA GLY D 14 21.54 7.19 -24.19
C GLY D 14 21.74 5.71 -24.00
N LEU D 15 21.75 5.28 -22.73
CA LEU D 15 21.88 3.87 -22.36
C LEU D 15 20.84 2.99 -23.07
N TYR D 16 19.56 3.41 -23.03
CA TYR D 16 18.51 2.61 -23.64
C TYR D 16 18.50 2.71 -25.18
N GLU D 17 18.86 3.87 -25.74
CA GLU D 17 19.09 3.99 -27.19
C GLU D 17 20.20 3.03 -27.64
N ALA D 18 21.24 2.90 -26.83
CA ALA D 18 22.36 1.98 -27.11
C ALA D 18 21.96 0.51 -27.02
N PHE D 19 21.23 0.13 -25.97
CA PHE D 19 20.70 -1.23 -25.86
C PHE D 19 19.80 -1.56 -27.06
N ASN D 20 18.96 -0.62 -27.49
CA ASN D 20 18.06 -0.85 -28.63
C ASN D 20 18.76 -1.03 -29.97
N SER D 21 19.86 -0.30 -30.18
CA SER D 21 20.63 -0.37 -31.44
C SER D 21 21.81 -1.37 -31.43
N GLY D 22 22.04 -2.04 -30.30
CA GLY D 22 23.11 -3.05 -30.19
C GLY D 22 24.51 -2.45 -30.11
N ASP D 23 24.59 -1.21 -29.63
CA ASP D 23 25.77 -0.37 -29.72
C ASP D 23 26.68 -0.55 -28.49
N LEU D 24 27.45 -1.63 -28.50
CA LEU D 24 28.35 -1.97 -27.39
C LEU D 24 29.43 -0.93 -27.08
N GLU D 25 29.89 -0.18 -28.09
CA GLU D 25 30.92 0.86 -27.84
C GLU D 25 30.35 1.94 -26.91
N THR D 26 29.13 2.42 -27.23
CA THR D 26 28.49 3.43 -26.37
C THR D 26 28.18 2.88 -24.97
N LEU D 27 27.68 1.65 -24.88
CA LEU D 27 27.35 1.05 -23.59
C LEU D 27 28.55 1.01 -22.67
N ARG D 28 29.73 0.72 -23.23
CA ARG D 28 30.96 0.73 -22.44
C ARG D 28 31.44 2.14 -22.07
N GLU D 29 31.11 3.14 -22.88
CA GLU D 29 31.34 4.54 -22.50
C GLU D 29 30.41 4.95 -21.34
N LEU D 30 29.13 4.61 -21.46
CA LEU D 30 28.10 5.02 -20.48
C LEU D 30 28.02 4.20 -19.18
N ILE D 31 28.73 3.07 -19.07
CA ILE D 31 28.70 2.26 -17.85
C ILE D 31 30.12 1.99 -17.38
N ALA D 32 30.44 2.35 -16.14
CA ALA D 32 31.75 2.06 -15.59
C ALA D 32 31.99 0.56 -15.56
N PRO D 33 33.23 0.10 -15.80
CA PRO D 33 33.53 -1.35 -15.78
C PRO D 33 33.25 -2.02 -14.44
N ASP D 34 33.52 -1.28 -13.35
CA ASP D 34 33.32 -1.75 -11.99
C ASP D 34 31.99 -1.23 -11.38
N ALA D 35 31.02 -0.88 -12.23
CA ALA D 35 29.70 -0.46 -11.77
C ALA D 35 29.04 -1.65 -11.09
N VAL D 36 28.24 -1.37 -10.05
CA VAL D 36 27.54 -2.43 -9.33
C VAL D 36 26.12 -2.54 -9.91
N ILE D 37 25.83 -3.67 -10.55
CA ILE D 37 24.54 -3.88 -11.22
C ILE D 37 23.71 -4.89 -10.44
N HIS D 38 22.59 -4.42 -9.89
CA HIS D 38 21.64 -5.23 -9.15
C HIS D 38 20.55 -5.64 -10.13
N LEU D 39 20.70 -6.84 -10.68
CA LEU D 39 19.72 -7.45 -11.53
C LEU D 39 18.80 -8.24 -10.64
N PRO D 40 17.54 -8.42 -11.08
CA PRO D 40 16.62 -9.20 -10.26
C PRO D 40 17.02 -10.66 -10.16
N GLY D 41 16.40 -11.39 -9.25
CA GLY D 41 16.73 -12.81 -9.00
C GLY D 41 16.48 -13.70 -10.21
N THR D 42 15.56 -13.34 -11.08
CA THR D 42 15.35 -14.04 -12.34
C THR D 42 16.63 -14.09 -13.20
N ALA D 43 17.49 -13.10 -13.09
CA ALA D 43 18.77 -13.06 -13.81
C ALA D 43 19.92 -13.87 -13.16
N GLY D 44 19.65 -14.52 -12.03
CA GLY D 44 20.65 -15.30 -11.36
C GLY D 44 20.98 -16.58 -12.07
N ASP D 45 22.15 -17.14 -11.75
CA ASP D 45 22.61 -18.41 -12.27
C ASP D 45 23.44 -19.07 -11.15
N ALA D 46 24.14 -20.16 -11.45
CA ALA D 46 24.97 -20.85 -10.46
C ALA D 46 26.12 -19.99 -9.95
N GLU D 47 26.85 -19.35 -10.87
CA GLU D 47 27.97 -18.49 -10.48
C GLU D 47 27.52 -17.21 -9.71
N HIS D 48 26.30 -16.74 -9.92
CA HIS D 48 25.79 -15.48 -9.36
C HIS D 48 24.39 -15.65 -8.76
N PRO D 49 24.30 -16.09 -7.48
CA PRO D 49 22.99 -16.30 -6.82
C PRO D 49 22.05 -15.09 -6.87
N PRO D 50 20.73 -15.32 -6.84
CA PRO D 50 19.77 -14.23 -6.75
C PRO D 50 20.12 -13.19 -5.70
N GLY D 51 20.13 -11.93 -6.08
CA GLY D 51 20.45 -10.82 -5.18
C GLY D 51 21.92 -10.46 -5.06
N THR D 52 22.82 -11.22 -5.68
CA THR D 52 24.24 -10.82 -5.70
C THR D 52 24.44 -9.91 -6.90
N PRO D 53 25.20 -8.83 -6.73
CA PRO D 53 25.43 -7.91 -7.84
C PRO D 53 26.35 -8.45 -8.92
N ARG D 54 26.39 -7.74 -10.04
CA ARG D 54 27.25 -8.05 -11.17
C ARG D 54 27.95 -6.79 -11.62
N ASP D 55 29.03 -6.97 -12.38
CA ASP D 55 29.78 -5.86 -12.99
C ASP D 55 29.19 -5.55 -14.37
N ARG D 56 29.73 -4.56 -15.07
CA ARG D 56 29.24 -4.21 -16.39
C ARG D 56 29.20 -5.39 -17.36
N GLU D 57 30.29 -6.13 -17.46
CA GLU D 57 30.40 -7.19 -18.46
C GLU D 57 29.42 -8.33 -18.16
N GLY D 58 29.18 -8.60 -16.89
CA GLY D 58 28.14 -9.53 -16.47
C GLY D 58 26.74 -9.13 -16.96
N TRP D 59 26.42 -7.85 -16.78
CA TRP D 59 25.16 -7.29 -17.23
C TRP D 59 25.02 -7.38 -18.75
N LEU D 60 26.05 -6.95 -19.45
CA LEU D 60 26.05 -7.00 -20.90
C LEU D 60 25.98 -8.43 -21.41
N GLY D 61 26.62 -9.36 -20.70
CA GLY D 61 26.47 -10.80 -20.99
C GLY D 61 25.03 -11.29 -20.91
N VAL D 62 24.32 -10.85 -19.87
CA VAL D 62 22.90 -11.19 -19.72
C VAL D 62 22.10 -10.55 -20.86
N TRP D 63 22.33 -9.27 -21.14
CA TRP D 63 21.64 -8.62 -22.24
C TRP D 63 21.90 -9.34 -23.58
N GLN D 64 23.17 -9.66 -23.89
CA GLN D 64 23.50 -10.39 -25.14
C GLN D 64 22.66 -11.67 -25.25
N PHE D 65 22.54 -12.38 -24.14
CA PHE D 65 21.83 -13.64 -24.12
C PHE D 65 20.32 -13.52 -24.34
N THR D 66 19.73 -12.48 -23.76
CA THR D 66 18.35 -12.09 -24.03
C THR D 66 18.09 -11.79 -25.51
N GLN D 67 19.03 -11.10 -26.16
CA GLN D 67 18.88 -10.76 -27.58
C GLN D 67 18.75 -12.02 -28.48
N ALA D 68 19.32 -13.14 -28.07
CA ALA D 68 19.12 -14.40 -28.79
C ALA D 68 17.65 -14.90 -28.81
N PHE D 69 16.85 -14.59 -27.79
CA PHE D 69 15.45 -15.05 -27.70
C PHE D 69 14.43 -14.01 -28.09
N PHE D 70 14.80 -12.75 -27.95
CA PHE D 70 13.92 -11.64 -28.27
C PHE D 70 14.73 -10.63 -29.08
N PRO D 71 15.10 -11.00 -30.32
CA PRO D 71 15.98 -10.14 -31.12
C PRO D 71 15.37 -8.80 -31.52
N ASP D 72 14.06 -8.72 -31.63
CA ASP D 72 13.34 -7.49 -31.93
C ASP D 72 12.97 -6.66 -30.69
N MET D 73 13.47 -7.03 -29.51
CA MET D 73 13.05 -6.38 -28.28
C MET D 73 13.62 -4.98 -28.17
N THR D 74 12.77 -4.04 -27.76
CA THR D 74 13.18 -2.65 -27.52
C THR D 74 12.66 -2.17 -26.18
N ALA D 75 13.53 -1.54 -25.39
CA ALA D 75 13.15 -0.86 -24.16
C ALA D 75 12.96 0.62 -24.46
N THR D 76 11.78 1.17 -24.12
CA THR D 76 11.40 2.55 -24.37
C THR D 76 11.11 3.26 -23.05
N VAL D 77 11.80 4.38 -22.80
CA VAL D 77 11.59 5.14 -21.57
C VAL D 77 10.23 5.83 -21.62
N GLN D 78 9.38 5.60 -20.61
CA GLN D 78 8.05 6.25 -20.53
C GLN D 78 8.07 7.46 -19.62
N ASP D 79 8.72 7.34 -18.47
CA ASP D 79 8.83 8.42 -17.49
C ASP D 79 10.26 8.39 -16.97
N ILE D 80 10.75 9.55 -16.60
CA ILE D 80 12.14 9.69 -16.16
C ILE D 80 12.16 10.79 -15.11
N VAL D 81 12.96 10.58 -14.08
CA VAL D 81 12.92 11.39 -12.89
C VAL D 81 14.34 11.45 -12.33
N GLN D 82 14.83 12.66 -12.07
CA GLN D 82 16.19 12.83 -11.52
C GLN D 82 16.27 13.85 -10.39
N THR D 83 17.18 13.55 -9.47
CA THR D 83 17.51 14.41 -8.35
C THR D 83 18.97 14.11 -8.02
N GLY D 84 19.85 15.03 -8.40
CA GLY D 84 21.28 14.87 -8.19
C GLY D 84 21.84 13.82 -9.11
N ASP D 85 22.66 12.94 -8.55
CA ASP D 85 23.23 11.79 -9.28
C ASP D 85 22.27 10.59 -9.49
N LEU D 86 21.11 10.58 -8.83
CA LEU D 86 20.14 9.49 -9.00
C LEU D 86 19.16 9.77 -10.14
N VAL D 87 18.91 8.77 -10.98
CA VAL D 87 17.89 8.82 -12.03
C VAL D 87 17.05 7.56 -11.96
N ALA D 88 15.73 7.73 -12.04
CA ALA D 88 14.81 6.59 -12.02
C ALA D 88 14.02 6.64 -13.29
N THR D 89 13.77 5.47 -13.87
CA THR D 89 13.01 5.38 -15.10
C THR D 89 11.96 4.32 -14.98
N ARG D 90 10.89 4.51 -15.75
CA ARG D 90 9.94 3.47 -16.04
C ARG D 90 10.06 3.25 -17.53
N CYS D 91 10.28 2.01 -17.94
CA CYS D 91 10.36 1.66 -19.37
C CYS D 91 9.30 0.64 -19.69
N VAL D 92 9.15 0.42 -20.98
CA VAL D 92 8.31 -0.65 -21.51
C VAL D 92 9.17 -1.45 -22.46
N ALA D 93 9.30 -2.73 -22.21
CA ALA D 93 9.95 -3.66 -23.14
C ALA D 93 8.88 -4.21 -24.06
N ARG D 94 9.03 -4.01 -25.36
CA ARG D 94 8.10 -4.55 -26.37
C ARG D 94 8.90 -5.48 -27.26
N GLY D 95 8.27 -6.56 -27.69
CA GLY D 95 8.93 -7.50 -28.53
C GLY D 95 7.95 -8.57 -28.91
N THR D 96 8.44 -9.60 -29.60
CA THR D 96 7.59 -10.69 -30.00
C THR D 96 8.19 -12.01 -29.60
N HIS D 97 7.29 -13.01 -29.56
CA HIS D 97 7.62 -14.38 -29.42
C HIS D 97 8.01 -15.01 -30.76
N SER D 98 9.20 -14.73 -31.21
CA SER D 98 9.69 -15.14 -32.55
C SER D 98 10.73 -16.29 -32.53
N ILE D 99 11.27 -16.60 -31.36
CA ILE D 99 12.20 -17.69 -31.12
C ILE D 99 11.56 -18.62 -30.10
N GLU D 100 11.73 -19.93 -30.26
CA GLU D 100 11.22 -20.91 -29.32
C GLU D 100 11.89 -20.72 -27.93
N PHE D 101 11.11 -20.72 -26.86
CA PHE D 101 11.64 -20.65 -25.53
C PHE D 101 10.66 -21.21 -24.52
N MET D 102 11.21 -21.72 -23.41
CA MET D 102 10.43 -22.55 -22.45
C MET D 102 9.63 -23.66 -23.14
N GLY D 103 10.19 -24.25 -24.19
CA GLY D 103 9.53 -25.33 -24.92
C GLY D 103 8.34 -24.98 -25.78
N VAL D 104 8.00 -23.70 -25.91
CA VAL D 104 6.88 -23.28 -26.75
C VAL D 104 7.38 -22.74 -28.07
N PRO D 105 6.98 -23.31 -29.21
CA PRO D 105 7.39 -22.74 -30.52
C PRO D 105 6.84 -21.33 -30.79
N PRO D 106 7.51 -20.54 -31.63
CA PRO D 106 7.15 -19.13 -31.79
C PRO D 106 5.73 -18.96 -32.24
N THR D 107 5.05 -17.96 -31.67
CA THR D 107 3.69 -17.60 -32.06
C THR D 107 3.62 -16.29 -32.84
N GLY D 108 4.65 -15.46 -32.78
CA GLY D 108 4.57 -14.09 -33.29
C GLY D 108 3.85 -13.13 -32.36
N ARG D 109 3.21 -13.62 -31.31
CA ARG D 109 2.45 -12.75 -30.39
C ARG D 109 3.31 -11.66 -29.76
N PRO D 110 2.73 -10.45 -29.57
CA PRO D 110 3.55 -9.35 -28.99
C PRO D 110 3.52 -9.42 -27.45
N PHE D 111 4.48 -8.77 -26.82
CA PHE D 111 4.41 -8.50 -25.37
C PHE D 111 4.86 -7.10 -25.07
N GLU D 112 4.41 -6.59 -23.95
CA GLU D 112 4.66 -5.20 -23.52
C GLU D 112 4.78 -5.27 -22.01
N MET D 113 5.97 -5.14 -21.46
CA MET D 113 6.16 -5.32 -20.00
C MET D 113 6.95 -4.19 -19.35
N THR D 114 6.52 -3.85 -18.14
CA THR D 114 7.11 -2.74 -17.42
C THR D 114 8.46 -3.14 -16.84
N MET D 115 9.42 -2.21 -16.97
CA MET D 115 10.68 -2.27 -16.29
C MET D 115 10.72 -1.02 -15.42
N LEU D 116 11.14 -1.17 -14.17
CA LEU D 116 11.49 -0.04 -13.34
C LEU D 116 12.98 -0.10 -13.08
N ASN D 117 13.64 1.06 -13.15
CA ASN D 117 15.08 1.13 -12.94
C ASN D 117 15.42 2.33 -12.09
N MET D 118 16.50 2.20 -11.33
CA MET D 118 17.13 3.34 -10.69
C MET D 118 18.63 3.21 -10.91
N SER D 119 19.28 4.33 -11.20
CA SER D 119 20.71 4.35 -11.52
C SER D 119 21.36 5.52 -10.82
N ARG D 120 22.58 5.32 -10.32
CA ARG D 120 23.45 6.39 -9.84
C ARG D 120 24.46 6.71 -10.96
N VAL D 121 24.53 7.98 -11.36
CA VAL D 121 25.43 8.42 -12.44
C VAL D 121 26.48 9.41 -11.92
N ARG D 122 27.76 9.04 -12.00
CA ARG D 122 28.88 9.90 -11.61
C ARG D 122 29.81 10.12 -12.80
N ASP D 123 30.06 11.38 -13.16
CA ASP D 123 30.94 11.75 -14.27
C ASP D 123 30.45 11.18 -15.61
N GLY D 124 29.13 11.27 -15.85
CA GLY D 124 28.51 10.84 -17.09
C GLY D 124 28.42 9.34 -17.33
N ARG D 125 28.70 8.54 -16.31
CA ARG D 125 28.71 7.08 -16.38
C ARG D 125 27.89 6.47 -15.24
N ILE D 126 27.16 5.40 -15.55
CA ILE D 126 26.44 4.64 -14.54
C ILE D 126 27.45 3.88 -13.67
N VAL D 127 27.36 4.08 -12.36
CA VAL D 127 28.21 3.34 -11.40
C VAL D 127 27.44 2.39 -10.46
N GLU D 128 26.13 2.59 -10.34
CA GLU D 128 25.23 1.66 -9.68
C GLU D 128 23.89 1.64 -10.39
N HIS D 129 23.24 0.48 -10.42
CA HIS D 129 22.02 0.31 -11.18
C HIS D 129 21.17 -0.80 -10.58
N TRP D 130 19.90 -0.50 -10.36
CA TRP D 130 18.90 -1.46 -9.93
C TRP D 130 17.87 -1.55 -11.05
N THR D 131 17.41 -2.76 -11.36
CA THR D 131 16.39 -2.96 -12.36
C THR D 131 15.52 -4.18 -12.04
N ILE D 132 14.22 -4.10 -12.31
CA ILE D 132 13.31 -5.23 -12.21
C ILE D 132 12.29 -5.14 -13.34
N SER D 133 11.94 -6.27 -13.93
CA SER D 133 10.97 -6.35 -14.98
C SER D 133 9.78 -7.15 -14.53
N ASP D 134 8.60 -6.82 -15.07
CA ASP D 134 7.40 -7.55 -14.73
C ASP D 134 7.31 -8.83 -15.57
N ASN D 135 8.11 -9.82 -15.21
CA ASN D 135 8.28 -11.00 -16.05
C ASN D 135 7.00 -11.86 -16.16
N VAL D 136 6.23 -11.91 -15.07
CA VAL D 136 5.05 -12.75 -15.02
C VAL D 136 3.97 -12.20 -15.95
N THR D 137 3.85 -10.86 -16.00
CA THR D 137 2.94 -10.23 -16.91
C THR D 137 3.32 -10.48 -18.37
N MET D 138 4.62 -10.48 -18.69
CA MET D 138 5.06 -10.83 -20.04
C MET D 138 4.58 -12.24 -20.41
N LEU D 139 4.83 -13.20 -19.53
CA LEU D 139 4.41 -14.56 -19.78
C LEU D 139 2.88 -14.69 -19.93
N ALA D 140 2.13 -13.96 -19.09
CA ALA D 140 0.68 -13.94 -19.20
C ALA D 140 0.24 -13.39 -20.55
N GLN D 141 0.81 -12.26 -20.97
CA GLN D 141 0.51 -11.70 -22.28
C GLN D 141 0.80 -12.68 -23.42
N LEU D 142 1.90 -13.46 -23.35
CA LEU D 142 2.19 -14.41 -24.39
C LEU D 142 1.27 -15.62 -24.45
N GLY D 143 0.47 -15.88 -23.39
CA GLY D 143 -0.64 -16.86 -23.45
C GLY D 143 -2.07 -16.31 -23.62
N VAL D 144 -2.29 -15.51 -24.67
CA VAL D 144 -3.57 -14.85 -24.99
C VAL D 144 -4.57 -14.69 -23.83
N GLN E 7 25.47 -18.56 9.84
CA GLN E 7 25.01 -17.30 10.58
C GLN E 7 25.89 -16.03 10.73
N PRO E 8 27.23 -16.16 10.78
CA PRO E 8 28.09 -14.97 11.00
C PRO E 8 27.86 -13.75 10.09
N SER E 9 27.48 -13.96 8.82
CA SER E 9 27.20 -12.85 7.92
C SER E 9 26.02 -11.99 8.40
N ASP E 10 25.06 -12.60 9.10
CA ASP E 10 23.90 -11.88 9.66
C ASP E 10 24.29 -11.07 10.87
N THR E 11 25.15 -11.65 11.73
CA THR E 11 25.71 -10.89 12.86
C THR E 11 26.32 -9.56 12.41
N ILE E 12 27.07 -9.59 11.31
CA ILE E 12 27.75 -8.40 10.81
C ILE E 12 26.76 -7.45 10.10
N ALA E 13 25.79 -7.98 9.38
CA ALA E 13 24.75 -7.13 8.78
C ALA E 13 23.94 -6.43 9.88
N GLY E 14 23.63 -7.19 10.94
CA GLY E 14 22.91 -6.65 12.08
C GLY E 14 23.69 -5.57 12.82
N LEU E 15 24.99 -5.81 12.99
CA LEU E 15 25.91 -4.86 13.61
C LEU E 15 25.84 -3.47 12.97
N TYR E 16 25.91 -3.42 11.65
CA TYR E 16 25.88 -2.13 10.95
C TYR E 16 24.47 -1.51 10.90
N GLU E 17 23.42 -2.33 10.81
CA GLU E 17 22.04 -1.82 10.98
C GLU E 17 21.88 -1.18 12.36
N ALA E 18 22.47 -1.79 13.38
CA ALA E 18 22.43 -1.27 14.76
C ALA E 18 23.21 0.05 14.93
N PHE E 19 24.43 0.10 14.39
CA PHE E 19 25.20 1.35 14.40
C PHE E 19 24.44 2.47 13.68
N ASN E 20 23.80 2.17 12.56
CA ASN E 20 23.05 3.19 11.80
C ASN E 20 21.81 3.73 12.53
N SER E 21 21.13 2.88 13.27
CA SER E 21 19.91 3.26 14.02
C SER E 21 20.15 3.69 15.48
N GLY E 22 21.40 3.65 15.95
CA GLY E 22 21.75 4.07 17.32
C GLY E 22 21.30 3.08 18.39
N ASP E 23 21.17 1.80 18.00
CA ASP E 23 20.53 0.76 18.78
C ASP E 23 21.56 0.04 19.69
N LEU E 24 21.87 0.68 20.80
CA LEU E 24 22.85 0.17 21.76
C LEU E 24 22.49 -1.19 22.38
N GLU E 25 21.18 -1.50 22.54
CA GLU E 25 20.78 -2.80 23.10
C GLU E 25 21.24 -3.94 22.18
N THR E 26 20.97 -3.80 20.88
CA THR E 26 21.41 -4.81 19.91
C THR E 26 22.94 -4.91 19.83
N LEU E 27 23.63 -3.77 19.82
CA LEU E 27 25.09 -3.78 19.73
C LEU E 27 25.71 -4.55 20.87
N ARG E 28 25.13 -4.44 22.07
CA ARG E 28 25.62 -5.20 23.22
C ARG E 28 25.27 -6.70 23.15
N GLU E 29 24.17 -7.04 22.47
CA GLU E 29 23.86 -8.44 22.17
C GLU E 29 24.87 -9.02 21.16
N LEU E 30 25.14 -8.27 20.09
CA LEU E 30 26.02 -8.73 19.00
C LEU E 30 27.54 -8.63 19.22
N ILE E 31 27.99 -7.97 20.30
CA ILE E 31 29.43 -7.85 20.57
C ILE E 31 29.72 -8.32 22.00
N ALA E 32 30.61 -9.29 22.16
CA ALA E 32 31.00 -9.72 23.50
C ALA E 32 31.63 -8.57 24.27
N PRO E 33 31.39 -8.47 25.59
CA PRO E 33 31.99 -7.39 26.40
C PRO E 33 33.50 -7.35 26.37
N ASP E 34 34.11 -8.53 26.36
CA ASP E 34 35.56 -8.70 26.35
C ASP E 34 36.11 -8.99 24.93
N ALA E 35 35.36 -8.59 23.90
CA ALA E 35 35.82 -8.71 22.52
C ALA E 35 37.06 -7.83 22.34
N VAL E 36 37.99 -8.27 21.50
CA VAL E 36 39.20 -7.49 21.24
C VAL E 36 38.99 -6.68 19.95
N ILE E 37 38.94 -5.35 20.10
CA ILE E 37 38.65 -4.45 18.98
C ILE E 37 39.92 -3.69 18.57
N HIS E 38 40.38 -3.97 17.36
CA HIS E 38 41.55 -3.32 16.77
C HIS E 38 41.05 -2.17 15.90
N LEU E 39 41.05 -0.98 16.49
CA LEU E 39 40.70 0.23 15.80
C LEU E 39 41.94 0.80 15.18
N PRO E 40 41.79 1.56 14.08
CA PRO E 40 42.98 2.13 13.47
C PRO E 40 43.62 3.18 14.36
N GLY E 41 44.84 3.61 14.02
CA GLY E 41 45.59 4.59 14.79
C GLY E 41 44.92 5.94 14.93
N THR E 42 44.11 6.32 13.95
CA THR E 42 43.30 7.53 14.03
C THR E 42 42.37 7.54 15.24
N ALA E 43 41.93 6.36 15.70
CA ALA E 43 41.08 6.24 16.90
C ALA E 43 41.83 6.25 18.24
N GLY E 44 43.15 6.39 18.20
CA GLY E 44 43.94 6.40 19.42
C GLY E 44 43.77 7.67 20.19
N ASP E 45 44.14 7.61 21.48
CA ASP E 45 44.16 8.76 22.36
C ASP E 45 45.32 8.54 23.34
N ALA E 46 45.42 9.36 24.39
CA ALA E 46 46.49 9.22 25.39
C ALA E 46 46.41 7.89 26.15
N GLU E 47 45.22 7.56 26.63
CA GLU E 47 45.04 6.30 27.37
C GLU E 47 45.25 5.03 26.50
N HIS E 48 45.02 5.13 25.19
CA HIS E 48 45.06 3.98 24.26
C HIS E 48 45.87 4.30 22.99
N PRO E 49 47.19 4.12 23.03
CA PRO E 49 48.06 4.41 21.87
C PRO E 49 47.62 3.71 20.57
N PRO E 50 47.94 4.31 19.41
CA PRO E 50 47.70 3.66 18.11
C PRO E 50 48.16 2.20 18.09
N GLY E 51 47.26 1.32 17.66
CA GLY E 51 47.56 -0.10 17.57
C GLY E 51 47.28 -0.93 18.82
N THR E 52 46.92 -0.30 19.94
CA THR E 52 46.54 -1.06 21.13
C THR E 52 45.04 -1.35 21.03
N PRO E 53 44.64 -2.59 21.37
CA PRO E 53 43.23 -2.93 21.27
C PRO E 53 42.33 -2.29 22.32
N ARG E 54 41.04 -2.39 22.11
CA ARG E 54 40.03 -1.90 23.04
C ARG E 54 38.96 -2.97 23.22
N ASP E 55 38.18 -2.83 24.29
CA ASP E 55 37.03 -3.72 24.56
C ASP E 55 35.77 -3.14 23.90
N ARG E 56 34.65 -3.83 24.04
CA ARG E 56 33.39 -3.34 23.45
C ARG E 56 33.05 -1.92 23.86
N GLU E 57 33.09 -1.63 25.15
CA GLU E 57 32.64 -0.31 25.65
C GLU E 57 33.56 0.81 25.17
N GLY E 58 34.85 0.52 25.04
CA GLY E 58 35.80 1.44 24.42
C GLY E 58 35.43 1.77 22.98
N TRP E 59 35.10 0.75 22.20
CA TRP E 59 34.67 0.92 20.81
C TRP E 59 33.40 1.73 20.72
N LEU E 60 32.41 1.38 21.52
CA LEU E 60 31.15 2.10 21.53
C LEU E 60 31.33 3.53 21.99
N GLY E 61 32.25 3.77 22.93
CA GLY E 61 32.64 5.13 23.32
C GLY E 61 33.18 5.96 22.17
N VAL E 62 34.04 5.35 21.34
CA VAL E 62 34.57 6.00 20.15
C VAL E 62 33.45 6.26 19.15
N TRP E 63 32.60 5.28 18.91
CA TRP E 63 31.47 5.46 18.02
C TRP E 63 30.56 6.60 18.50
N GLN E 64 30.20 6.61 19.79
CA GLN E 64 29.34 7.70 20.35
C GLN E 64 29.96 9.07 20.03
N PHE E 65 31.27 9.18 20.19
CA PHE E 65 31.96 10.45 20.01
C PHE E 65 31.96 10.91 18.56
N THR E 66 32.15 9.98 17.63
CA THR E 66 32.01 10.23 16.19
C THR E 66 30.61 10.75 15.82
N GLN E 67 29.57 10.17 16.43
CA GLN E 67 28.19 10.61 16.15
C GLN E 67 27.96 12.10 16.51
N ALA E 68 28.69 12.66 17.43
CA ALA E 68 28.63 14.10 17.71
C ALA E 68 29.08 15.00 16.54
N PHE E 69 30.01 14.53 15.68
CA PHE E 69 30.48 15.34 14.52
C PHE E 69 29.83 14.96 13.20
N PHE E 70 29.36 13.73 13.10
CA PHE E 70 28.73 13.23 11.90
C PHE E 70 27.44 12.50 12.27
N PRO E 71 26.45 13.25 12.76
CA PRO E 71 25.23 12.62 13.31
C PRO E 71 24.39 11.89 12.26
N ASP E 72 24.46 12.31 11.01
CA ASP E 72 23.75 11.63 9.91
C ASP E 72 24.56 10.51 9.23
N MET E 73 25.70 10.12 9.81
CA MET E 73 26.58 9.17 9.13
C MET E 73 26.00 7.77 9.17
N THR E 74 26.07 7.08 8.04
CA THR E 74 25.61 5.70 7.91
C THR E 74 26.64 4.85 7.20
N ALA E 75 26.91 3.68 7.76
CA ALA E 75 27.75 2.66 7.13
C ALA E 75 26.86 1.63 6.44
N THR E 76 27.09 1.39 5.16
CA THR E 76 26.34 0.44 4.33
C THR E 76 27.27 -0.66 3.80
N VAL E 77 26.93 -1.92 4.05
CA VAL E 77 27.73 -3.05 3.60
C VAL E 77 27.60 -3.18 2.07
N GLN E 78 28.74 -3.17 1.36
CA GLN E 78 28.74 -3.33 -0.10
C GLN E 78 29.05 -4.76 -0.53
N ASP E 79 30.05 -5.36 0.12
CA ASP E 79 30.45 -6.73 -0.16
C ASP E 79 30.71 -7.40 1.18
N ILE E 80 30.46 -8.70 1.21
CA ILE E 80 30.58 -9.47 2.44
C ILE E 80 31.07 -10.85 2.06
N VAL E 81 31.94 -11.39 2.89
CA VAL E 81 32.70 -12.59 2.54
C VAL E 81 32.94 -13.35 3.85
N GLN E 82 32.59 -14.64 3.86
CA GLN E 82 32.76 -15.47 5.06
C GLN E 82 33.35 -16.85 4.77
N THR E 83 34.12 -17.31 5.75
CA THR E 83 34.71 -18.63 5.76
C THR E 83 34.87 -19.00 7.23
N GLY E 84 33.99 -19.89 7.69
CA GLY E 84 33.97 -20.30 9.09
C GLY E 84 33.46 -19.19 9.98
N ASP E 85 34.17 -18.97 11.08
CA ASP E 85 33.88 -17.88 12.02
C ASP E 85 34.39 -16.50 11.58
N LEU E 86 35.21 -16.39 10.51
CA LEU E 86 35.67 -15.09 10.01
C LEU E 86 34.71 -14.50 8.98
N VAL E 87 34.42 -13.20 9.11
CA VAL E 87 33.65 -12.44 8.13
C VAL E 87 34.39 -11.15 7.80
N ALA E 88 34.47 -10.83 6.52
CA ALA E 88 35.13 -9.61 6.09
C ALA E 88 34.11 -8.81 5.32
N THR E 89 34.11 -7.49 5.53
CA THR E 89 33.18 -6.63 4.85
C THR E 89 33.89 -5.44 4.26
N ARG E 90 33.30 -4.92 3.19
CA ARG E 90 33.64 -3.62 2.68
C ARG E 90 32.36 -2.80 2.86
N CYS E 91 32.48 -1.65 3.51
CA CYS E 91 31.35 -0.75 3.68
C CYS E 91 31.66 0.59 3.06
N VAL E 92 30.61 1.40 2.96
CA VAL E 92 30.75 2.77 2.55
C VAL E 92 30.10 3.63 3.62
N ALA E 93 30.87 4.54 4.20
CA ALA E 93 30.33 5.52 5.14
C ALA E 93 29.92 6.75 4.35
N ARG E 94 28.65 7.13 4.41
CA ARG E 94 28.15 8.35 3.81
C ARG E 94 27.65 9.28 4.91
N GLY E 95 27.82 10.57 4.71
CA GLY E 95 27.36 11.54 5.67
C GLY E 95 27.65 12.91 5.16
N THR E 96 27.42 13.91 6.01
CA THR E 96 27.68 15.27 5.61
C THR E 96 28.52 15.99 6.63
N HIS E 97 29.11 17.09 6.16
CA HIS E 97 29.75 18.08 6.96
C HIS E 97 28.75 19.07 7.56
N SER E 98 28.04 18.63 8.59
CA SER E 98 26.94 19.39 9.21
C SER E 98 27.29 20.01 10.58
N ILE E 99 28.40 19.60 11.18
CA ILE E 99 28.89 20.12 12.45
C ILE E 99 30.28 20.71 12.18
N GLU E 100 30.62 21.83 12.82
CA GLU E 100 31.94 22.43 12.68
C GLU E 100 33.03 21.48 13.25
N PHE E 101 34.10 21.28 12.52
CA PHE E 101 35.20 20.49 12.99
C PHE E 101 36.49 20.86 12.27
N MET E 102 37.62 20.66 12.96
CA MET E 102 38.93 21.21 12.54
C MET E 102 38.85 22.70 12.14
N GLY E 103 38.05 23.47 12.88
CA GLY E 103 37.91 24.90 12.62
C GLY E 103 37.16 25.34 11.38
N VAL E 104 36.59 24.40 10.63
CA VAL E 104 35.84 24.74 9.42
C VAL E 104 34.35 24.67 9.70
N PRO E 105 33.60 25.77 9.52
CA PRO E 105 32.13 25.69 9.70
C PRO E 105 31.42 24.79 8.69
N PRO E 106 30.24 24.25 9.07
CA PRO E 106 29.58 23.25 8.23
C PRO E 106 29.31 23.75 6.84
N THR E 107 29.52 22.90 5.84
CA THR E 107 29.21 23.20 4.45
C THR E 107 28.01 22.45 3.91
N GLY E 108 27.59 21.38 4.57
CA GLY E 108 26.60 20.47 4.02
C GLY E 108 27.15 19.51 2.97
N ARG E 109 28.40 19.68 2.55
CA ARG E 109 28.99 18.80 1.52
C ARG E 109 28.98 17.33 1.93
N PRO E 110 28.77 16.44 0.96
CA PRO E 110 28.68 15.01 1.32
C PRO E 110 30.08 14.37 1.35
N PHE E 111 30.18 13.22 2.00
CA PHE E 111 31.34 12.35 1.84
C PHE E 111 30.94 10.91 1.74
N GLU E 112 31.79 10.13 1.11
CA GLU E 112 31.54 8.71 0.82
C GLU E 112 32.90 8.04 0.95
N MET E 113 33.14 7.28 2.01
CA MET E 113 34.46 6.69 2.26
C MET E 113 34.43 5.21 2.57
N THR E 114 35.43 4.52 2.07
CA THR E 114 35.51 3.07 2.23
C THR E 114 35.94 2.71 3.65
N MET E 115 35.26 1.71 4.22
CA MET E 115 35.70 1.05 5.42
C MET E 115 35.93 -0.39 5.04
N LEU E 116 37.04 -0.96 5.49
CA LEU E 116 37.25 -2.40 5.40
C LEU E 116 37.28 -2.95 6.81
N ASN E 117 36.63 -4.10 7.00
CA ASN E 117 36.54 -4.72 8.33
C ASN E 117 36.75 -6.21 8.20
N MET E 118 37.27 -6.80 9.26
CA MET E 118 37.28 -8.24 9.44
C MET E 118 36.90 -8.54 10.86
N SER E 119 36.06 -9.55 11.07
CA SER E 119 35.52 -9.88 12.39
C SER E 119 35.51 -11.38 12.57
N ARG E 120 35.84 -11.83 13.78
CA ARG E 120 35.66 -13.23 14.20
C ARG E 120 34.37 -13.30 15.02
N VAL E 121 33.46 -14.20 14.63
CA VAL E 121 32.17 -14.35 15.30
C VAL E 121 32.01 -15.76 15.91
N ARG E 122 31.89 -15.83 17.24
CA ARG E 122 31.69 -17.09 17.96
C ARG E 122 30.37 -17.02 18.76
N ASP E 123 29.47 -17.98 18.51
CA ASP E 123 28.17 -18.07 19.17
C ASP E 123 27.31 -16.82 18.91
N GLY E 124 27.30 -16.36 17.67
CA GLY E 124 26.48 -15.21 17.26
C GLY E 124 26.92 -13.83 17.73
N ARG E 125 28.12 -13.75 18.29
CA ARG E 125 28.68 -12.50 18.84
C ARG E 125 30.09 -12.26 18.31
N ILE E 126 30.40 -11.01 18.00
CA ILE E 126 31.74 -10.60 17.62
C ILE E 126 32.67 -10.69 18.84
N VAL E 127 33.78 -11.43 18.68
CA VAL E 127 34.80 -11.54 19.73
C VAL E 127 36.16 -10.93 19.36
N GLU E 128 36.40 -10.73 18.07
CA GLU E 128 37.55 -9.96 17.59
C GLU E 128 37.14 -9.17 16.33
N HIS E 129 37.71 -8.00 16.17
CA HIS E 129 37.31 -7.11 15.09
C HIS E 129 38.46 -6.20 14.70
N TRP E 130 38.74 -6.13 13.40
CA TRP E 130 39.69 -5.19 12.83
C TRP E 130 38.90 -4.27 11.90
N THR E 131 39.21 -2.98 11.91
CA THR E 131 38.57 -2.03 11.03
C THR E 131 39.51 -0.87 10.67
N ILE E 132 39.44 -0.38 9.44
CA ILE E 132 40.12 0.84 9.01
C ILE E 132 39.20 1.59 8.06
N SER E 133 39.20 2.93 8.15
CA SER E 133 38.45 3.74 7.23
C SER E 133 39.40 4.62 6.44
N ASP E 134 39.01 4.97 5.22
CA ASP E 134 39.83 5.82 4.39
C ASP E 134 39.62 7.29 4.76
N ASN E 135 40.18 7.70 5.88
CA ASN E 135 39.91 9.01 6.46
C ASN E 135 40.41 10.18 5.59
N VAL E 136 41.53 9.98 4.92
CA VAL E 136 42.15 11.02 4.13
C VAL E 136 41.28 11.34 2.91
N THR E 137 40.70 10.30 2.31
CA THR E 137 39.77 10.48 1.22
C THR E 137 38.51 11.24 1.66
N MET E 138 38.01 10.97 2.87
CA MET E 138 36.89 11.73 3.39
C MET E 138 37.23 13.22 3.48
N LEU E 139 38.39 13.53 4.08
CA LEU E 139 38.82 14.91 4.18
C LEU E 139 39.00 15.58 2.81
N ALA E 140 39.56 14.84 1.85
CA ALA E 140 39.70 15.34 0.48
C ALA E 140 38.34 15.65 -0.12
N GLN E 141 37.39 14.72 -0.01
CA GLN E 141 36.03 14.97 -0.48
C GLN E 141 35.39 16.20 0.15
N LEU E 142 35.61 16.45 1.44
CA LEU E 142 35.04 17.63 2.07
C LEU E 142 35.67 18.95 1.67
N GLY E 143 36.86 18.93 1.05
CA GLY E 143 37.51 20.15 0.54
C GLY E 143 37.53 20.34 -0.97
N VAL E 144 38.34 19.48 -1.61
CA VAL E 144 38.31 19.11 -3.09
C VAL E 144 38.86 20.16 -4.08
N GLN F 7 42.79 -21.55 -7.31
CA GLN F 7 41.89 -21.03 -6.27
C GLN F 7 42.25 -19.54 -6.04
N PRO F 8 41.23 -18.63 -5.96
CA PRO F 8 41.50 -17.23 -5.63
C PRO F 8 42.41 -16.92 -4.42
N SER F 9 42.37 -17.75 -3.38
CA SER F 9 43.24 -17.54 -2.20
C SER F 9 44.73 -17.66 -2.57
N ASP F 10 45.05 -18.48 -3.57
CA ASP F 10 46.44 -18.65 -4.05
C ASP F 10 46.88 -17.45 -4.86
N THR F 11 46.00 -16.92 -5.72
CA THR F 11 46.26 -15.68 -6.44
C THR F 11 46.72 -14.55 -5.49
N ILE F 12 46.03 -14.42 -4.35
CA ILE F 12 46.35 -13.36 -3.39
C ILE F 12 47.60 -13.68 -2.59
N ALA F 13 47.82 -14.94 -2.22
CA ALA F 13 49.08 -15.32 -1.56
C ALA F 13 50.27 -15.08 -2.51
N GLY F 14 50.09 -15.41 -3.78
CA GLY F 14 51.11 -15.18 -4.81
C GLY F 14 51.41 -13.71 -5.01
N LEU F 15 50.34 -12.89 -5.03
CA LEU F 15 50.46 -11.43 -5.17
C LEU F 15 51.40 -10.83 -4.12
N TYR F 16 51.23 -11.21 -2.86
CA TYR F 16 52.07 -10.65 -1.79
C TYR F 16 53.49 -11.26 -1.77
N GLU F 17 53.64 -12.54 -2.14
CA GLU F 17 54.97 -13.12 -2.36
C GLU F 17 55.71 -12.35 -3.46
N ALA F 18 54.99 -11.97 -4.51
CA ALA F 18 55.56 -11.19 -5.63
C ALA F 18 55.96 -9.76 -5.24
N PHE F 19 55.08 -9.06 -4.51
CA PHE F 19 55.43 -7.75 -3.98
C PHE F 19 56.65 -7.80 -3.07
N ASN F 20 56.75 -8.84 -2.23
CA ASN F 20 57.88 -8.97 -1.31
C ASN F 20 59.22 -9.24 -2.01
N SER F 21 59.21 -10.01 -3.10
CA SER F 21 60.42 -10.36 -3.84
C SER F 21 60.74 -9.42 -5.02
N GLY F 22 59.90 -8.43 -5.28
CA GLY F 22 60.15 -7.47 -6.37
C GLY F 22 59.88 -8.01 -7.76
N ASP F 23 59.02 -9.02 -7.83
CA ASP F 23 58.82 -9.85 -9.01
C ASP F 23 57.72 -9.29 -9.93
N LEU F 24 58.09 -8.27 -10.70
CA LEU F 24 57.17 -7.61 -11.63
C LEU F 24 56.55 -8.50 -12.71
N GLU F 25 57.25 -9.54 -13.15
CA GLU F 25 56.70 -10.47 -14.17
C GLU F 25 55.47 -11.17 -13.59
N THR F 26 55.58 -11.72 -12.38
CA THR F 26 54.45 -12.38 -11.73
C THR F 26 53.29 -11.41 -11.45
N LEU F 27 53.60 -10.22 -10.96
CA LEU F 27 52.57 -9.22 -10.65
C LEU F 27 51.73 -8.90 -11.88
N ARG F 28 52.36 -8.84 -13.04
CA ARG F 28 51.63 -8.59 -14.28
C ARG F 28 50.82 -9.82 -14.76
N GLU F 29 51.27 -11.03 -14.41
CA GLU F 29 50.46 -12.24 -14.64
C GLU F 29 49.22 -12.24 -13.72
N LEU F 30 49.42 -11.94 -12.44
CA LEU F 30 48.36 -11.99 -11.42
C LEU F 30 47.39 -10.80 -11.36
N ILE F 31 47.66 -9.70 -12.08
CA ILE F 31 46.78 -8.53 -12.06
C ILE F 31 46.43 -8.16 -13.49
N ALA F 32 45.13 -8.09 -13.81
CA ALA F 32 44.71 -7.65 -15.13
C ALA F 32 45.17 -6.21 -15.37
N PRO F 33 45.57 -5.87 -16.61
CA PRO F 33 46.00 -4.51 -16.94
C PRO F 33 44.96 -3.42 -16.63
N ASP F 34 43.70 -3.77 -16.89
CA ASP F 34 42.56 -2.87 -16.69
C ASP F 34 41.82 -3.14 -15.35
N ALA F 35 42.51 -3.76 -14.40
CA ALA F 35 41.96 -3.95 -13.06
C ALA F 35 41.68 -2.61 -12.41
N VAL F 36 40.64 -2.52 -11.60
CA VAL F 36 40.31 -1.28 -10.89
C VAL F 36 40.90 -1.35 -9.47
N ILE F 37 41.90 -0.51 -9.19
CA ILE F 37 42.59 -0.53 -7.91
C ILE F 37 42.22 0.68 -7.06
N HIS F 38 41.54 0.42 -5.94
CA HIS F 38 41.11 1.44 -5.00
C HIS F 38 42.16 1.52 -3.90
N LEU F 39 43.10 2.44 -4.04
CA LEU F 39 44.11 2.67 -3.03
C LEU F 39 43.58 3.71 -2.07
N PRO F 40 44.07 3.70 -0.83
CA PRO F 40 43.60 4.70 0.11
C PRO F 40 44.09 6.10 -0.27
N GLY F 41 43.53 7.12 0.37
CA GLY F 41 43.84 8.51 0.11
C GLY F 41 45.30 8.92 0.23
N THR F 42 45.96 8.27 1.15
CA THR F 42 47.43 8.44 1.36
C THR F 42 48.21 8.12 0.10
N ALA F 43 47.71 7.23 -0.76
CA ALA F 43 48.37 6.90 -2.04
C ALA F 43 48.08 7.88 -3.18
N GLY F 44 47.29 8.92 -2.93
CA GLY F 44 46.94 9.88 -3.97
C GLY F 44 48.10 10.79 -4.28
N ASP F 45 47.98 11.48 -5.41
CA ASP F 45 48.92 12.53 -5.80
C ASP F 45 48.10 13.61 -6.53
N ALA F 46 48.76 14.56 -7.18
CA ALA F 46 48.09 15.62 -7.92
C ALA F 46 47.27 15.09 -9.11
N GLU F 47 47.87 14.23 -9.91
CA GLU F 47 47.17 13.64 -11.06
C GLU F 47 46.00 12.72 -10.68
N HIS F 48 46.05 12.11 -9.48
CA HIS F 48 45.06 11.11 -9.02
C HIS F 48 44.58 11.40 -7.60
N PRO F 49 43.56 12.25 -7.43
CA PRO F 49 43.05 12.63 -6.11
C PRO F 49 42.67 11.43 -5.22
N PRO F 50 42.75 11.59 -3.88
CA PRO F 50 42.24 10.61 -2.94
C PRO F 50 40.88 10.05 -3.34
N GLY F 51 40.77 8.73 -3.38
CA GLY F 51 39.52 8.06 -3.72
C GLY F 51 39.27 7.81 -5.19
N THR F 52 40.12 8.31 -6.09
CA THR F 52 39.98 7.98 -7.52
C THR F 52 40.75 6.69 -7.78
N PRO F 53 40.18 5.77 -8.55
CA PRO F 53 40.84 4.48 -8.76
C PRO F 53 42.05 4.57 -9.70
N ARG F 54 42.82 3.51 -9.74
CA ARG F 54 43.96 3.39 -10.64
C ARG F 54 43.93 2.06 -11.35
N ASP F 55 44.68 1.96 -12.43
CA ASP F 55 44.86 0.70 -13.17
C ASP F 55 46.08 -0.05 -12.61
N ARG F 56 46.39 -1.22 -13.15
CA ARG F 56 47.53 -2.00 -12.67
C ARG F 56 48.83 -1.19 -12.66
N GLU F 57 49.15 -0.54 -13.78
CA GLU F 57 50.44 0.14 -13.90
C GLU F 57 50.56 1.31 -12.93
N GLY F 58 49.44 1.99 -12.69
CA GLY F 58 49.37 3.02 -11.65
C GLY F 58 49.69 2.48 -10.28
N TRP F 59 49.11 1.34 -9.92
CA TRP F 59 49.37 0.69 -8.63
C TRP F 59 50.82 0.29 -8.51
N LEU F 60 51.34 -0.36 -9.55
CA LEU F 60 52.73 -0.79 -9.52
C LEU F 60 53.68 0.40 -9.49
N GLY F 61 53.31 1.49 -10.15
CA GLY F 61 54.04 2.77 -10.04
C GLY F 61 54.12 3.30 -8.62
N VAL F 62 53.02 3.23 -7.90
CA VAL F 62 52.98 3.64 -6.49
C VAL F 62 53.85 2.70 -5.66
N TRP F 63 53.70 1.41 -5.86
CA TRP F 63 54.53 0.45 -5.16
C TRP F 63 56.03 0.69 -5.43
N GLN F 64 56.42 0.85 -6.69
CA GLN F 64 57.83 1.13 -7.04
C GLN F 64 58.35 2.35 -6.25
N PHE F 65 57.53 3.39 -6.15
CA PHE F 65 57.94 4.62 -5.49
C PHE F 65 58.11 4.43 -3.98
N THR F 66 57.22 3.67 -3.36
CA THR F 66 57.35 3.26 -1.97
C THR F 66 58.62 2.47 -1.70
N GLN F 67 59.01 1.59 -2.61
CA GLN F 67 60.25 0.80 -2.43
C GLN F 67 61.50 1.68 -2.32
N ALA F 68 61.50 2.86 -2.91
CA ALA F 68 62.60 3.82 -2.67
C ALA F 68 62.77 4.29 -1.20
N PHE F 69 61.69 4.36 -0.43
CA PHE F 69 61.73 4.85 0.99
C PHE F 69 61.68 3.74 2.00
N PHE F 70 61.14 2.60 1.63
CA PHE F 70 61.03 1.45 2.52
C PHE F 70 61.48 0.21 1.76
N PRO F 71 62.77 0.14 1.42
CA PRO F 71 63.26 -0.95 0.55
C PRO F 71 63.17 -2.35 1.15
N ASP F 72 63.22 -2.46 2.47
CA ASP F 72 63.05 -3.75 3.16
C ASP F 72 61.61 -4.08 3.54
N MET F 73 60.64 -3.33 3.04
CA MET F 73 59.24 -3.53 3.45
C MET F 73 58.66 -4.85 2.94
N THR F 74 57.98 -5.57 3.81
CA THR F 74 57.32 -6.83 3.47
C THR F 74 55.91 -6.88 4.03
N ALA F 75 54.96 -7.29 3.20
CA ALA F 75 53.60 -7.59 3.64
C ALA F 75 53.47 -9.10 3.86
N THR F 76 52.99 -9.49 5.04
CA THR F 76 52.74 -10.90 5.41
C THR F 76 51.26 -11.14 5.69
N VAL F 77 50.65 -12.09 4.98
CA VAL F 77 49.24 -12.42 5.17
C VAL F 77 49.04 -13.11 6.52
N GLN F 78 48.17 -12.57 7.37
CA GLN F 78 47.86 -13.17 8.68
C GLN F 78 46.60 -14.01 8.66
N ASP F 79 45.56 -13.51 8.00
CA ASP F 79 44.29 -14.21 7.86
C ASP F 79 43.81 -14.00 6.45
N ILE F 80 43.05 -14.97 5.94
CA ILE F 80 42.59 -14.94 4.57
C ILE F 80 41.23 -15.62 4.54
N VAL F 81 40.34 -15.09 3.72
CA VAL F 81 38.91 -15.43 3.78
C VAL F 81 38.37 -15.30 2.35
N GLN F 82 37.68 -16.33 1.87
CA GLN F 82 37.14 -16.33 0.51
C GLN F 82 35.73 -16.88 0.40
N THR F 83 34.99 -16.32 -0.55
CA THR F 83 33.66 -16.75 -0.91
C THR F 83 33.48 -16.37 -2.37
N GLY F 84 33.53 -17.37 -3.24
CA GLY F 84 33.40 -17.16 -4.68
C GLY F 84 34.66 -16.51 -5.23
N ASP F 85 34.46 -15.49 -6.05
CA ASP F 85 35.54 -14.68 -6.61
C ASP F 85 36.12 -13.61 -5.65
N LEU F 86 35.48 -13.35 -4.49
CA LEU F 86 36.01 -12.38 -3.53
C LEU F 86 36.97 -13.03 -2.52
N VAL F 87 38.09 -12.36 -2.26
CA VAL F 87 39.05 -12.76 -1.21
C VAL F 87 39.38 -11.55 -0.37
N ALA F 88 39.40 -11.73 0.94
CA ALA F 88 39.75 -10.65 1.86
C ALA F 88 40.91 -11.11 2.68
N THR F 89 41.85 -10.22 2.94
CA THR F 89 43.03 -10.55 3.71
C THR F 89 43.29 -9.50 4.76
N ARG F 90 43.95 -9.93 5.83
CA ARG F 90 44.56 -9.05 6.80
C ARG F 90 46.04 -9.33 6.69
N CYS F 91 46.84 -8.29 6.50
CA CYS F 91 48.29 -8.44 6.45
C CYS F 91 48.95 -7.59 7.51
N VAL F 92 50.25 -7.80 7.67
CA VAL F 92 51.06 -6.95 8.50
C VAL F 92 52.25 -6.48 7.66
N ALA F 93 52.40 -5.16 7.53
CA ALA F 93 53.53 -4.60 6.82
C ALA F 93 54.61 -4.32 7.85
N ARG F 94 55.80 -4.90 7.64
CA ARG F 94 56.97 -4.63 8.48
C ARG F 94 58.05 -4.00 7.64
N GLY F 95 58.77 -3.05 8.22
CA GLY F 95 59.95 -2.48 7.59
C GLY F 95 60.79 -1.79 8.63
N THR F 96 61.82 -1.09 8.20
CA THR F 96 62.68 -0.34 9.11
C THR F 96 62.82 1.11 8.71
N HIS F 97 63.07 1.91 9.71
CA HIS F 97 63.02 3.37 9.60
C HIS F 97 64.44 3.85 9.23
N SER F 98 64.72 3.79 7.92
CA SER F 98 66.03 4.17 7.40
C SER F 98 66.14 5.55 6.73
N ILE F 99 65.01 6.20 6.48
CA ILE F 99 65.02 7.53 5.82
C ILE F 99 64.39 8.54 6.76
N GLU F 100 64.94 9.75 6.81
CA GLU F 100 64.37 10.84 7.66
C GLU F 100 63.02 11.21 7.13
N PHE F 101 62.02 11.35 8.02
CA PHE F 101 60.69 11.91 7.64
C PHE F 101 60.28 13.00 8.63
N MET F 102 59.67 14.07 8.17
CA MET F 102 59.20 15.18 9.02
C MET F 102 60.28 15.65 10.01
N GLY F 103 61.52 15.71 9.54
CA GLY F 103 62.62 16.19 10.38
C GLY F 103 63.11 15.28 11.50
N VAL F 104 62.60 14.06 11.58
CA VAL F 104 63.03 13.11 12.59
C VAL F 104 63.97 12.06 11.93
N PRO F 105 65.22 11.95 12.45
CA PRO F 105 66.21 11.13 11.75
C PRO F 105 65.91 9.64 11.78
N PRO F 106 66.49 8.87 10.84
CA PRO F 106 66.35 7.41 10.87
C PRO F 106 66.81 6.82 12.20
N THR F 107 66.08 5.84 12.68
CA THR F 107 66.46 5.12 13.89
C THR F 107 66.95 3.69 13.62
N GLY F 108 66.60 3.11 12.47
CA GLY F 108 66.81 1.68 12.25
C GLY F 108 65.79 0.77 12.96
N ARG F 109 64.94 1.33 13.83
CA ARG F 109 63.91 0.57 14.50
C ARG F 109 62.93 -0.05 13.47
N PRO F 110 62.36 -1.22 13.79
CA PRO F 110 61.28 -1.78 13.04
C PRO F 110 59.92 -1.14 13.24
N PHE F 111 59.04 -1.29 12.26
CA PHE F 111 57.64 -0.88 12.39
C PHE F 111 56.72 -1.93 11.76
N GLU F 112 55.47 -1.93 12.22
CA GLU F 112 54.53 -2.98 12.03
C GLU F 112 53.15 -2.32 11.90
N MET F 113 52.51 -2.44 10.72
CA MET F 113 51.15 -1.91 10.59
C MET F 113 50.19 -2.86 9.92
N THR F 114 48.94 -2.82 10.32
CA THR F 114 47.90 -3.63 9.70
C THR F 114 47.49 -3.07 8.35
N MET F 115 47.32 -3.99 7.39
CA MET F 115 46.68 -3.71 6.12
C MET F 115 45.47 -4.60 6.05
N LEU F 116 44.34 -4.07 5.61
CA LEU F 116 43.18 -4.87 5.24
C LEU F 116 42.97 -4.72 3.74
N ASN F 117 42.65 -5.82 3.08
CA ASN F 117 42.45 -5.83 1.63
C ASN F 117 41.26 -6.68 1.26
N MET F 118 40.61 -6.31 0.16
CA MET F 118 39.62 -7.14 -0.47
C MET F 118 39.86 -7.11 -1.97
N SER F 119 39.78 -8.26 -2.62
CA SER F 119 40.10 -8.39 -4.05
C SER F 119 39.09 -9.28 -4.72
N ARG F 120 38.69 -8.92 -5.94
CA ARG F 120 37.89 -9.77 -6.81
C ARG F 120 38.83 -10.44 -7.82
N VAL F 121 38.78 -11.77 -7.89
CA VAL F 121 39.64 -12.55 -8.79
C VAL F 121 38.84 -13.32 -9.85
N ARG F 122 39.04 -12.99 -11.13
CA ARG F 122 38.39 -13.69 -12.26
C ARG F 122 39.45 -14.29 -13.18
N ASP F 123 39.38 -15.61 -13.40
CA ASP F 123 40.32 -16.35 -14.26
C ASP F 123 41.77 -16.25 -13.76
N GLY F 124 41.94 -16.40 -12.45
CA GLY F 124 43.27 -16.39 -11.82
C GLY F 124 43.98 -15.04 -11.73
N ARG F 125 43.27 -13.96 -12.04
CA ARG F 125 43.83 -12.60 -12.04
C ARG F 125 42.94 -11.64 -11.25
N ILE F 126 43.58 -10.74 -10.52
CA ILE F 126 42.88 -9.68 -9.80
C ILE F 126 42.31 -8.67 -10.80
N VAL F 127 41.01 -8.42 -10.72
CA VAL F 127 40.34 -7.42 -11.57
C VAL F 127 39.78 -6.21 -10.78
N GLU F 128 39.60 -6.36 -9.47
CA GLU F 128 39.31 -5.23 -8.59
C GLU F 128 39.99 -5.46 -7.24
N HIS F 129 40.40 -4.37 -6.61
CA HIS F 129 41.16 -4.47 -5.37
C HIS F 129 40.94 -3.23 -4.53
N TRP F 130 40.62 -3.43 -3.25
CA TRP F 130 40.55 -2.38 -2.25
C TRP F 130 41.59 -2.68 -1.21
N THR F 131 42.28 -1.65 -0.74
CA THR F 131 43.27 -1.79 0.33
C THR F 131 43.34 -0.53 1.19
N ILE F 132 43.53 -0.71 2.49
CA ILE F 132 43.81 0.40 3.42
C ILE F 132 44.84 -0.08 4.43
N SER F 133 45.77 0.80 4.79
CA SER F 133 46.78 0.52 5.79
C SER F 133 46.62 1.45 6.96
N ASP F 134 47.06 1.01 8.13
CA ASP F 134 47.01 1.84 9.32
C ASP F 134 48.16 2.87 9.32
N ASN F 135 47.99 3.90 8.52
CA ASN F 135 49.03 4.90 8.29
C ASN F 135 49.42 5.70 9.51
N VAL F 136 48.44 6.00 10.36
CA VAL F 136 48.71 6.84 11.55
C VAL F 136 49.57 6.08 12.54
N THR F 137 49.31 4.79 12.68
CA THR F 137 50.15 3.93 13.50
C THR F 137 51.58 3.84 12.97
N MET F 138 51.75 3.77 11.66
CA MET F 138 53.10 3.80 11.07
C MET F 138 53.82 5.08 11.47
N LEU F 139 53.18 6.23 11.29
CA LEU F 139 53.78 7.50 11.67
C LEU F 139 54.11 7.56 13.17
N ALA F 140 53.21 7.05 14.01
CA ALA F 140 53.49 6.98 15.44
C ALA F 140 54.72 6.12 15.73
N GLN F 141 54.79 4.93 15.14
CA GLN F 141 55.96 4.08 15.26
C GLN F 141 57.26 4.77 14.84
N LEU F 142 57.21 5.65 13.84
CA LEU F 142 58.40 6.46 13.47
C LEU F 142 58.78 7.45 14.59
N GLN G 7 -35.33 -33.74 -15.90
CA GLN G 7 -35.74 -32.94 -14.71
C GLN G 7 -34.69 -31.84 -14.52
N PRO G 8 -35.12 -30.56 -14.27
CA PRO G 8 -34.15 -29.49 -13.98
C PRO G 8 -33.07 -29.75 -12.92
N SER G 9 -33.36 -30.54 -11.89
CA SER G 9 -32.37 -30.88 -10.86
C SER G 9 -31.17 -31.65 -11.44
N ASP G 10 -31.42 -32.44 -12.49
CA ASP G 10 -30.35 -33.21 -13.18
C ASP G 10 -29.50 -32.30 -14.05
N THR G 11 -30.13 -31.35 -14.74
CA THR G 11 -29.38 -30.33 -15.49
C THR G 11 -28.33 -29.64 -14.61
N ILE G 12 -28.71 -29.29 -13.38
CA ILE G 12 -27.82 -28.58 -12.47
C ILE G 12 -26.77 -29.52 -11.87
N ALA G 13 -27.14 -30.76 -11.56
CA ALA G 13 -26.15 -31.74 -11.09
C ALA G 13 -25.12 -32.02 -12.19
N GLY G 14 -25.60 -32.14 -13.43
CA GLY G 14 -24.74 -32.33 -14.59
C GLY G 14 -23.79 -31.16 -14.83
N LEU G 15 -24.32 -29.95 -14.69
CA LEU G 15 -23.55 -28.72 -14.83
C LEU G 15 -22.29 -28.71 -13.93
N TYR G 16 -22.46 -29.06 -12.66
CA TYR G 16 -21.32 -29.04 -11.73
C TYR G 16 -20.38 -30.24 -11.93
N GLU G 17 -20.92 -31.41 -12.32
CA GLU G 17 -20.05 -32.54 -12.74
C GLU G 17 -19.19 -32.13 -13.95
N ALA G 18 -19.78 -31.37 -14.87
CA ALA G 18 -19.06 -30.87 -16.05
C ALA G 18 -17.98 -29.83 -15.72
N PHE G 19 -18.31 -28.87 -14.87
CA PHE G 19 -17.32 -27.90 -14.39
C PHE G 19 -16.15 -28.61 -13.68
N ASN G 20 -16.45 -29.62 -12.88
CA ASN G 20 -15.40 -30.36 -12.15
C ASN G 20 -14.46 -31.18 -13.06
N SER G 21 -15.00 -31.74 -14.12
CA SER G 21 -14.20 -32.56 -15.07
C SER G 21 -13.64 -31.78 -16.28
N GLY G 22 -13.93 -30.49 -16.39
CA GLY G 22 -13.42 -29.64 -17.49
C GLY G 22 -14.10 -29.92 -18.83
N ASP G 23 -15.34 -30.41 -18.77
CA ASP G 23 -16.05 -30.98 -19.91
C ASP G 23 -16.86 -29.89 -20.67
N LEU G 24 -16.15 -29.12 -21.49
CA LEU G 24 -16.77 -28.03 -22.25
C LEU G 24 -17.89 -28.44 -23.21
N GLU G 25 -17.83 -29.67 -23.77
CA GLU G 25 -18.90 -30.14 -24.68
C GLU G 25 -20.22 -30.23 -23.91
N THR G 26 -20.22 -30.85 -22.75
CA THR G 26 -21.43 -30.93 -21.93
C THR G 26 -21.93 -29.55 -21.47
N LEU G 27 -21.02 -28.68 -21.04
CA LEU G 27 -21.40 -27.35 -20.57
C LEU G 27 -22.14 -26.59 -21.66
N ARG G 28 -21.72 -26.74 -22.91
CA ARG G 28 -22.41 -26.09 -24.03
C ARG G 28 -23.76 -26.75 -24.37
N GLU G 29 -23.91 -28.04 -24.09
CA GLU G 29 -25.22 -28.70 -24.19
C GLU G 29 -26.17 -28.18 -23.09
N LEU G 30 -25.67 -28.11 -21.86
CA LEU G 30 -26.49 -27.72 -20.70
C LEU G 30 -26.75 -26.22 -20.49
N ILE G 31 -26.08 -25.34 -21.24
CA ILE G 31 -26.29 -23.89 -21.09
C ILE G 31 -26.60 -23.28 -22.46
N ALA G 32 -27.73 -22.59 -22.57
CA ALA G 32 -28.06 -21.90 -23.82
C ALA G 32 -27.00 -20.85 -24.13
N PRO G 33 -26.66 -20.65 -25.41
CA PRO G 33 -25.65 -19.63 -25.79
C PRO G 33 -26.00 -18.22 -25.35
N ASP G 34 -27.29 -17.88 -25.43
CA ASP G 34 -27.82 -16.58 -25.06
C ASP G 34 -28.43 -16.56 -23.64
N ALA G 35 -28.01 -17.49 -22.79
CA ALA G 35 -28.44 -17.51 -21.39
C ALA G 35 -27.93 -16.25 -20.71
N VAL G 36 -28.70 -15.72 -19.76
CA VAL G 36 -28.30 -14.52 -19.03
C VAL G 36 -27.64 -14.96 -17.71
N ILE G 37 -26.35 -14.70 -17.58
CA ILE G 37 -25.59 -15.13 -16.41
C ILE G 37 -25.23 -13.93 -15.52
N HIS G 38 -25.80 -13.94 -14.31
CA HIS G 38 -25.55 -12.90 -13.33
C HIS G 38 -24.46 -13.41 -12.39
N LEU G 39 -23.22 -13.00 -12.69
CA LEU G 39 -22.10 -13.32 -11.85
C LEU G 39 -21.94 -12.23 -10.83
N PRO G 40 -21.35 -12.57 -9.68
CA PRO G 40 -21.15 -11.53 -8.66
C PRO G 40 -20.15 -10.48 -9.13
N GLY G 41 -20.10 -9.36 -8.40
CA GLY G 41 -19.23 -8.23 -8.75
C GLY G 41 -17.74 -8.57 -8.75
N THR G 42 -17.32 -9.56 -7.96
CA THR G 42 -15.96 -10.07 -8.01
C THR G 42 -15.55 -10.55 -9.40
N ALA G 43 -16.51 -11.06 -10.18
CA ALA G 43 -16.26 -11.50 -11.55
C ALA G 43 -16.24 -10.39 -12.61
N GLY G 44 -16.41 -9.14 -12.21
CA GLY G 44 -16.41 -8.02 -13.14
C GLY G 44 -15.02 -7.73 -13.65
N ASP G 45 -14.97 -7.00 -14.74
CA ASP G 45 -13.74 -6.62 -15.43
C ASP G 45 -14.04 -5.21 -16.03
N ALA G 46 -13.11 -4.68 -16.82
CA ALA G 46 -13.32 -3.38 -17.47
C ALA G 46 -14.46 -3.43 -18.50
N GLU G 47 -14.45 -4.44 -19.36
CA GLU G 47 -15.48 -4.61 -20.37
C GLU G 47 -16.89 -4.90 -19.78
N HIS G 48 -16.95 -5.50 -18.59
CA HIS G 48 -18.21 -5.95 -17.95
C HIS G 48 -18.30 -5.53 -16.48
N PRO G 49 -18.78 -4.30 -16.20
CA PRO G 49 -18.88 -3.80 -14.81
C PRO G 49 -19.65 -4.73 -13.86
N PRO G 50 -19.32 -4.68 -12.55
CA PRO G 50 -20.06 -5.44 -11.55
C PRO G 50 -21.58 -5.29 -11.71
N GLY G 51 -22.29 -6.41 -11.73
CA GLY G 51 -23.72 -6.42 -11.88
C GLY G 51 -24.29 -6.40 -13.29
N THR G 52 -23.43 -6.30 -14.31
CA THR G 52 -23.89 -6.44 -15.70
C THR G 52 -23.84 -7.91 -16.05
N PRO G 53 -24.87 -8.43 -16.73
CA PRO G 53 -24.90 -9.86 -17.03
C PRO G 53 -23.92 -10.26 -18.13
N ARG G 54 -23.73 -11.55 -18.29
CA ARG G 54 -22.90 -12.12 -19.32
C ARG G 54 -23.62 -13.26 -20.00
N ASP G 55 -23.14 -13.64 -21.18
CA ASP G 55 -23.66 -14.79 -21.94
C ASP G 55 -22.88 -16.05 -21.53
N ARG G 56 -23.24 -17.20 -22.11
CA ARG G 56 -22.55 -18.44 -21.80
C ARG G 56 -21.03 -18.37 -21.95
N GLU G 57 -20.57 -17.86 -23.09
CA GLU G 57 -19.13 -17.89 -23.38
C GLU G 57 -18.36 -16.97 -22.44
N GLY G 58 -18.98 -15.86 -22.05
CA GLY G 58 -18.43 -14.99 -21.02
C GLY G 58 -18.24 -15.70 -19.68
N TRP G 59 -19.25 -16.46 -19.26
CA TRP G 59 -19.20 -17.24 -18.03
C TRP G 59 -18.11 -18.29 -18.10
N LEU G 60 -18.08 -19.04 -19.20
CA LEU G 60 -17.08 -20.08 -19.38
C LEU G 60 -15.67 -19.47 -19.44
N GLY G 61 -15.54 -18.28 -20.04
CA GLY G 61 -14.29 -17.54 -20.01
C GLY G 61 -13.80 -17.21 -18.60
N VAL G 62 -14.73 -16.79 -17.74
CA VAL G 62 -14.42 -16.52 -16.33
C VAL G 62 -14.03 -17.80 -15.62
N TRP G 63 -14.80 -18.87 -15.82
CA TRP G 63 -14.44 -20.14 -15.23
C TRP G 63 -13.05 -20.61 -15.67
N GLN G 64 -12.76 -20.56 -16.98
CA GLN G 64 -11.42 -20.97 -17.48
C GLN G 64 -10.31 -20.20 -16.73
N PHE G 65 -10.53 -18.92 -16.54
CA PHE G 65 -9.53 -18.06 -15.92
C PHE G 65 -9.29 -18.38 -14.45
N THR G 66 -10.36 -18.67 -13.73
CA THR G 66 -10.29 -19.19 -12.36
C THR G 66 -9.49 -20.51 -12.27
N GLN G 67 -9.68 -21.40 -13.22
CA GLN G 67 -8.95 -22.67 -13.23
C GLN G 67 -7.41 -22.49 -13.30
N ALA G 68 -6.95 -21.41 -13.87
CA ALA G 68 -5.51 -21.08 -13.84
C ALA G 68 -4.93 -20.84 -12.43
N PHE G 69 -5.74 -20.35 -11.48
CA PHE G 69 -5.27 -20.06 -10.12
C PHE G 69 -5.65 -21.13 -9.10
N PHE G 70 -6.72 -21.86 -9.38
CA PHE G 70 -7.19 -22.91 -8.51
C PHE G 70 -7.50 -24.14 -9.35
N PRO G 71 -6.44 -24.76 -9.91
CA PRO G 71 -6.64 -25.85 -10.86
C PRO G 71 -7.28 -27.12 -10.27
N ASP G 72 -7.08 -27.35 -8.99
CA ASP G 72 -7.69 -28.48 -8.27
C ASP G 72 -9.07 -28.16 -7.67
N MET G 73 -9.67 -27.00 -8.00
CA MET G 73 -10.92 -26.61 -7.37
C MET G 73 -12.07 -27.43 -7.85
N THR G 74 -12.93 -27.86 -6.93
CA THR G 74 -14.14 -28.62 -7.26
C THR G 74 -15.33 -28.06 -6.50
N ALA G 75 -16.44 -27.88 -7.22
CA ALA G 75 -17.71 -27.49 -6.59
C ALA G 75 -18.56 -28.75 -6.39
N THR G 76 -19.04 -28.98 -5.17
CA THR G 76 -19.87 -30.11 -4.79
C THR G 76 -21.24 -29.65 -4.28
N VAL G 77 -22.31 -30.14 -4.91
CA VAL G 77 -23.67 -29.76 -4.51
C VAL G 77 -24.01 -30.38 -3.15
N GLN G 78 -24.39 -29.56 -2.18
CA GLN G 78 -24.75 -30.03 -0.83
C GLN G 78 -26.28 -30.16 -0.68
N ASP G 79 -27.01 -29.18 -1.17
CA ASP G 79 -28.47 -29.17 -1.09
C ASP G 79 -28.97 -28.66 -2.42
N ILE G 80 -30.16 -29.11 -2.80
CA ILE G 80 -30.74 -28.77 -4.08
C ILE G 80 -32.24 -28.72 -3.90
N VAL G 81 -32.87 -27.76 -4.57
CA VAL G 81 -34.25 -27.42 -4.32
C VAL G 81 -34.83 -26.95 -5.64
N GLN G 82 -35.97 -27.51 -6.04
CA GLN G 82 -36.65 -27.13 -7.29
C GLN G 82 -38.15 -26.95 -7.13
N THR G 83 -38.66 -26.05 -7.96
CA THR G 83 -40.08 -25.77 -8.10
C THR G 83 -40.26 -25.24 -9.51
N GLY G 84 -40.82 -26.08 -10.38
CA GLY G 84 -41.02 -25.74 -11.77
C GLY G 84 -39.69 -25.70 -12.52
N ASP G 85 -39.51 -24.65 -13.30
CA ASP G 85 -38.25 -24.38 -14.02
C ASP G 85 -37.12 -23.77 -13.16
N LEU G 86 -37.39 -23.33 -11.93
CA LEU G 86 -36.34 -22.80 -11.05
C LEU G 86 -35.67 -23.89 -10.21
N VAL G 87 -34.34 -23.85 -10.14
CA VAL G 87 -33.55 -24.72 -9.26
C VAL G 87 -32.57 -23.88 -8.47
N ALA G 88 -32.46 -24.15 -7.18
CA ALA G 88 -31.51 -23.45 -6.33
C ALA G 88 -30.59 -24.47 -5.71
N THR G 89 -29.32 -24.14 -5.62
CA THR G 89 -28.34 -25.05 -5.04
C THR G 89 -27.47 -24.34 -4.04
N ARG G 90 -26.97 -25.10 -3.09
CA ARG G 90 -25.90 -24.69 -2.23
C ARG G 90 -24.77 -25.64 -2.54
N CYS G 91 -23.59 -25.10 -2.87
CA CYS G 91 -22.41 -25.92 -3.12
C CYS G 91 -21.31 -25.55 -2.17
N VAL G 92 -20.26 -26.38 -2.18
CA VAL G 92 -19.04 -26.09 -1.45
C VAL G 92 -17.90 -26.18 -2.45
N ALA G 93 -17.14 -25.11 -2.60
CA ALA G 93 -15.94 -25.11 -3.42
C ALA G 93 -14.77 -25.48 -2.51
N ARG G 94 -14.07 -26.57 -2.84
CA ARG G 94 -12.84 -26.93 -2.13
C ARG G 94 -11.67 -26.86 -3.10
N GLY G 95 -10.51 -26.47 -2.60
CA GLY G 95 -9.35 -26.39 -3.41
C GLY G 95 -8.17 -25.99 -2.56
N THR G 96 -7.02 -25.74 -3.20
CA THR G 96 -5.84 -25.33 -2.46
C THR G 96 -5.22 -24.09 -3.05
N HIS G 97 -4.39 -23.46 -2.21
CA HIS G 97 -3.52 -22.39 -2.59
C HIS G 97 -2.22 -22.90 -3.21
N SER G 98 -2.31 -23.33 -4.45
CA SER G 98 -1.19 -23.98 -5.16
C SER G 98 -0.50 -23.11 -6.23
N ILE G 99 -1.12 -22.00 -6.59
CA ILE G 99 -0.58 -21.02 -7.54
C ILE G 99 -0.44 -19.69 -6.80
N GLU G 100 0.62 -18.94 -7.08
CA GLU G 100 0.83 -17.62 -6.46
C GLU G 100 -0.30 -16.65 -6.90
N PHE G 101 -0.88 -15.92 -5.97
CA PHE G 101 -1.87 -14.93 -6.30
C PHE G 101 -1.96 -13.88 -5.19
N MET G 102 -2.37 -12.67 -5.59
CA MET G 102 -2.25 -11.47 -4.74
C MET G 102 -0.88 -11.33 -4.09
N GLY G 103 0.18 -11.67 -4.81
CA GLY G 103 1.54 -11.56 -4.31
C GLY G 103 1.98 -12.55 -3.24
N VAL G 104 1.14 -13.52 -2.87
CA VAL G 104 1.51 -14.50 -1.87
C VAL G 104 1.88 -15.81 -2.55
N PRO G 105 3.11 -16.33 -2.34
CA PRO G 105 3.47 -17.63 -2.92
C PRO G 105 2.68 -18.81 -2.35
N PRO G 106 2.55 -19.90 -3.12
CA PRO G 106 1.64 -20.99 -2.72
C PRO G 106 2.00 -21.56 -1.37
N THR G 107 0.98 -21.86 -0.57
CA THR G 107 1.17 -22.50 0.73
C THR G 107 0.70 -23.96 0.75
N GLY G 108 -0.10 -24.38 -0.22
CA GLY G 108 -0.78 -25.67 -0.14
C GLY G 108 -1.99 -25.70 0.75
N ARG G 109 -2.23 -24.63 1.51
CA ARG G 109 -3.37 -24.60 2.46
C ARG G 109 -4.71 -24.82 1.77
N PRO G 110 -5.64 -25.52 2.42
CA PRO G 110 -6.93 -25.81 1.73
C PRO G 110 -7.92 -24.65 1.97
N PHE G 111 -8.96 -24.58 1.15
CA PHE G 111 -10.11 -23.73 1.44
C PHE G 111 -11.41 -24.43 1.11
N GLU G 112 -12.47 -23.97 1.75
CA GLU G 112 -13.80 -24.58 1.65
C GLU G 112 -14.76 -23.41 1.72
N MET G 113 -15.42 -23.05 0.62
CA MET G 113 -16.32 -21.89 0.61
C MET G 113 -17.69 -22.18 0.02
N THR G 114 -18.69 -21.56 0.60
CA THR G 114 -20.07 -21.72 0.15
C THR G 114 -20.31 -20.96 -1.15
N MET G 115 -21.01 -21.62 -2.08
CA MET G 115 -21.57 -20.99 -3.24
C MET G 115 -23.08 -21.18 -3.14
N LEU G 116 -23.84 -20.13 -3.39
CA LEU G 116 -25.27 -20.25 -3.55
C LEU G 116 -25.60 -19.91 -4.99
N ASN G 117 -26.50 -20.67 -5.60
CA ASN G 117 -26.88 -20.46 -7.00
C ASN G 117 -28.37 -20.61 -7.16
N MET G 118 -28.91 -19.91 -8.14
CA MET G 118 -30.27 -20.13 -8.60
C MET G 118 -30.26 -20.08 -10.12
N SER G 119 -30.98 -21.00 -10.75
CA SER G 119 -30.97 -21.15 -12.21
C SER G 119 -32.38 -21.40 -12.70
N ARG G 120 -32.70 -20.81 -13.85
CA ARG G 120 -33.93 -21.11 -14.59
C ARG G 120 -33.57 -22.08 -15.73
N VAL G 121 -34.24 -23.22 -15.79
CA VAL G 121 -33.97 -24.26 -16.80
C VAL G 121 -35.18 -24.48 -17.71
N ARG G 122 -35.03 -24.21 -19.01
CA ARG G 122 -36.07 -24.41 -20.03
C ARG G 122 -35.57 -25.36 -21.11
N ASP G 123 -36.30 -26.46 -21.33
CA ASP G 123 -35.94 -27.50 -22.30
C ASP G 123 -34.58 -28.14 -22.02
N GLY G 124 -34.31 -28.44 -20.75
CA GLY G 124 -33.08 -29.12 -20.34
C GLY G 124 -31.80 -28.29 -20.36
N ARG G 125 -31.93 -26.97 -20.55
CA ARG G 125 -30.81 -26.05 -20.65
C ARG G 125 -31.00 -24.85 -19.73
N ILE G 126 -29.92 -24.41 -19.09
CA ILE G 126 -29.93 -23.20 -18.28
C ILE G 126 -30.08 -21.97 -19.19
N VAL G 127 -31.07 -21.13 -18.92
CA VAL G 127 -31.29 -19.88 -19.66
C VAL G 127 -31.09 -18.61 -18.81
N GLU G 128 -31.16 -18.74 -17.48
CA GLU G 128 -30.78 -17.68 -16.57
C GLU G 128 -30.11 -18.29 -15.34
N HIS G 129 -29.15 -17.57 -14.78
CA HIS G 129 -28.36 -18.11 -13.67
C HIS G 129 -27.83 -16.98 -12.80
N TRP G 130 -28.05 -17.11 -11.49
CA TRP G 130 -27.46 -16.21 -10.50
C TRP G 130 -26.53 -17.05 -9.64
N THR G 131 -25.38 -16.50 -9.29
CA THR G 131 -24.43 -17.20 -8.40
C THR G 131 -23.63 -16.19 -7.57
N ILE G 132 -23.33 -16.56 -6.32
CA ILE G 132 -22.40 -15.80 -5.47
C ILE G 132 -21.57 -16.79 -4.66
N SER G 133 -20.30 -16.49 -4.46
CA SER G 133 -19.46 -17.31 -3.61
C SER G 133 -18.99 -16.50 -2.42
N ASP G 134 -18.73 -17.17 -1.31
CA ASP G 134 -18.25 -16.50 -0.13
C ASP G 134 -16.74 -16.25 -0.21
N ASN G 135 -16.35 -15.30 -1.03
CA ASN G 135 -14.95 -15.08 -1.36
C ASN G 135 -14.10 -14.62 -0.17
N VAL G 136 -14.70 -13.82 0.71
CA VAL G 136 -13.99 -13.26 1.85
C VAL G 136 -13.61 -14.36 2.83
N THR G 137 -14.52 -15.31 3.03
CA THR G 137 -14.25 -16.46 3.85
C THR G 137 -13.13 -17.32 3.27
N MET G 138 -13.08 -17.49 1.96
CA MET G 138 -11.97 -18.20 1.33
C MET G 138 -10.65 -17.54 1.66
N LEU G 139 -10.57 -16.22 1.47
CA LEU G 139 -9.35 -15.50 1.78
C LEU G 139 -8.97 -15.59 3.27
N ALA G 140 -9.96 -15.52 4.15
CA ALA G 140 -9.71 -15.70 5.58
C ALA G 140 -9.15 -17.09 5.87
N GLN G 141 -9.78 -18.14 5.32
CA GLN G 141 -9.25 -19.49 5.46
C GLN G 141 -7.81 -19.64 4.98
N LEU G 142 -7.44 -18.99 3.86
CA LEU G 142 -6.07 -19.08 3.38
C LEU G 142 -5.04 -18.36 4.23
N GLY G 143 -5.46 -17.47 5.14
CA GLY G 143 -4.54 -16.93 6.20
C GLY G 143 -4.67 -17.57 7.61
N VAL G 144 -4.56 -18.91 7.67
CA VAL G 144 -4.66 -19.83 8.86
C VAL G 144 -6.03 -19.95 9.57
N HIS H 6 -46.77 -22.90 9.72
CA HIS H 6 -46.68 -22.16 8.43
C HIS H 6 -46.01 -23.02 7.35
N GLN H 7 -46.59 -23.06 6.13
CA GLN H 7 -45.87 -23.57 4.94
C GLN H 7 -44.51 -22.83 4.82
N PRO H 8 -43.39 -23.57 4.61
CA PRO H 8 -42.05 -22.92 4.69
C PRO H 8 -41.83 -21.67 3.83
N SER H 9 -42.44 -21.58 2.66
CA SER H 9 -42.31 -20.39 1.81
C SER H 9 -42.87 -19.12 2.48
N ASP H 10 -43.90 -19.29 3.33
CA ASP H 10 -44.48 -18.16 4.09
C ASP H 10 -43.59 -17.74 5.23
N THR H 11 -42.98 -18.69 5.92
CA THR H 11 -41.96 -18.38 6.94
C THR H 11 -40.89 -17.44 6.40
N ILE H 12 -40.40 -17.72 5.18
CA ILE H 12 -39.35 -16.92 4.58
C ILE H 12 -39.87 -15.59 4.06
N ALA H 13 -41.07 -15.56 3.49
CA ALA H 13 -41.68 -14.27 3.08
C ALA H 13 -41.92 -13.39 4.31
N GLY H 14 -42.37 -14.00 5.41
CA GLY H 14 -42.59 -13.29 6.67
C GLY H 14 -41.30 -12.76 7.26
N LEU H 15 -40.25 -13.56 7.21
CA LEU H 15 -38.91 -13.18 7.69
C LEU H 15 -38.44 -11.87 7.05
N TYR H 16 -38.56 -11.73 5.75
CA TYR H 16 -38.10 -10.51 5.07
C TYR H 16 -39.06 -9.32 5.27
N GLU H 17 -40.36 -9.58 5.36
CA GLU H 17 -41.33 -8.52 5.75
C GLU H 17 -40.98 -8.00 7.15
N ALA H 18 -40.58 -8.90 8.05
CA ALA H 18 -40.17 -8.53 9.42
C ALA H 18 -38.87 -7.73 9.47
N PHE H 19 -37.85 -8.17 8.73
CA PHE H 19 -36.62 -7.39 8.62
C PHE H 19 -36.88 -5.99 8.05
N ASN H 20 -37.75 -5.89 7.05
CA ASN H 20 -38.07 -4.58 6.43
C ASN H 20 -38.81 -3.61 7.37
N SER H 21 -39.69 -4.14 8.22
CA SER H 21 -40.48 -3.32 9.15
C SER H 21 -39.86 -3.16 10.56
N GLY H 22 -38.71 -3.79 10.82
CA GLY H 22 -38.06 -3.68 12.12
C GLY H 22 -38.71 -4.47 13.23
N ASP H 23 -39.43 -5.52 12.85
CA ASP H 23 -40.35 -6.26 13.72
C ASP H 23 -39.64 -7.42 14.44
N LEU H 24 -38.89 -7.09 15.49
CA LEU H 24 -38.13 -8.09 16.26
C LEU H 24 -38.98 -9.18 16.93
N GLU H 25 -40.23 -8.88 17.29
CA GLU H 25 -41.10 -9.89 17.91
C GLU H 25 -41.36 -11.04 16.91
N THR H 26 -41.73 -10.68 15.68
CA THR H 26 -41.94 -11.69 14.64
C THR H 26 -40.66 -12.47 14.30
N LEU H 27 -39.53 -11.77 14.18
CA LEU H 27 -38.26 -12.41 13.85
C LEU H 27 -37.91 -13.48 14.87
N ARG H 28 -38.20 -13.22 16.14
CA ARG H 28 -37.95 -14.22 17.19
C ARG H 28 -38.96 -15.39 17.16
N GLU H 29 -40.18 -15.14 16.68
CA GLU H 29 -41.13 -16.22 16.42
C GLU H 29 -40.65 -17.10 15.24
N LEU H 30 -40.24 -16.46 14.16
CA LEU H 30 -39.83 -17.17 12.92
C LEU H 30 -38.41 -17.78 12.90
N ILE H 31 -37.56 -17.50 13.89
CA ILE H 31 -36.20 -18.05 13.92
C ILE H 31 -35.96 -18.72 15.27
N ALA H 32 -35.58 -19.99 15.28
CA ALA H 32 -35.26 -20.68 16.51
C ALA H 32 -34.05 -20.00 17.18
N PRO H 33 -34.04 -19.93 18.52
CA PRO H 33 -32.91 -19.32 19.24
C PRO H 33 -31.55 -19.95 18.95
N ASP H 34 -31.55 -21.26 18.81
CA ASP H 34 -30.34 -22.05 18.56
C ASP H 34 -30.20 -22.42 17.05
N ALA H 35 -30.83 -21.64 16.17
CA ALA H 35 -30.67 -21.83 14.74
C ALA H 35 -29.22 -21.57 14.36
N VAL H 36 -28.72 -22.30 13.36
CA VAL H 36 -27.35 -22.10 12.89
C VAL H 36 -27.37 -21.16 11.68
N ILE H 37 -26.81 -19.96 11.85
CA ILE H 37 -26.82 -18.95 10.79
C ILE H 37 -25.42 -18.78 10.17
N HIS H 38 -25.33 -19.14 8.89
CA HIS H 38 -24.09 -19.03 8.13
C HIS H 38 -24.15 -17.72 7.36
N LEU H 39 -23.56 -16.68 7.93
CA LEU H 39 -23.47 -15.40 7.27
C LEU H 39 -22.18 -15.39 6.48
N PRO H 40 -22.14 -14.57 5.42
CA PRO H 40 -20.90 -14.51 4.66
C PRO H 40 -19.78 -13.86 5.46
N GLY H 41 -18.55 -13.97 4.95
CA GLY H 41 -17.36 -13.45 5.62
C GLY H 41 -17.36 -11.96 5.87
N THR H 42 -18.04 -11.21 5.02
CA THR H 42 -18.25 -9.77 5.21
C THR H 42 -18.94 -9.45 6.55
N ALA H 43 -19.77 -10.37 7.04
CA ALA H 43 -20.44 -10.21 8.34
C ALA H 43 -19.60 -10.60 9.57
N GLY H 44 -18.36 -11.02 9.35
CA GLY H 44 -17.49 -11.41 10.45
C GLY H 44 -17.02 -10.22 11.25
N ASP H 45 -16.52 -10.50 12.45
CA ASP H 45 -15.88 -9.50 13.30
C ASP H 45 -14.76 -10.22 14.06
N ALA H 46 -14.16 -9.57 15.06
CA ALA H 46 -13.09 -10.17 15.86
C ALA H 46 -13.57 -11.38 16.66
N GLU H 47 -14.69 -11.25 17.34
CA GLU H 47 -15.24 -12.36 18.12
C GLU H 47 -15.70 -13.56 17.26
N HIS H 48 -16.09 -13.31 16.01
CA HIS H 48 -16.68 -14.34 15.11
C HIS H 48 -16.04 -14.29 13.72
N PRO H 49 -14.91 -15.02 13.53
CA PRO H 49 -14.21 -15.03 12.25
C PRO H 49 -15.08 -15.38 11.03
N PRO H 50 -14.71 -14.89 9.84
CA PRO H 50 -15.36 -15.30 8.60
C PRO H 50 -15.57 -16.80 8.50
N GLY H 51 -16.79 -17.22 8.20
CA GLY H 51 -17.13 -18.63 8.07
C GLY H 51 -17.52 -19.36 9.35
N THR H 52 -17.45 -18.72 10.51
CA THR H 52 -17.95 -19.33 11.75
C THR H 52 -19.42 -18.99 11.86
N PRO H 53 -20.25 -19.98 12.24
CA PRO H 53 -21.70 -19.71 12.29
C PRO H 53 -22.09 -18.87 13.50
N ARG H 54 -23.33 -18.40 13.49
CA ARG H 54 -23.88 -17.61 14.59
C ARG H 54 -25.26 -18.13 14.94
N ASP H 55 -25.72 -17.75 16.13
CA ASP H 55 -27.08 -18.07 16.59
C ASP H 55 -28.04 -16.95 16.18
N ARG H 56 -29.32 -17.09 16.50
CA ARG H 56 -30.30 -16.06 16.16
C ARG H 56 -29.91 -14.68 16.65
N GLU H 57 -29.54 -14.56 17.93
CA GLU H 57 -29.28 -13.24 18.51
C GLU H 57 -28.07 -12.57 17.89
N GLY H 58 -27.06 -13.38 17.54
CA GLY H 58 -25.92 -12.90 16.77
C GLY H 58 -26.31 -12.32 15.44
N TRP H 59 -27.17 -13.02 14.70
CA TRP H 59 -27.66 -12.55 13.41
C TRP H 59 -28.44 -11.25 13.56
N LEU H 60 -29.35 -11.23 14.51
CA LEU H 60 -30.15 -10.03 14.75
C LEU H 60 -29.28 -8.87 15.21
N GLY H 61 -28.24 -9.15 15.99
CA GLY H 61 -27.23 -8.15 16.35
C GLY H 61 -26.53 -7.53 15.15
N VAL H 62 -26.17 -8.37 14.17
CA VAL H 62 -25.56 -7.89 12.93
C VAL H 62 -26.57 -7.05 12.15
N TRP H 63 -27.80 -7.54 12.01
CA TRP H 63 -28.81 -6.78 11.33
C TRP H 63 -29.04 -5.42 12.00
N GLN H 64 -29.19 -5.38 13.33
CA GLN H 64 -29.38 -4.10 14.05
C GLN H 64 -28.26 -3.10 13.68
N PHE H 65 -27.03 -3.60 13.64
CA PHE H 65 -25.88 -2.74 13.39
C PHE H 65 -25.88 -2.19 11.94
N THR H 66 -26.24 -3.03 10.99
CA THR H 66 -26.45 -2.60 9.61
C THR H 66 -27.51 -1.53 9.47
N GLN H 67 -28.60 -1.61 10.22
CA GLN H 67 -29.66 -0.59 10.19
C GLN H 67 -29.16 0.81 10.54
N ALA H 68 -28.13 0.92 11.36
CA ALA H 68 -27.50 2.23 11.59
C ALA H 68 -26.87 2.91 10.33
N PHE H 69 -26.40 2.11 9.38
CA PHE H 69 -25.73 2.64 8.16
C PHE H 69 -26.60 2.65 6.92
N PHE H 70 -27.61 1.78 6.91
CA PHE H 70 -28.52 1.69 5.79
C PHE H 70 -29.95 1.65 6.35
N PRO H 71 -30.40 2.75 6.96
CA PRO H 71 -31.70 2.74 7.66
C PRO H 71 -32.90 2.55 6.75
N ASP H 72 -32.80 2.97 5.49
CA ASP H 72 -33.90 2.76 4.53
C ASP H 72 -33.79 1.45 3.74
N MET H 73 -32.88 0.56 4.12
CA MET H 73 -32.64 -0.66 3.34
C MET H 73 -33.81 -1.63 3.43
N THR H 74 -34.20 -2.17 2.28
CA THR H 74 -35.25 -3.18 2.19
C THR H 74 -34.81 -4.34 1.31
N ALA H 75 -35.04 -5.56 1.80
CA ALA H 75 -34.89 -6.77 0.99
C ALA H 75 -36.26 -7.18 0.43
N THR H 76 -36.31 -7.37 -0.89
CA THR H 76 -37.52 -7.81 -1.60
C THR H 76 -37.29 -9.17 -2.27
N VAL H 77 -38.13 -10.15 -1.96
CA VAL H 77 -38.01 -11.48 -2.55
C VAL H 77 -38.41 -11.44 -4.02
N GLN H 78 -37.54 -11.88 -4.92
CA GLN H 78 -37.81 -11.91 -6.37
C GLN H 78 -38.26 -13.28 -6.84
N ASP H 79 -37.60 -14.33 -6.36
CA ASP H 79 -37.94 -15.70 -6.70
C ASP H 79 -37.83 -16.52 -5.43
N ILE H 80 -38.60 -17.59 -5.35
CA ILE H 80 -38.65 -18.43 -4.17
C ILE H 80 -38.93 -19.83 -4.61
N VAL H 81 -38.31 -20.79 -3.96
CA VAL H 81 -38.25 -22.17 -4.42
C VAL H 81 -38.19 -23.05 -3.18
N GLN H 82 -39.05 -24.07 -3.11
CA GLN H 82 -39.11 -24.99 -1.97
C GLN H 82 -39.22 -26.46 -2.39
N THR H 83 -38.69 -27.29 -1.52
CA THR H 83 -38.84 -28.73 -1.58
C THR H 83 -38.66 -29.24 -0.16
N GLY H 84 -39.78 -29.62 0.48
CA GLY H 84 -39.74 -30.14 1.83
C GLY H 84 -39.50 -28.99 2.81
N ASP H 85 -38.59 -29.23 3.75
CA ASP H 85 -38.15 -28.23 4.71
C ASP H 85 -37.15 -27.17 4.17
N LEU H 86 -36.57 -27.37 2.97
CA LEU H 86 -35.64 -26.39 2.39
C LEU H 86 -36.36 -25.33 1.55
N VAL H 87 -35.99 -24.07 1.74
CA VAL H 87 -36.48 -22.95 0.91
C VAL H 87 -35.30 -22.12 0.47
N ALA H 88 -35.27 -21.74 -0.81
CA ALA H 88 -34.23 -20.90 -1.35
C ALA H 88 -34.86 -19.68 -1.91
N THR H 89 -34.22 -18.53 -1.75
CA THR H 89 -34.74 -17.27 -2.25
C THR H 89 -33.66 -16.49 -2.95
N ARG H 90 -34.09 -15.65 -3.88
CA ARG H 90 -33.27 -14.62 -4.45
C ARG H 90 -33.97 -13.34 -4.06
N CYS H 91 -33.24 -12.41 -3.44
CA CYS H 91 -33.79 -11.11 -3.08
C CYS H 91 -32.99 -10.01 -3.72
N VAL H 92 -33.53 -8.79 -3.63
CA VAL H 92 -32.83 -7.61 -4.04
C VAL H 92 -32.84 -6.64 -2.86
N ALA H 93 -31.66 -6.23 -2.42
CA ALA H 93 -31.56 -5.24 -1.37
C ALA H 93 -31.45 -3.87 -2.04
N ARG H 94 -32.38 -2.97 -1.72
CA ARG H 94 -32.34 -1.58 -2.19
C ARG H 94 -32.17 -0.67 -1.01
N GLY H 95 -31.39 0.38 -1.19
CA GLY H 95 -31.26 1.43 -0.18
C GLY H 95 -30.68 2.66 -0.83
N THR H 96 -30.35 3.64 0.00
CA THR H 96 -29.72 4.86 -0.51
C THR H 96 -28.44 5.20 0.23
N HIS H 97 -27.58 5.85 -0.50
CA HIS H 97 -26.20 6.08 -0.10
C HIS H 97 -26.16 7.41 0.68
N SER H 98 -26.50 7.32 1.97
CA SER H 98 -26.57 8.47 2.84
C SER H 98 -25.39 8.64 3.81
N ILE H 99 -24.52 7.64 3.95
CA ILE H 99 -23.38 7.72 4.86
C ILE H 99 -22.10 7.58 4.04
N GLU H 100 -21.08 8.37 4.38
CA GLU H 100 -19.76 8.29 3.70
C GLU H 100 -19.14 6.96 4.01
N PHE H 101 -18.59 6.30 2.97
CA PHE H 101 -17.75 5.07 3.16
C PHE H 101 -16.44 5.21 2.40
N MET H 102 -15.34 4.75 2.98
CA MET H 102 -14.02 4.79 2.34
C MET H 102 -13.69 6.19 1.76
N GLY H 103 -14.07 7.23 2.49
CA GLY H 103 -13.76 8.59 2.05
C GLY H 103 -14.56 9.15 0.88
N VAL H 104 -15.55 8.44 0.39
CA VAL H 104 -16.39 8.91 -0.70
C VAL H 104 -17.76 9.38 -0.12
N PRO H 105 -18.11 10.68 -0.34
CA PRO H 105 -19.26 11.23 0.34
C PRO H 105 -20.59 10.64 -0.11
N PRO H 106 -21.63 10.77 0.75
CA PRO H 106 -22.98 10.37 0.35
C PRO H 106 -23.43 11.05 -0.93
N THR H 107 -24.10 10.30 -1.78
CA THR H 107 -24.70 10.84 -3.00
C THR H 107 -26.23 10.95 -2.94
N GLY H 108 -26.89 10.20 -2.05
CA GLY H 108 -28.34 10.06 -2.09
C GLY H 108 -28.85 9.10 -3.18
N ARG H 109 -27.98 8.66 -4.09
CA ARG H 109 -28.35 7.73 -5.13
C ARG H 109 -28.84 6.39 -4.52
N PRO H 110 -29.77 5.72 -5.20
CA PRO H 110 -30.13 4.37 -4.87
C PRO H 110 -29.14 3.29 -5.25
N PHE H 111 -29.19 2.15 -4.56
CA PHE H 111 -28.39 0.98 -4.94
C PHE H 111 -29.21 -0.29 -4.79
N GLU H 112 -28.80 -1.33 -5.50
CA GLU H 112 -29.55 -2.52 -5.75
C GLU H 112 -28.56 -3.68 -5.78
N MET H 113 -28.63 -4.60 -4.81
CA MET H 113 -27.77 -5.79 -4.88
C MET H 113 -28.48 -7.10 -4.63
N THR H 114 -28.04 -8.15 -5.29
CA THR H 114 -28.60 -9.47 -5.14
C THR H 114 -28.20 -10.12 -3.82
N MET H 115 -29.16 -10.75 -3.15
CA MET H 115 -28.90 -11.68 -2.06
C MET H 115 -29.44 -13.03 -2.51
N LEU H 116 -28.68 -14.08 -2.28
CA LEU H 116 -29.18 -15.44 -2.40
C LEU H 116 -29.19 -16.06 -1.03
N ASN H 117 -30.25 -16.80 -0.71
CA ASN H 117 -30.41 -17.41 0.61
C ASN H 117 -30.95 -18.82 0.47
N MET H 118 -30.56 -19.68 1.41
CA MET H 118 -31.18 -20.98 1.56
C MET H 118 -31.42 -21.20 3.05
N SER H 119 -32.60 -21.72 3.39
CA SER H 119 -33.01 -21.87 4.80
C SER H 119 -33.68 -23.22 4.97
N ARG H 120 -33.40 -23.87 6.10
CA ARG H 120 -34.12 -25.06 6.55
C ARG H 120 -35.17 -24.64 7.58
N VAL H 121 -36.43 -24.98 7.35
CA VAL H 121 -37.55 -24.59 8.22
C VAL H 121 -38.23 -25.82 8.84
N ARG H 122 -38.18 -25.94 10.16
CA ARG H 122 -38.82 -27.03 10.93
C ARG H 122 -39.81 -26.46 11.94
N ASP H 123 -41.08 -26.89 11.82
CA ASP H 123 -42.18 -26.42 12.69
C ASP H 123 -42.40 -24.91 12.59
N GLY H 124 -42.37 -24.40 11.35
CA GLY H 124 -42.64 -22.97 11.09
C GLY H 124 -41.54 -21.98 11.50
N ARG H 125 -40.37 -22.50 11.85
CA ARG H 125 -39.23 -21.69 12.30
C ARG H 125 -37.95 -22.06 11.55
N ILE H 126 -37.16 -21.06 11.20
CA ILE H 126 -35.85 -21.27 10.60
C ILE H 126 -34.90 -21.87 11.63
N VAL H 127 -34.28 -23.00 11.29
CA VAL H 127 -33.27 -23.64 12.15
C VAL H 127 -31.85 -23.67 11.55
N GLU H 128 -31.75 -23.50 10.24
CA GLU H 128 -30.47 -23.26 9.58
C GLU H 128 -30.66 -22.29 8.42
N HIS H 129 -29.65 -21.47 8.17
CA HIS H 129 -29.77 -20.42 7.16
C HIS H 129 -28.40 -20.09 6.59
N TRP H 130 -28.32 -20.07 5.26
CA TRP H 130 -27.15 -19.60 4.54
C TRP H 130 -27.57 -18.37 3.75
N THR H 131 -26.72 -17.36 3.71
CA THR H 131 -26.97 -16.17 2.91
C THR H 131 -25.66 -15.57 2.39
N ILE H 132 -25.70 -15.05 1.17
CA ILE H 132 -24.57 -14.30 0.59
C ILE H 132 -25.15 -13.15 -0.22
N SER H 133 -24.48 -12.01 -0.14
CA SER H 133 -24.88 -10.82 -0.88
C SER H 133 -23.81 -10.47 -1.88
N ASP H 134 -24.20 -9.82 -2.96
CA ASP H 134 -23.25 -9.35 -3.95
C ASP H 134 -22.61 -8.03 -3.45
N ASN H 135 -21.67 -8.19 -2.53
CA ASN H 135 -21.06 -7.07 -1.85
C ASN H 135 -20.23 -6.19 -2.76
N VAL H 136 -19.56 -6.77 -3.74
CA VAL H 136 -18.68 -6.01 -4.63
C VAL H 136 -19.51 -5.07 -5.50
N THR H 137 -20.65 -5.54 -5.96
CA THR H 137 -21.57 -4.72 -6.72
C THR H 137 -22.11 -3.55 -5.87
N MET H 138 -22.41 -3.80 -4.59
CA MET H 138 -22.81 -2.72 -3.70
C MET H 138 -21.73 -1.66 -3.61
N LEU H 139 -20.49 -2.06 -3.38
CA LEU H 139 -19.38 -1.11 -3.31
C LEU H 139 -19.19 -0.36 -4.62
N ALA H 140 -19.33 -1.04 -5.76
CA ALA H 140 -19.26 -0.37 -7.06
C ALA H 140 -20.36 0.68 -7.19
N GLN H 141 -21.60 0.31 -6.86
CA GLN H 141 -22.70 1.28 -6.85
C GLN H 141 -22.44 2.50 -5.96
N LEU H 142 -21.84 2.31 -4.79
CA LEU H 142 -21.57 3.42 -3.89
C LEU H 142 -20.38 4.31 -4.36
N GLY H 143 -19.62 3.92 -5.39
CA GLY H 143 -18.14 4.08 -5.44
C GLY H 143 -17.49 5.18 -6.24
N VAL H 144 -17.79 5.26 -7.54
CA VAL H 144 -17.34 6.34 -8.46
C VAL H 144 -16.12 7.17 -8.00
N HIS I 6 -15.09 8.36 55.87
CA HIS I 6 -14.96 6.89 55.59
C HIS I 6 -13.72 6.60 54.74
N GLN I 7 -12.91 5.61 55.11
CA GLN I 7 -11.89 5.03 54.19
C GLN I 7 -12.59 4.61 52.88
N PRO I 8 -12.04 5.00 51.70
CA PRO I 8 -12.77 4.73 50.43
C PRO I 8 -13.24 3.29 50.17
N SER I 9 -12.50 2.29 50.64
CA SER I 9 -12.91 0.88 50.48
C SER I 9 -14.23 0.57 51.19
N ASP I 10 -14.50 1.27 52.30
CA ASP I 10 -15.76 1.11 53.06
C ASP I 10 -16.92 1.77 52.33
N THR I 11 -16.69 2.95 51.76
CA THR I 11 -17.69 3.61 50.90
C THR I 11 -18.21 2.66 49.82
N ILE I 12 -17.30 1.93 49.17
CA ILE I 12 -17.68 1.02 48.09
C ILE I 12 -18.33 -0.26 48.62
N ALA I 13 -17.84 -0.79 49.74
CA ALA I 13 -18.50 -1.95 50.36
C ALA I 13 -19.93 -1.58 50.81
N GLY I 14 -20.08 -0.38 51.37
CA GLY I 14 -21.38 0.14 51.77
C GLY I 14 -22.32 0.33 50.60
N LEU I 15 -21.80 0.87 49.51
CA LEU I 15 -22.55 1.07 48.26
C LEU I 15 -23.25 -0.21 47.79
N TYR I 16 -22.51 -1.31 47.74
CA TYR I 16 -23.08 -2.58 47.27
C TYR I 16 -24.00 -3.24 48.30
N GLU I 17 -23.70 -3.10 49.60
CA GLU I 17 -24.65 -3.52 50.65
C GLU I 17 -25.97 -2.76 50.51
N ALA I 18 -25.89 -1.46 50.18
CA ALA I 18 -27.08 -0.62 49.98
C ALA I 18 -27.88 -1.01 48.73
N PHE I 19 -27.20 -1.24 47.61
CA PHE I 19 -27.87 -1.74 46.41
C PHE I 19 -28.56 -3.08 46.66
N ASN I 20 -27.91 -3.98 47.40
CA ASN I 20 -28.48 -5.30 47.70
C ASN I 20 -29.73 -5.25 48.61
N SER I 21 -29.76 -4.32 49.56
CA SER I 21 -30.88 -4.19 50.50
C SER I 21 -31.96 -3.16 50.08
N GLY I 22 -31.77 -2.48 48.94
CA GLY I 22 -32.77 -1.52 48.47
C GLY I 22 -32.78 -0.19 49.19
N ASP I 23 -31.65 0.14 49.81
CA ASP I 23 -31.53 1.22 50.78
C ASP I 23 -31.19 2.57 50.12
N LEU I 24 -32.20 3.20 49.54
CA LEU I 24 -32.03 4.49 48.85
C LEU I 24 -31.49 5.64 49.72
N GLU I 25 -31.79 5.64 51.02
CA GLU I 25 -31.28 6.72 51.91
C GLU I 25 -29.75 6.64 51.97
N THR I 26 -29.20 5.45 52.19
CA THR I 26 -27.74 5.27 52.21
C THR I 26 -27.10 5.60 50.86
N LEU I 27 -27.71 5.14 49.76
CA LEU I 27 -27.15 5.38 48.43
C LEU I 27 -27.01 6.88 48.16
N ARG I 28 -27.97 7.67 48.62
CA ARG I 28 -27.88 9.13 48.46
C ARG I 28 -26.84 9.77 49.40
N GLU I 29 -26.59 9.16 50.56
CA GLU I 29 -25.46 9.57 51.41
C GLU I 29 -24.12 9.26 50.73
N LEU I 30 -23.98 8.05 50.21
CA LEU I 30 -22.71 7.58 49.61
C LEU I 30 -22.40 8.03 48.18
N ILE I 31 -23.33 8.68 47.48
CA ILE I 31 -23.09 9.15 46.11
C ILE I 31 -23.45 10.62 46.01
N ALA I 32 -22.51 11.45 45.56
CA ALA I 32 -22.79 12.87 45.36
C ALA I 32 -23.88 13.03 44.30
N PRO I 33 -24.77 14.04 44.47
CA PRO I 33 -25.83 14.27 43.48
C PRO I 33 -25.33 14.55 42.07
N ASP I 34 -24.21 15.27 41.99
CA ASP I 34 -23.60 15.66 40.72
C ASP I 34 -22.39 14.73 40.35
N ALA I 35 -22.38 13.52 40.90
CA ALA I 35 -21.38 12.52 40.54
C ALA I 35 -21.53 12.18 39.07
N VAL I 36 -20.41 11.90 38.40
CA VAL I 36 -20.44 11.52 36.98
C VAL I 36 -20.41 9.99 36.90
N ILE I 37 -21.51 9.40 36.42
CA ILE I 37 -21.63 7.94 36.36
C ILE I 37 -21.55 7.44 34.91
N HIS I 38 -20.49 6.69 34.62
CA HIS I 38 -20.26 6.13 33.31
C HIS I 38 -20.77 4.69 33.35
N LEU I 39 -22.01 4.51 32.89
CA LEU I 39 -22.59 3.19 32.78
C LEU I 39 -22.25 2.64 31.41
N PRO I 40 -22.21 1.31 31.28
CA PRO I 40 -21.94 0.75 29.97
C PRO I 40 -23.09 1.02 28.98
N GLY I 41 -22.84 0.78 27.70
CA GLY I 41 -23.81 1.00 26.64
C GLY I 41 -25.12 0.25 26.78
N THR I 42 -25.07 -0.92 27.40
CA THR I 42 -26.27 -1.69 27.72
C THR I 42 -27.26 -0.90 28.57
N ALA I 43 -26.78 0.02 29.40
CA ALA I 43 -27.63 0.90 30.23
C ALA I 43 -28.20 2.12 29.51
N GLY I 44 -27.90 2.28 28.23
CA GLY I 44 -28.36 3.46 27.48
C GLY I 44 -29.84 3.32 27.17
N ASP I 45 -30.45 4.44 26.80
CA ASP I 45 -31.82 4.50 26.32
C ASP I 45 -31.88 5.60 25.26
N ALA I 46 -33.09 5.97 24.82
CA ALA I 46 -33.27 7.03 23.83
C ALA I 46 -32.78 8.40 24.33
N GLU I 47 -33.19 8.77 25.53
CA GLU I 47 -32.77 10.05 26.11
C GLU I 47 -31.26 10.15 26.40
N HIS I 48 -30.60 9.01 26.65
CA HIS I 48 -29.18 8.95 27.08
C HIS I 48 -28.40 7.90 26.29
N PRO I 49 -27.86 8.27 25.11
CA PRO I 49 -27.12 7.34 24.26
C PRO I 49 -25.99 6.59 24.96
N PRO I 50 -25.66 5.37 24.48
CA PRO I 50 -24.51 4.62 24.98
C PRO I 50 -23.26 5.48 25.11
N GLY I 51 -22.64 5.44 26.30
CA GLY I 51 -21.42 6.20 26.55
C GLY I 51 -21.59 7.65 27.00
N THR I 52 -22.83 8.16 27.09
CA THR I 52 -23.06 9.47 27.68
C THR I 52 -23.23 9.27 29.19
N PRO I 53 -22.62 10.14 30.00
CA PRO I 53 -22.66 9.91 31.44
C PRO I 53 -24.01 10.28 32.05
N ARG I 54 -24.21 9.88 33.30
CA ARG I 54 -25.42 10.20 34.03
C ARG I 54 -25.06 10.72 35.40
N ASP I 55 -26.02 11.37 36.04
CA ASP I 55 -25.88 11.84 37.43
C ASP I 55 -26.37 10.76 38.39
N ARG I 56 -26.31 11.01 39.70
CA ARG I 56 -26.77 10.03 40.67
C ARG I 56 -28.20 9.55 40.42
N GLU I 57 -29.13 10.48 40.22
CA GLU I 57 -30.55 10.11 40.12
C GLU I 57 -30.81 9.29 38.86
N GLY I 58 -30.08 9.60 37.77
CA GLY I 58 -30.10 8.79 36.56
C GLY I 58 -29.68 7.36 36.81
N TRP I 59 -28.58 7.19 37.54
CA TRP I 59 -28.06 5.86 37.89
C TRP I 59 -29.07 5.10 38.74
N LEU I 60 -29.58 5.76 39.76
CA LEU I 60 -30.55 5.13 40.65
C LEU I 60 -31.83 4.79 39.91
N GLY I 61 -32.23 5.64 38.95
CA GLY I 61 -33.35 5.34 38.06
C GLY I 61 -33.15 4.05 37.26
N VAL I 62 -31.94 3.86 36.72
CA VAL I 62 -31.60 2.65 35.99
C VAL I 62 -31.62 1.44 36.94
N TRP I 63 -31.01 1.59 38.10
CA TRP I 63 -31.02 0.50 39.06
C TRP I 63 -32.46 0.12 39.46
N GLN I 64 -33.31 1.11 39.79
CA GLN I 64 -34.71 0.83 40.14
C GLN I 64 -35.39 -0.01 39.03
N PHE I 65 -35.14 0.35 37.78
CA PHE I 65 -35.77 -0.32 36.66
C PHE I 65 -35.30 -1.78 36.50
N THR I 66 -34.01 -2.01 36.70
CA THR I 66 -33.45 -3.35 36.74
C THR I 66 -34.05 -4.21 37.84
N GLN I 67 -34.32 -3.64 39.02
CA GLN I 67 -34.94 -4.39 40.11
C GLN I 67 -36.31 -4.97 39.75
N ALA I 68 -37.04 -4.33 38.85
CA ALA I 68 -38.29 -4.94 38.33
C ALA I 68 -38.12 -6.28 37.59
N PHE I 69 -36.98 -6.49 36.93
CA PHE I 69 -36.73 -7.73 36.14
C PHE I 69 -35.86 -8.75 36.83
N PHE I 70 -35.04 -8.28 37.78
CA PHE I 70 -34.17 -9.16 38.53
C PHE I 70 -34.28 -8.79 40.00
N PRO I 71 -35.45 -9.04 40.61
CA PRO I 71 -35.68 -8.58 41.98
C PRO I 71 -34.80 -9.25 43.03
N ASP I 72 -34.37 -10.50 42.77
CA ASP I 72 -33.46 -11.18 43.69
C ASP I 72 -31.98 -10.95 43.40
N MET I 73 -31.65 -10.04 42.50
CA MET I 73 -30.25 -9.82 42.11
C MET I 73 -29.42 -9.22 43.22
N THR I 74 -28.23 -9.77 43.43
CA THR I 74 -27.28 -9.27 44.40
C THR I 74 -25.89 -9.17 43.79
N ALA I 75 -25.21 -8.05 44.03
CA ALA I 75 -23.81 -7.87 43.68
C ALA I 75 -22.97 -8.14 44.93
N THR I 76 -21.98 -9.04 44.81
CA THR I 76 -21.05 -9.39 45.88
C THR I 76 -19.61 -9.04 45.50
N VAL I 77 -18.94 -8.24 46.32
CA VAL I 77 -17.55 -7.84 46.04
C VAL I 77 -16.63 -9.04 46.25
N GLN I 78 -15.84 -9.39 45.23
CA GLN I 78 -14.87 -10.50 45.30
C GLN I 78 -13.47 -10.02 45.62
N ASP I 79 -13.05 -8.95 44.96
CA ASP I 79 -11.72 -8.36 45.14
C ASP I 79 -11.90 -6.86 45.16
N ILE I 80 -11.00 -6.19 45.87
CA ILE I 80 -11.09 -4.75 46.05
C ILE I 80 -9.66 -4.23 46.15
N VAL I 81 -9.45 -3.06 45.58
CA VAL I 81 -8.12 -2.52 45.39
C VAL I 81 -8.25 -1.00 45.49
N GLN I 82 -7.40 -0.37 46.32
CA GLN I 82 -7.41 1.09 46.48
C GLN I 82 -6.02 1.70 46.48
N THR I 83 -5.97 2.93 45.96
CA THR I 83 -4.80 3.77 45.98
C THR I 83 -5.32 5.21 45.95
N GLY I 84 -5.25 5.87 47.11
CA GLY I 84 -5.72 7.24 47.25
C GLY I 84 -7.24 7.29 47.22
N ASP I 85 -7.77 8.22 46.44
CA ASP I 85 -9.21 8.35 46.22
C ASP I 85 -9.83 7.33 45.24
N LEU I 86 -9.02 6.58 44.49
CA LEU I 86 -9.54 5.57 43.55
C LEU I 86 -9.72 4.21 44.22
N VAL I 87 -10.87 3.57 43.96
CA VAL I 87 -11.13 2.19 44.39
C VAL I 87 -11.66 1.40 43.20
N ALA I 88 -11.13 0.20 43.02
CA ALA I 88 -11.56 -0.67 41.94
C ALA I 88 -12.05 -1.95 42.54
N THR I 89 -13.14 -2.49 42.01
CA THR I 89 -13.71 -3.72 42.53
C THR I 89 -14.02 -4.67 41.40
N ARG I 90 -14.01 -5.96 41.74
CA ARG I 90 -14.56 -7.00 40.92
C ARG I 90 -15.71 -7.56 41.74
N CYS I 91 -16.89 -7.62 41.15
CA CYS I 91 -18.05 -8.21 41.81
C CYS I 91 -18.60 -9.35 41.00
N VAL I 92 -19.52 -10.08 41.61
CA VAL I 92 -20.28 -11.11 40.94
C VAL I 92 -21.76 -10.80 41.16
N ALA I 93 -22.50 -10.64 40.07
CA ALA I 93 -23.92 -10.45 40.15
C ALA I 93 -24.58 -11.82 40.04
N ARG I 94 -25.36 -12.21 41.05
CA ARG I 94 -26.13 -13.45 41.03
C ARG I 94 -27.60 -13.12 41.08
N GLY I 95 -28.39 -13.89 40.35
CA GLY I 95 -29.84 -13.78 40.42
C GLY I 95 -30.45 -15.02 39.82
N THR I 96 -31.77 -15.01 39.66
CA THR I 96 -32.46 -16.13 39.04
C THR I 96 -33.35 -15.72 37.90
N HIS I 97 -33.52 -16.66 37.01
CA HIS I 97 -34.15 -16.41 35.71
C HIS I 97 -35.66 -16.67 35.88
N SER I 98 -36.34 -15.62 36.37
CA SER I 98 -37.78 -15.69 36.63
C SER I 98 -38.69 -15.03 35.62
N ILE I 99 -38.15 -14.24 34.69
CA ILE I 99 -38.95 -13.54 33.67
C ILE I 99 -38.51 -14.03 32.30
N GLU I 100 -39.45 -14.21 31.38
CA GLU I 100 -39.14 -14.60 29.99
C GLU I 100 -38.37 -13.49 29.34
N PHE I 101 -37.27 -13.83 28.63
CA PHE I 101 -36.55 -12.87 27.77
C PHE I 101 -36.30 -13.48 26.39
N MET I 102 -36.40 -12.70 25.32
CA MET I 102 -36.15 -13.17 23.96
C MET I 102 -36.88 -14.49 23.64
N GLY I 103 -38.11 -14.60 24.11
CA GLY I 103 -38.93 -15.78 23.84
C GLY I 103 -38.57 -17.07 24.55
N VAL I 104 -37.59 -17.04 25.46
CA VAL I 104 -37.20 -18.22 26.21
C VAL I 104 -37.79 -18.13 27.63
N PRO I 105 -38.61 -19.14 28.04
CA PRO I 105 -39.32 -19.02 29.30
C PRO I 105 -38.43 -19.06 30.54
N PRO I 106 -38.92 -18.55 31.67
CA PRO I 106 -38.18 -18.65 32.93
C PRO I 106 -37.82 -20.09 33.27
N THR I 107 -36.62 -20.29 33.76
CA THR I 107 -36.18 -21.60 34.23
C THR I 107 -36.08 -21.71 35.75
N GLY I 108 -35.96 -20.57 36.45
CA GLY I 108 -35.62 -20.60 37.87
C GLY I 108 -34.12 -20.86 38.15
N ARG I 109 -33.34 -21.22 37.14
CA ARG I 109 -31.92 -21.44 37.28
C ARG I 109 -31.21 -20.14 37.76
N PRO I 110 -30.13 -20.28 38.54
CA PRO I 110 -29.28 -19.18 38.85
C PRO I 110 -28.35 -18.72 37.73
N PHE I 111 -27.91 -17.46 37.81
CA PHE I 111 -26.89 -16.96 36.91
C PHE I 111 -25.89 -16.09 37.68
N GLU I 112 -24.70 -15.94 37.12
CA GLU I 112 -23.54 -15.43 37.77
C GLU I 112 -22.75 -14.65 36.71
N MET I 113 -22.62 -13.35 36.87
CA MET I 113 -21.78 -12.58 35.92
C MET I 113 -20.84 -11.61 36.59
N THR I 114 -19.66 -11.43 36.00
CA THR I 114 -18.67 -10.51 36.51
C THR I 114 -19.04 -9.07 36.23
N MET I 115 -18.84 -8.21 37.23
CA MET I 115 -18.86 -6.77 37.07
C MET I 115 -17.48 -6.29 37.46
N LEU I 116 -16.92 -5.37 36.69
CA LEU I 116 -15.74 -4.62 37.10
C LEU I 116 -16.15 -3.17 37.28
N ASN I 117 -15.63 -2.53 38.32
CA ASN I 117 -15.97 -1.13 38.63
C ASN I 117 -14.73 -0.38 39.06
N MET I 118 -14.72 0.92 38.78
CA MET I 118 -13.73 1.81 39.34
C MET I 118 -14.47 3.08 39.76
N SER I 119 -14.13 3.58 40.95
CA SER I 119 -14.84 4.74 41.53
C SER I 119 -13.83 5.68 42.15
N ARG I 120 -14.07 6.98 41.99
CA ARG I 120 -13.33 8.04 42.69
C ARG I 120 -14.17 8.49 43.88
N VAL I 121 -13.59 8.45 45.08
CA VAL I 121 -14.30 8.80 46.32
C VAL I 121 -13.66 10.01 47.01
N ARG I 122 -14.40 11.11 47.13
CA ARG I 122 -13.93 12.35 47.79
C ARG I 122 -14.88 12.69 48.95
N ASP I 123 -14.33 12.80 50.16
CA ASP I 123 -15.10 13.10 51.38
C ASP I 123 -16.17 12.05 51.68
N GLY I 124 -15.81 10.78 51.53
CA GLY I 124 -16.71 9.66 51.84
C GLY I 124 -17.86 9.41 50.87
N ARG I 125 -17.83 10.09 49.71
CA ARG I 125 -18.88 9.99 48.69
C ARG I 125 -18.28 9.73 47.31
N ILE I 126 -18.95 8.88 46.54
CA ILE I 126 -18.57 8.63 45.15
C ILE I 126 -18.87 9.87 44.31
N VAL I 127 -17.87 10.37 43.59
CA VAL I 127 -18.04 11.51 42.67
C VAL I 127 -17.82 11.17 41.18
N GLU I 128 -17.15 10.04 40.92
CA GLU I 128 -17.08 9.48 39.57
C GLU I 128 -17.09 7.96 39.66
N HIS I 129 -17.69 7.32 38.68
CA HIS I 129 -17.86 5.87 38.72
C HIS I 129 -17.91 5.31 37.30
N TRP I 130 -17.10 4.28 37.05
CA TRP I 130 -17.16 3.51 35.82
C TRP I 130 -17.56 2.09 36.20
N THR I 131 -18.41 1.47 35.41
CA THR I 131 -18.80 0.07 35.61
C THR I 131 -19.10 -0.61 34.28
N ILE I 132 -18.74 -1.89 34.17
CA ILE I 132 -19.12 -2.74 33.04
C ILE I 132 -19.43 -4.13 33.55
N SER I 133 -20.43 -4.77 32.98
CA SER I 133 -20.82 -6.12 33.34
C SER I 133 -20.63 -7.03 32.17
N ASP I 134 -20.41 -8.31 32.43
CA ASP I 134 -20.29 -9.30 31.37
C ASP I 134 -21.69 -9.71 30.87
N ASN I 135 -22.27 -8.83 30.06
CA ASN I 135 -23.64 -9.00 29.60
C ASN I 135 -23.87 -10.20 28.72
N VAL I 136 -22.91 -10.54 27.90
CA VAL I 136 -23.03 -11.65 26.95
C VAL I 136 -23.10 -12.98 27.70
N THR I 137 -22.29 -13.09 28.74
CA THR I 137 -22.33 -14.26 29.61
C THR I 137 -23.68 -14.39 30.32
N MET I 138 -24.26 -13.28 30.78
CA MET I 138 -25.59 -13.32 31.36
C MET I 138 -26.60 -13.87 30.37
N LEU I 139 -26.61 -13.35 29.15
CA LEU I 139 -27.52 -13.84 28.12
C LEU I 139 -27.30 -15.33 27.82
N ALA I 140 -26.04 -15.76 27.76
CA ALA I 140 -25.74 -17.17 27.56
C ALA I 140 -26.31 -18.02 28.70
N GLN I 141 -26.06 -17.60 29.94
CA GLN I 141 -26.64 -18.29 31.09
C GLN I 141 -28.16 -18.38 31.05
N LEU I 142 -28.85 -17.34 30.59
CA LEU I 142 -30.32 -17.37 30.52
C LEU I 142 -30.85 -18.24 29.38
N GLY I 143 -30.08 -19.15 28.79
CA GLY I 143 -30.64 -20.35 28.12
C GLY I 143 -29.94 -20.47 26.81
N VAL I 144 -29.50 -21.71 26.56
CA VAL I 144 -29.00 -22.17 25.24
C VAL I 144 -30.23 -22.16 24.31
N GLN J 7 7.82 -3.67 39.92
CA GLN J 7 6.52 -3.31 40.57
C GLN J 7 5.39 -3.79 39.64
N PRO J 8 4.33 -4.45 40.18
CA PRO J 8 3.18 -4.85 39.34
C PRO J 8 2.55 -3.79 38.43
N SER J 9 2.54 -2.51 38.84
CA SER J 9 1.99 -1.45 37.99
C SER J 9 2.78 -1.29 36.68
N ASP J 10 4.08 -1.58 36.71
CA ASP J 10 4.93 -1.52 35.50
C ASP J 10 4.67 -2.69 34.58
N THR J 11 4.49 -3.88 35.15
CA THR J 11 4.07 -5.06 34.35
C THR J 11 2.83 -4.75 33.50
N ILE J 12 1.85 -4.07 34.09
CA ILE J 12 0.60 -3.77 33.39
C ILE J 12 0.78 -2.60 32.40
N ALA J 13 1.57 -1.60 32.74
CA ALA J 13 1.88 -0.53 31.79
C ALA J 13 2.64 -1.10 30.57
N GLY J 14 3.58 -2.01 30.84
CA GLY J 14 4.33 -2.69 29.80
C GLY J 14 3.46 -3.55 28.90
N LEU J 15 2.52 -4.27 29.52
CA LEU J 15 1.55 -5.11 28.81
C LEU J 15 0.80 -4.34 27.73
N TYR J 16 0.28 -3.16 28.06
CA TYR J 16 -0.48 -2.37 27.09
C TYR J 16 0.41 -1.67 26.05
N GLU J 17 1.63 -1.25 26.45
CA GLU J 17 2.62 -0.78 25.46
C GLU J 17 2.95 -1.88 24.46
N ALA J 18 3.05 -3.12 24.93
CA ALA J 18 3.31 -4.28 24.07
C ALA J 18 2.16 -4.62 23.13
N PHE J 19 0.93 -4.62 23.64
CA PHE J 19 -0.26 -4.81 22.79
C PHE J 19 -0.34 -3.71 21.71
N ASN J 20 -0.03 -2.46 22.07
CA ASN J 20 -0.08 -1.36 21.11
C ASN J 20 0.97 -1.43 19.99
N SER J 21 2.16 -1.92 20.32
CA SER J 21 3.26 -2.04 19.35
C SER J 21 3.36 -3.40 18.64
N GLY J 22 2.49 -4.35 18.98
CA GLY J 22 2.47 -5.68 18.34
C GLY J 22 3.61 -6.58 18.78
N ASP J 23 4.13 -6.33 19.98
CA ASP J 23 5.38 -6.90 20.47
C ASP J 23 5.14 -8.23 21.21
N LEU J 24 4.97 -9.29 20.43
CA LEU J 24 4.71 -10.63 20.98
C LEU J 24 5.81 -11.19 21.90
N GLU J 25 7.07 -10.81 21.69
CA GLU J 25 8.16 -11.29 22.55
C GLU J 25 7.95 -10.78 23.98
N THR J 26 7.68 -9.48 24.13
CA THR J 26 7.41 -8.90 25.45
C THR J 26 6.15 -9.49 26.10
N LEU J 27 5.08 -9.65 25.32
CA LEU J 27 3.83 -10.19 25.86
C LEU J 27 4.03 -11.57 26.46
N ARG J 28 4.87 -12.38 25.82
CA ARG J 28 5.18 -13.71 26.36
C ARG J 28 6.10 -13.65 27.60
N GLU J 29 6.94 -12.62 27.71
CA GLU J 29 7.70 -12.37 28.94
C GLU J 29 6.76 -11.96 30.08
N LEU J 30 5.85 -11.02 29.80
CA LEU J 30 4.94 -10.46 30.82
C LEU J 30 3.71 -11.30 31.20
N ILE J 31 3.41 -12.39 30.48
CA ILE J 31 2.25 -13.23 30.80
C ILE J 31 2.70 -14.68 30.93
N ALA J 32 2.41 -15.30 32.07
CA ALA J 32 2.74 -16.72 32.24
C ALA J 32 1.97 -17.56 31.22
N PRO J 33 2.58 -18.63 30.69
CA PRO J 33 1.90 -19.50 29.71
C PRO J 33 0.61 -20.12 30.22
N ASP J 34 0.60 -20.48 31.50
CA ASP J 34 -0.56 -21.10 32.15
C ASP J 34 -1.37 -20.09 32.98
N ALA J 35 -1.27 -18.80 32.64
CA ALA J 35 -2.08 -17.76 33.29
C ALA J 35 -3.55 -18.01 32.98
N VAL J 36 -4.43 -17.70 33.91
CA VAL J 36 -5.86 -17.87 33.72
C VAL J 36 -6.46 -16.53 33.26
N ILE J 37 -6.93 -16.50 32.01
CA ILE J 37 -7.46 -15.27 31.41
C ILE J 37 -8.98 -15.33 31.28
N HIS J 38 -9.67 -14.47 32.01
CA HIS J 38 -11.12 -14.36 32.00
C HIS J 38 -11.48 -13.24 31.03
N LEU J 39 -11.78 -13.63 29.80
CA LEU J 39 -12.24 -12.70 28.78
C LEU J 39 -13.74 -12.64 28.87
N PRO J 40 -14.32 -11.51 28.46
CA PRO J 40 -15.78 -11.41 28.51
C PRO J 40 -16.44 -12.38 27.52
N GLY J 41 -17.75 -12.55 27.65
CA GLY J 41 -18.53 -13.45 26.82
C GLY J 41 -18.50 -13.14 25.34
N THR J 42 -18.33 -11.87 24.99
CA THR J 42 -18.13 -11.46 23.60
C THR J 42 -16.94 -12.16 22.94
N ALA J 43 -15.92 -12.51 23.72
CA ALA J 43 -14.74 -13.24 23.23
C ALA J 43 -14.92 -14.76 23.11
N GLY J 44 -16.10 -15.28 23.44
CA GLY J 44 -16.37 -16.70 23.32
C GLY J 44 -16.46 -17.17 21.91
N ASP J 45 -16.34 -18.48 21.74
CA ASP J 45 -16.50 -19.16 20.46
C ASP J 45 -17.05 -20.57 20.78
N ALA J 46 -17.11 -21.45 19.78
CA ALA J 46 -17.59 -22.81 20.00
C ALA J 46 -16.70 -23.61 20.96
N GLU J 47 -15.40 -23.58 20.73
CA GLU J 47 -14.45 -24.30 21.60
C GLU J 47 -14.41 -23.76 23.05
N HIS J 48 -14.71 -22.46 23.24
CA HIS J 48 -14.60 -21.78 24.54
C HIS J 48 -15.84 -20.95 24.87
N PRO J 49 -16.86 -21.59 25.48
CA PRO J 49 -18.11 -20.88 25.83
C PRO J 49 -17.91 -19.60 26.67
N PRO J 50 -18.83 -18.64 26.55
CA PRO J 50 -18.79 -17.44 27.39
C PRO J 50 -18.56 -17.75 28.86
N GLY J 51 -17.58 -17.08 29.47
CA GLY J 51 -17.26 -17.28 30.88
C GLY J 51 -16.28 -18.40 31.20
N THR J 52 -15.85 -19.18 30.21
CA THR J 52 -14.79 -20.18 30.45
C THR J 52 -13.45 -19.48 30.24
N PRO J 53 -12.47 -19.74 31.12
CA PRO J 53 -11.20 -19.07 31.00
C PRO J 53 -10.34 -19.59 29.84
N ARG J 54 -9.28 -18.86 29.54
CA ARG J 54 -8.32 -19.22 28.51
C ARG J 54 -6.91 -19.06 29.05
N ASP J 55 -5.96 -19.69 28.36
CA ASP J 55 -4.53 -19.56 28.68
C ASP J 55 -3.94 -18.38 27.90
N ARG J 56 -2.64 -18.11 28.08
CA ARG J 56 -2.00 -17.01 27.38
C ARG J 56 -2.18 -17.07 25.87
N GLU J 57 -1.90 -18.22 25.27
CA GLU J 57 -1.90 -18.33 23.81
C GLU J 57 -3.31 -18.14 23.24
N GLY J 58 -4.33 -18.61 23.98
CA GLY J 58 -5.72 -18.33 23.64
C GLY J 58 -6.03 -16.85 23.61
N TRP J 59 -5.59 -16.13 24.63
CA TRP J 59 -5.77 -14.68 24.72
C TRP J 59 -5.08 -13.97 23.56
N LEU J 60 -3.81 -14.32 23.33
CA LEU J 60 -3.06 -13.71 22.26
C LEU J 60 -3.66 -14.04 20.91
N GLY J 61 -4.21 -15.25 20.75
CA GLY J 61 -4.97 -15.62 19.55
C GLY J 61 -6.17 -14.71 19.30
N VAL J 62 -6.91 -14.40 20.35
CA VAL J 62 -8.05 -13.48 20.26
C VAL J 62 -7.56 -12.08 19.91
N TRP J 63 -6.52 -11.61 20.60
CA TRP J 63 -5.96 -10.30 20.27
C TRP J 63 -5.50 -10.23 18.82
N GLN J 64 -4.75 -11.23 18.34
CA GLN J 64 -4.28 -11.25 16.94
C GLN J 64 -5.48 -11.08 15.97
N PHE J 65 -6.57 -11.77 16.27
CA PHE J 65 -7.74 -11.75 15.42
C PHE J 65 -8.45 -10.39 15.39
N THR J 66 -8.54 -9.75 16.55
CA THR J 66 -9.00 -8.37 16.66
C THR J 66 -8.17 -7.38 15.85
N GLN J 67 -6.85 -7.55 15.84
CA GLN J 67 -5.96 -6.66 15.05
C GLN J 67 -6.27 -6.69 13.55
N ALA J 68 -6.79 -7.80 13.05
CA ALA J 68 -7.26 -7.85 11.65
C ALA J 68 -8.42 -6.87 11.32
N PHE J 69 -9.28 -6.55 12.29
CA PHE J 69 -10.44 -5.67 12.07
C PHE J 69 -10.23 -4.25 12.55
N PHE J 70 -9.33 -4.08 13.52
CA PHE J 70 -9.03 -2.78 14.08
C PHE J 70 -7.52 -2.63 14.16
N PRO J 71 -6.84 -2.56 13.01
CA PRO J 71 -5.37 -2.58 13.01
C PRO J 71 -4.73 -1.35 13.65
N ASP J 72 -5.41 -0.21 13.64
CA ASP J 72 -4.93 1.01 14.27
C ASP J 72 -5.36 1.17 15.74
N MET J 73 -5.95 0.11 16.34
CA MET J 73 -6.49 0.25 17.69
C MET J 73 -5.38 0.33 18.71
N THR J 74 -5.53 1.25 19.67
CA THR J 74 -4.59 1.40 20.78
C THR J 74 -5.35 1.52 22.09
N ALA J 75 -4.90 0.77 23.09
CA ALA J 75 -5.37 0.89 24.46
C ALA J 75 -4.42 1.79 25.25
N THR J 76 -4.97 2.82 25.90
CA THR J 76 -4.24 3.78 26.73
C THR J 76 -4.72 3.72 28.18
N VAL J 77 -3.81 3.48 29.11
CA VAL J 77 -4.16 3.40 30.53
C VAL J 77 -4.50 4.80 31.04
N GLN J 78 -5.69 4.98 31.63
CA GLN J 78 -6.14 6.27 32.18
C GLN J 78 -5.92 6.34 33.68
N ASP J 79 -6.25 5.27 34.39
CA ASP J 79 -6.07 5.19 35.84
C ASP J 79 -5.54 3.81 36.14
N ILE J 80 -4.74 3.73 37.20
CA ILE J 80 -4.11 2.47 37.58
C ILE J 80 -4.03 2.46 39.11
N VAL J 81 -4.26 1.30 39.67
CA VAL J 81 -4.49 1.16 41.10
C VAL J 81 -3.93 -0.20 41.50
N GLN J 82 -3.07 -0.22 42.53
CA GLN J 82 -2.48 -1.48 43.01
C GLN J 82 -2.48 -1.62 44.53
N THR J 83 -2.61 -2.87 44.95
CA THR J 83 -2.53 -3.26 46.33
C THR J 83 -2.01 -4.70 46.33
N GLY J 84 -0.74 -4.85 46.68
CA GLY J 84 -0.08 -6.14 46.65
C GLY J 84 0.16 -6.63 45.25
N ASP J 85 -0.17 -7.89 45.01
CA ASP J 85 -0.10 -8.50 43.67
C ASP J 85 -1.26 -8.15 42.72
N LEU J 86 -2.35 -7.53 43.22
CA LEU J 86 -3.46 -7.11 42.35
C LEU J 86 -3.25 -5.71 41.76
N VAL J 87 -3.52 -5.56 40.46
CA VAL J 87 -3.51 -4.26 39.78
C VAL J 87 -4.80 -4.13 38.97
N ALA J 88 -5.44 -2.97 39.07
CA ALA J 88 -6.66 -2.71 38.32
C ALA J 88 -6.40 -1.51 37.46
N THR J 89 -6.91 -1.55 36.23
CA THR J 89 -6.72 -0.44 35.31
C THR J 89 -8.03 -0.07 34.65
N ARG J 90 -8.12 1.19 34.27
CA ARG J 90 -9.14 1.67 33.37
C ARG J 90 -8.37 2.12 32.14
N CYS J 91 -8.74 1.63 30.98
CA CYS J 91 -8.12 2.06 29.72
C CYS J 91 -9.16 2.63 28.80
N VAL J 92 -8.69 3.25 27.73
CA VAL J 92 -9.53 3.72 26.66
C VAL J 92 -8.97 3.14 25.36
N ALA J 93 -9.79 2.38 24.65
CA ALA J 93 -9.43 1.86 23.34
C ALA J 93 -9.90 2.88 22.31
N ARG J 94 -8.98 3.39 21.50
CA ARG J 94 -9.31 4.27 20.38
C ARG J 94 -8.89 3.60 19.09
N GLY J 95 -9.67 3.80 18.04
CA GLY J 95 -9.37 3.21 16.76
C GLY J 95 -10.39 3.69 15.77
N THR J 96 -10.33 3.12 14.57
CA THR J 96 -11.28 3.50 13.54
C THR J 96 -11.93 2.29 12.93
N HIS J 97 -13.07 2.56 12.29
CA HIS J 97 -13.75 1.64 11.43
C HIS J 97 -13.15 1.62 10.02
N SER J 98 -12.01 0.97 9.88
CA SER J 98 -11.22 0.97 8.64
C SER J 98 -11.28 -0.35 7.83
N ILE J 99 -11.79 -1.41 8.45
CA ILE J 99 -11.99 -2.71 7.83
C ILE J 99 -13.47 -3.04 7.89
N GLU J 100 -14.03 -3.67 6.85
CA GLU J 100 -15.42 -4.08 6.85
C GLU J 100 -15.69 -5.12 7.95
N PHE J 101 -16.75 -4.96 8.71
CA PHE J 101 -17.14 -5.93 9.71
C PHE J 101 -18.62 -5.83 10.02
N MET J 102 -19.20 -6.96 10.41
CA MET J 102 -20.68 -7.12 10.50
C MET J 102 -21.39 -6.61 9.25
N GLY J 103 -20.81 -6.83 8.08
CA GLY J 103 -21.41 -6.43 6.81
C GLY J 103 -21.46 -4.95 6.49
N VAL J 104 -20.86 -4.10 7.32
CA VAL J 104 -20.83 -2.67 7.06
C VAL J 104 -19.46 -2.27 6.52
N PRO J 105 -19.40 -1.67 5.30
CA PRO J 105 -18.10 -1.21 4.79
C PRO J 105 -17.47 -0.08 5.58
N PRO J 106 -16.13 0.07 5.54
CA PRO J 106 -15.45 1.01 6.42
C PRO J 106 -15.95 2.42 6.23
N THR J 107 -16.10 3.14 7.33
CA THR J 107 -16.48 4.55 7.30
C THR J 107 -15.32 5.49 7.66
N GLY J 108 -14.27 4.99 8.28
CA GLY J 108 -13.24 5.84 8.87
C GLY J 108 -13.61 6.45 10.20
N ARG J 109 -14.88 6.32 10.62
CA ARG J 109 -15.33 6.91 11.89
C ARG J 109 -14.52 6.43 13.09
N PRO J 110 -14.28 7.33 14.07
CA PRO J 110 -13.44 6.90 15.21
C PRO J 110 -14.34 6.26 16.29
N PHE J 111 -13.72 5.51 17.20
CA PHE J 111 -14.38 5.08 18.43
C PHE J 111 -13.46 5.21 19.61
N GLU J 112 -14.06 5.32 20.79
CA GLU J 112 -13.34 5.55 22.05
C GLU J 112 -14.13 4.78 23.09
N MET J 113 -13.62 3.66 23.58
CA MET J 113 -14.40 2.82 24.52
C MET J 113 -13.61 2.40 25.75
N THR J 114 -14.32 2.35 26.87
CA THR J 114 -13.72 2.00 28.13
C THR J 114 -13.44 0.50 28.21
N MET J 115 -12.25 0.18 28.73
CA MET J 115 -11.91 -1.18 29.15
C MET J 115 -11.62 -1.09 30.63
N LEU J 116 -12.15 -2.01 31.41
CA LEU J 116 -11.76 -2.17 32.80
C LEU J 116 -11.07 -3.51 32.92
N ASN J 117 -9.96 -3.55 33.67
CA ASN J 117 -9.17 -4.77 33.82
C ASN J 117 -8.74 -4.92 35.26
N MET J 118 -8.58 -6.17 35.69
CA MET J 118 -7.92 -6.49 36.93
C MET J 118 -6.99 -7.66 36.67
N SER J 119 -5.78 -7.59 37.22
CA SER J 119 -4.74 -8.60 36.96
C SER J 119 -4.03 -8.94 38.25
N ARG J 120 -3.71 -10.21 38.45
CA ARG J 120 -2.83 -10.67 39.52
C ARG J 120 -1.42 -10.88 38.92
N VAL J 121 -0.42 -10.25 39.51
CA VAL J 121 0.97 -10.33 39.02
C VAL J 121 1.90 -10.99 40.06
N ARG J 122 2.49 -12.14 39.72
CA ARG J 122 3.45 -12.85 40.58
C ARG J 122 4.78 -13.00 39.84
N ASP J 123 5.86 -12.51 40.45
CA ASP J 123 7.22 -12.58 39.89
C ASP J 123 7.33 -11.85 38.54
N GLY J 124 6.71 -10.66 38.46
CA GLY J 124 6.77 -9.81 37.26
C GLY J 124 5.97 -10.27 36.06
N ARG J 125 5.11 -11.27 36.25
CA ARG J 125 4.30 -11.86 35.18
C ARG J 125 2.83 -11.95 35.61
N ILE J 126 1.93 -11.66 34.66
CA ILE J 126 0.50 -11.82 34.87
C ILE J 126 0.17 -13.32 34.95
N VAL J 127 -0.49 -13.73 36.04
CA VAL J 127 -0.95 -15.12 36.21
C VAL J 127 -2.47 -15.28 36.24
N GLU J 128 -3.20 -14.19 36.49
CA GLU J 128 -4.65 -14.15 36.33
C GLU J 128 -5.06 -12.77 35.82
N HIS J 129 -6.10 -12.73 35.01
CA HIS J 129 -6.52 -11.48 34.37
C HIS J 129 -8.00 -11.52 34.07
N TRP J 130 -8.70 -10.45 34.46
CA TRP J 130 -10.10 -10.23 34.10
C TRP J 130 -10.14 -8.97 33.27
N THR J 131 -10.96 -8.96 32.22
CA THR J 131 -11.13 -7.76 31.39
C THR J 131 -12.52 -7.73 30.78
N ILE J 132 -13.10 -6.52 30.68
CA ILE J 132 -14.34 -6.29 29.94
C ILE J 132 -14.22 -4.97 29.20
N SER J 133 -14.75 -4.91 27.99
CA SER J 133 -14.78 -3.66 27.23
C SER J 133 -16.21 -3.25 27.02
N ASP J 134 -16.45 -1.95 26.91
CA ASP J 134 -17.79 -1.45 26.64
C ASP J 134 -18.11 -1.55 25.15
N ASN J 135 -18.38 -2.76 24.71
CA ASN J 135 -18.52 -3.06 23.28
C ASN J 135 -19.74 -2.37 22.66
N VAL J 136 -20.83 -2.26 23.42
CA VAL J 136 -22.06 -1.70 22.92
C VAL J 136 -21.89 -0.21 22.62
N THR J 137 -21.17 0.48 23.50
CA THR J 137 -20.83 1.87 23.28
C THR J 137 -19.97 2.06 22.03
N MET J 138 -19.02 1.17 21.79
CA MET J 138 -18.24 1.23 20.55
C MET J 138 -19.13 1.14 19.33
N LEU J 139 -20.03 0.15 19.32
CA LEU J 139 -20.96 -0.01 18.20
C LEU J 139 -21.86 1.22 18.04
N ALA J 140 -22.33 1.79 19.14
CA ALA J 140 -23.13 3.02 19.09
C ALA J 140 -22.33 4.16 18.49
N GLN J 141 -21.11 4.36 18.95
CA GLN J 141 -20.22 5.38 18.35
C GLN J 141 -20.02 5.18 16.86
N LEU J 142 -19.88 3.95 16.38
CA LEU J 142 -19.70 3.70 14.95
C LEU J 142 -20.95 3.94 14.11
N GLY J 143 -22.14 4.05 14.72
CA GLY J 143 -23.36 4.57 14.03
C GLY J 143 -23.73 6.06 14.29
N VAL J 144 -22.74 6.97 14.10
CA VAL J 144 -22.74 8.46 14.32
C VAL J 144 -22.95 8.99 15.78
#